data_7UP9
#
_entry.id   7UP9
#
_cell.length_a   1.00
_cell.length_b   1.00
_cell.length_c   1.00
_cell.angle_alpha   90.00
_cell.angle_beta   90.00
_cell.angle_gamma   90.00
#
_symmetry.space_group_name_H-M   'P 1'
#
loop_
_entity.id
_entity.type
_entity.pdbx_description
1 polymer 'Fusion glycoprotein F0'
2 polymer 'Fab 2D3 heavy chain'
3 polymer 'Fab 2D3 light chain'
4 branched 2-acetamido-2-deoxy-beta-D-glucopyranose-(1-4)-2-acetamido-2-deoxy-beta-D-glucopyranose-(1-4)-2-acetamido-2-deoxy-beta-D-glucopyranose
5 non-polymer 2-acetamido-2-deoxy-beta-D-glucopyranose
#
loop_
_entity_poly.entity_id
_entity_poly.type
_entity_poly.pdbx_seq_one_letter_code
_entity_poly.pdbx_strand_id
1 'polypeptide(L)'
;MVVILDKRCYCNLLILILMISECSVGILHYEKLSKIGLVKGVTRKYKIKSNPLTKDIVIKMIPNVSNMSQCTGSVMENYK
TRLNGILTPIKGALEIYKNNTHDCVGDVRLAGVCMAGVAIGIATAAQITAGVALYEAMKNADNINKLKSSIESTNEAVVK
LQETAEKTVYVFTALQDYINTNLVPTIDKIPCKQTELSLDLALSKYLSDLLFVFGPNLQDPVSNSMTIQAISQAFGGNYE
TLLRTLGYATEDFDDLLESDSITGQIIYVDLSSYYIIVRVYFPILTEIQQAYIQELLPVSFNNDNSEWISIVPNFILVRN
TLISNIEIGFCLITKRSVICNQDYATPMTNNMRECLTGSTEKCPRELVVSSHVPRFALSNGVLFANCISVTCQCQTTGRA
ISQSGEQTLLMIDNTTCPTAVLGNVIISLGKYLGSVNYNSEGIAIGPPVFTDKVDISSQISSMNQSLQQSKDYIK
;
A,D,G
2 'polypeptide(L)'
;MEFGLSWIFLAAILKGVQCQVQLKQSGPGLVAPSQSLSITCTVSGFSLTSYALSWVRQPPGKGLEWLGVIWVGGVTNYNS
ALKSRLTISKDNSKSQVFLKMNSLQSEDTARYYCASRHLSTGAMDYWGQGTSVTVSA
;
H
3 'polypeptide(L)'
;MEFGLSWIFLAAILKGVQCDVLMTQSPLSLPVSLGDQASISCRSSQSIVHSNGDTYFEWYLQKPGQSPKLLIYKVSNRFS
GVPNRFSGSGSGTDFTLKISRVEAEDLGVYYCFQGSYVPYTFGGGTKLEIK
;
L
#
# COMPACT_ATOMS: atom_id res chain seq x y z
N ILE A 27 17.99 7.58 -39.79
CA ILE A 27 18.37 6.75 -40.93
C ILE A 27 18.38 5.27 -40.54
N LEU A 28 17.35 4.85 -39.83
CA LEU A 28 17.22 3.44 -39.46
C LEU A 28 17.00 2.59 -40.70
N HIS A 29 17.65 1.44 -40.74
CA HIS A 29 17.57 0.52 -41.88
C HIS A 29 16.49 -0.51 -41.58
N TYR A 30 15.25 -0.16 -41.94
CA TYR A 30 14.12 -1.04 -41.65
C TYR A 30 14.20 -2.34 -42.46
N GLU A 31 14.82 -2.31 -43.63
CA GLU A 31 14.93 -3.49 -44.48
C GLU A 31 15.65 -4.61 -43.74
N LYS A 32 16.82 -4.32 -43.16
CA LYS A 32 17.56 -5.34 -42.45
C LYS A 32 16.95 -5.61 -41.08
N LEU A 33 16.36 -4.60 -40.44
CA LEU A 33 15.78 -4.79 -39.11
C LEU A 33 14.58 -5.73 -39.16
N SER A 34 13.83 -5.71 -40.27
CA SER A 34 12.66 -6.57 -40.38
C SER A 34 13.03 -8.04 -40.39
N LYS A 35 14.20 -8.39 -40.92
CA LYS A 35 14.60 -9.79 -40.99
C LYS A 35 15.02 -10.33 -39.62
N ILE A 36 15.33 -9.44 -38.68
CA ILE A 36 15.69 -9.83 -37.32
C ILE A 36 14.40 -9.88 -36.50
N GLY A 37 13.31 -9.42 -37.09
CA GLY A 37 12.03 -9.43 -36.41
C GLY A 37 11.62 -8.11 -35.82
N LEU A 38 12.25 -7.01 -36.22
CA LEU A 38 11.93 -5.68 -35.70
C LEU A 38 11.09 -4.97 -36.75
N VAL A 39 9.79 -5.25 -36.74
CA VAL A 39 8.86 -4.66 -37.69
C VAL A 39 8.49 -3.27 -37.21
N LYS A 40 8.60 -2.28 -38.10
CA LYS A 40 8.38 -0.89 -37.71
C LYS A 40 6.90 -0.64 -37.45
N GLY A 41 6.63 0.21 -36.46
CA GLY A 41 5.28 0.56 -36.08
C GLY A 41 4.89 1.95 -36.52
N VAL A 42 4.14 2.63 -35.65
CA VAL A 42 3.66 3.98 -35.96
C VAL A 42 4.70 5.00 -35.50
N THR A 43 4.66 6.17 -36.12
CA THR A 43 5.53 7.28 -35.78
C THR A 43 4.75 8.30 -34.96
N ARG A 44 5.37 8.81 -33.90
CA ARG A 44 4.71 9.71 -32.96
C ARG A 44 5.52 10.99 -32.81
N LYS A 45 4.84 12.05 -32.39
CA LYS A 45 5.48 13.33 -32.15
C LYS A 45 5.91 13.45 -30.69
N TYR A 46 6.77 14.42 -30.42
CA TYR A 46 7.35 14.64 -29.11
C TYR A 46 6.98 16.04 -28.63
N LYS A 47 6.40 16.13 -27.43
CA LYS A 47 5.98 17.41 -26.89
C LYS A 47 6.14 17.43 -25.38
N ILE A 48 6.54 18.59 -24.84
CA ILE A 48 6.81 18.77 -23.43
C ILE A 48 6.07 20.00 -22.94
N LYS A 49 5.71 19.99 -21.66
CA LYS A 49 4.97 21.10 -21.06
C LYS A 49 5.84 22.34 -20.94
N SER A 50 5.19 23.51 -20.95
CA SER A 50 5.88 24.78 -20.80
C SER A 50 4.85 25.88 -20.54
N ASN A 51 5.36 27.04 -20.12
CA ASN A 51 4.56 28.26 -19.96
C ASN A 51 3.32 28.06 -19.09
N PRO A 52 3.49 27.91 -17.77
CA PRO A 52 2.33 27.67 -16.89
C PRO A 52 1.65 28.97 -16.48
N LEU A 53 0.34 28.90 -16.28
CA LEU A 53 -0.42 29.97 -15.64
C LEU A 53 -0.79 29.56 -14.22
N THR A 54 -1.09 30.56 -13.39
CA THR A 54 -1.22 30.33 -11.96
C THR A 54 -2.59 30.78 -11.45
N LYS A 55 -3.11 30.01 -10.49
CA LYS A 55 -4.32 30.36 -9.76
C LYS A 55 -4.18 29.90 -8.31
N ASP A 56 -4.89 30.59 -7.41
CA ASP A 56 -4.79 30.33 -5.98
C ASP A 56 -6.12 29.83 -5.44
N ILE A 57 -6.06 28.79 -4.61
CA ILE A 57 -7.23 28.22 -3.97
C ILE A 57 -6.96 28.07 -2.49
N VAL A 58 -8.03 27.98 -1.70
CA VAL A 58 -7.96 27.78 -0.26
C VAL A 58 -8.67 26.49 0.08
N ILE A 59 -8.02 25.64 0.88
CA ILE A 59 -8.59 24.38 1.32
C ILE A 59 -8.68 24.39 2.83
N LYS A 60 -9.90 24.37 3.35
CA LYS A 60 -10.11 24.23 4.79
C LYS A 60 -10.05 22.75 5.18
N MET A 61 -9.22 22.44 6.17
CA MET A 61 -8.99 21.07 6.58
C MET A 61 -9.79 20.68 7.82
N ILE A 62 -10.73 21.53 8.24
CA ILE A 62 -11.61 21.23 9.37
C ILE A 62 -13.03 21.65 8.99
N PRO A 63 -14.04 20.82 9.24
CA PRO A 63 -15.41 21.19 8.86
C PRO A 63 -16.07 22.09 9.89
N ASN A 64 -17.24 22.61 9.50
CA ASN A 64 -18.04 23.47 10.35
C ASN A 64 -19.17 22.65 10.97
N VAL A 65 -19.20 22.57 12.29
CA VAL A 65 -20.15 21.75 13.02
C VAL A 65 -21.06 22.60 13.89
N SER A 66 -21.36 23.83 13.47
CA SER A 66 -22.19 24.71 14.29
C SER A 66 -23.61 24.18 14.43
N ASN A 67 -24.18 23.64 13.36
CA ASN A 67 -25.55 23.15 13.40
C ASN A 67 -25.71 21.84 14.16
N MET A 68 -24.61 21.19 14.52
CA MET A 68 -24.66 19.96 15.31
C MET A 68 -23.80 20.06 16.56
N SER A 69 -23.63 21.27 17.10
CA SER A 69 -22.73 21.46 18.23
C SER A 69 -23.26 20.82 19.51
N GLN A 70 -24.55 20.49 19.56
CA GLN A 70 -25.11 19.91 20.77
C GLN A 70 -24.68 18.46 20.98
N CYS A 71 -24.05 17.82 19.98
CA CYS A 71 -23.67 16.42 20.13
C CYS A 71 -22.27 16.15 19.57
N THR A 72 -21.39 17.15 19.58
CA THR A 72 -20.03 16.96 19.11
C THR A 72 -19.12 16.35 20.15
N GLY A 73 -19.52 16.33 21.42
CA GLY A 73 -18.68 15.77 22.46
C GLY A 73 -17.37 16.53 22.58
N SER A 74 -16.27 15.79 22.63
CA SER A 74 -14.93 16.36 22.70
C SER A 74 -14.03 15.89 21.56
N VAL A 75 -14.61 15.41 20.46
CA VAL A 75 -13.80 14.87 19.37
C VAL A 75 -13.06 15.99 18.63
N MET A 76 -13.64 17.19 18.57
CA MET A 76 -13.06 18.28 17.78
C MET A 76 -11.74 18.75 18.36
N GLU A 77 -11.61 18.82 19.69
CA GLU A 77 -10.35 19.22 20.30
C GLU A 77 -9.25 18.22 20.02
N ASN A 78 -9.54 16.91 20.11
CA ASN A 78 -8.55 15.90 19.78
C ASN A 78 -8.15 15.99 18.31
N TYR A 79 -9.13 16.19 17.43
CA TYR A 79 -8.83 16.34 16.01
C TYR A 79 -7.93 17.54 15.76
N LYS A 80 -8.22 18.66 16.42
CA LYS A 80 -7.39 19.86 16.26
C LYS A 80 -5.98 19.61 16.77
N THR A 81 -5.85 18.91 17.91
CA THR A 81 -4.53 18.62 18.45
C THR A 81 -3.72 17.75 17.49
N ARG A 82 -4.35 16.74 16.89
CA ARG A 82 -3.66 15.91 15.92
C ARG A 82 -3.28 16.69 14.67
N LEU A 83 -4.21 17.51 14.16
CA LEU A 83 -3.97 18.23 12.92
C LEU A 83 -2.87 19.28 13.08
N ASN A 84 -2.81 19.93 14.24
CA ASN A 84 -1.76 20.91 14.49
C ASN A 84 -0.39 20.25 14.47
N GLY A 85 -0.26 19.07 15.10
CA GLY A 85 0.98 18.35 15.06
C GLY A 85 1.35 17.88 13.68
N ILE A 86 0.35 17.50 12.87
CA ILE A 86 0.63 17.13 11.48
C ILE A 86 1.12 18.32 10.67
N LEU A 87 0.50 19.49 10.87
CA LEU A 87 0.77 20.63 10.00
C LEU A 87 1.95 21.48 10.45
N THR A 88 2.41 21.32 11.69
CA THR A 88 3.52 22.14 12.16
C THR A 88 4.82 21.95 11.36
N PRO A 89 5.27 20.74 11.03
CA PRO A 89 6.52 20.63 10.24
C PRO A 89 6.46 21.32 8.90
N ILE A 90 5.30 21.32 8.23
CA ILE A 90 5.18 21.97 6.93
C ILE A 90 5.43 23.47 7.07
N LYS A 91 4.82 24.11 8.06
CA LYS A 91 5.05 25.53 8.29
C LYS A 91 6.50 25.79 8.69
N GLY A 92 7.07 24.90 9.52
CA GLY A 92 8.46 25.07 9.90
C GLY A 92 9.40 25.00 8.72
N ALA A 93 9.12 24.13 7.76
CA ALA A 93 9.95 24.03 6.56
C ALA A 93 9.74 25.20 5.62
N LEU A 94 8.50 25.69 5.49
CA LEU A 94 8.25 26.84 4.62
C LEU A 94 8.87 28.10 5.20
N GLU A 95 8.93 28.20 6.52
CA GLU A 95 9.41 29.40 7.20
C GLU A 95 10.90 29.67 6.99
N ILE A 96 11.67 28.67 6.60
CA ILE A 96 13.11 28.89 6.38
C ILE A 96 13.34 29.87 5.24
N TYR A 97 12.62 29.67 4.13
CA TYR A 97 12.78 30.55 2.98
C TYR A 97 12.06 31.88 3.16
N LYS A 98 11.03 31.93 4.02
CA LYS A 98 10.34 33.19 4.26
C LYS A 98 11.26 34.20 4.93
N ASN A 99 12.05 33.75 5.91
CA ASN A 99 12.91 34.66 6.66
C ASN A 99 14.08 35.20 5.85
N ASN A 100 14.65 34.38 4.98
CA ASN A 100 15.91 34.71 4.31
C ASN A 100 15.71 35.18 2.88
N THR A 101 14.50 35.57 2.52
CA THR A 101 14.21 36.13 1.20
C THR A 101 13.63 37.52 1.37
N HIS A 102 14.15 38.47 0.60
CA HIS A 102 13.76 39.87 0.72
C HIS A 102 14.00 40.53 -0.62
N ASP A 103 13.68 41.82 -0.68
CA ASP A 103 14.04 42.63 -1.84
C ASP A 103 15.42 43.27 -1.65
N CYS A 104 16.11 43.50 -2.75
CA CYS A 104 17.29 44.36 -2.67
C CYS A 104 17.48 45.14 -3.96
N GLY A 112 14.96 39.95 -9.49
CA GLY A 112 15.07 40.89 -8.40
C GLY A 112 14.61 40.30 -7.08
N VAL A 113 14.84 38.99 -6.92
CA VAL A 113 14.50 38.25 -5.72
C VAL A 113 15.81 37.92 -5.02
N CYS A 114 15.90 38.28 -3.74
CA CYS A 114 17.17 38.40 -3.04
C CYS A 114 17.21 37.40 -1.89
N MET A 115 18.28 36.59 -1.84
CA MET A 115 18.41 35.54 -0.84
C MET A 115 19.74 35.65 -0.12
N ALA A 116 19.78 35.13 1.10
CA ALA A 116 21.01 35.01 1.87
C ALA A 116 21.48 33.57 1.82
N GLY A 117 22.59 33.32 1.13
CA GLY A 117 23.10 31.97 1.01
C GLY A 117 23.60 31.38 2.32
N VAL A 118 24.22 32.20 3.17
CA VAL A 118 24.81 31.69 4.40
C VAL A 118 23.76 31.13 5.34
N ALA A 119 22.61 31.80 5.46
CA ALA A 119 21.55 31.34 6.35
C ALA A 119 20.89 30.07 5.85
N ILE A 120 20.73 29.92 4.53
CA ILE A 120 20.11 28.71 4.00
C ILE A 120 21.05 27.52 4.16
N GLY A 121 22.33 27.70 3.84
CA GLY A 121 23.33 26.66 4.04
C GLY A 121 23.43 25.64 2.91
N ILE A 122 22.49 24.70 2.86
CA ILE A 122 22.49 23.63 1.88
C ILE A 122 21.19 23.70 1.09
N ALA A 123 21.31 23.71 -0.24
CA ALA A 123 20.13 23.74 -1.10
C ALA A 123 20.53 23.30 -2.49
N THR A 124 19.56 22.69 -3.19
CA THR A 124 19.76 22.33 -4.59
C THR A 124 19.28 23.45 -5.50
N ALA A 125 19.49 23.27 -6.80
CA ALA A 125 19.04 24.26 -7.76
C ALA A 125 17.52 24.33 -7.84
N ALA A 126 16.85 23.18 -7.68
CA ALA A 126 15.39 23.17 -7.73
C ALA A 126 14.78 23.88 -6.53
N GLN A 127 15.37 23.70 -5.35
CA GLN A 127 14.85 24.35 -4.15
C GLN A 127 14.98 25.86 -4.23
N ILE A 128 16.12 26.36 -4.74
CA ILE A 128 16.30 27.80 -4.88
C ILE A 128 15.35 28.36 -5.92
N THR A 129 15.16 27.65 -7.03
CA THR A 129 14.22 28.10 -8.05
C THR A 129 12.79 28.13 -7.51
N ALA A 130 12.43 27.12 -6.71
CA ALA A 130 11.09 27.10 -6.12
C ALA A 130 10.98 28.08 -4.96
N GLY A 131 12.13 28.53 -4.42
CA GLY A 131 12.08 29.54 -3.38
C GLY A 131 11.81 30.94 -3.93
N VAL A 132 12.14 31.18 -5.19
CA VAL A 132 11.79 32.44 -5.83
C VAL A 132 10.28 32.51 -6.06
N ALA A 133 9.70 31.41 -6.54
CA ALA A 133 8.26 31.38 -6.79
C ALA A 133 7.45 31.52 -5.51
N LEU A 134 7.97 31.02 -4.39
CA LEU A 134 7.28 31.17 -3.11
C LEU A 134 7.21 32.64 -2.70
N TYR A 135 8.29 33.39 -2.93
CA TYR A 135 8.29 34.81 -2.60
C TYR A 135 7.35 35.60 -3.49
N GLU A 136 7.26 35.23 -4.77
CA GLU A 136 6.39 35.95 -5.69
C GLU A 136 4.92 35.79 -5.32
N ALA A 137 4.53 34.64 -4.77
CA ALA A 137 3.14 34.40 -4.45
C ALA A 137 2.71 35.04 -3.13
N MET A 138 3.64 35.64 -2.39
CA MET A 138 3.28 36.21 -1.09
C MET A 138 2.46 37.48 -1.23
N LYS A 139 2.54 38.16 -2.39
CA LYS A 139 1.70 39.33 -2.60
C LYS A 139 0.23 38.97 -2.68
N ASN A 140 -0.10 37.85 -3.34
CA ASN A 140 -1.49 37.42 -3.44
C ASN A 140 -1.98 36.80 -2.14
N ALA A 141 -1.10 36.11 -1.42
CA ALA A 141 -1.51 35.48 -0.16
C ALA A 141 -1.86 36.51 0.89
N ASP A 142 -1.27 37.72 0.82
CA ASP A 142 -1.61 38.76 1.78
C ASP A 142 -3.05 39.22 1.64
N ASN A 143 -3.54 39.35 0.40
CA ASN A 143 -4.92 39.76 0.18
C ASN A 143 -5.91 38.70 0.62
N ILE A 144 -5.56 37.42 0.43
CA ILE A 144 -6.44 36.33 0.83
C ILE A 144 -6.55 36.26 2.34
N ASN A 145 -5.45 36.48 3.05
CA ASN A 145 -5.45 36.41 4.50
C ASN A 145 -6.27 37.52 5.14
N LYS A 146 -6.61 38.58 4.41
CA LYS A 146 -7.49 39.61 4.95
C LYS A 146 -8.92 39.10 5.13
N LEU A 147 -9.30 38.03 4.43
CA LEU A 147 -10.60 37.42 4.57
C LEU A 147 -10.59 36.24 5.55
N LYS A 148 -9.76 36.32 6.59
CA LYS A 148 -9.62 35.21 7.53
C LYS A 148 -10.93 34.91 8.23
N SER A 149 -11.66 35.95 8.65
CA SER A 149 -12.94 35.74 9.31
C SER A 149 -13.98 35.17 8.36
N SER A 150 -14.01 35.63 7.11
CA SER A 150 -15.00 35.16 6.16
C SER A 150 -14.74 33.70 5.77
N ILE A 151 -13.48 33.29 5.75
CA ILE A 151 -13.14 31.90 5.41
C ILE A 151 -13.69 30.95 6.46
N GLU A 152 -13.55 31.32 7.73
CA GLU A 152 -13.90 30.40 8.82
C GLU A 152 -15.40 30.29 9.03
N SER A 153 -16.17 31.26 8.53
CA SER A 153 -17.61 31.18 8.71
C SER A 153 -18.30 30.43 7.57
N THR A 154 -17.54 29.91 6.61
CA THR A 154 -18.12 29.16 5.50
C THR A 154 -18.72 27.84 5.99
N ASN A 155 -19.84 27.46 5.39
CA ASN A 155 -20.52 26.23 5.77
C ASN A 155 -20.96 25.41 4.57
N GLU A 156 -20.27 25.52 3.44
CA GLU A 156 -20.55 24.74 2.25
C GLU A 156 -19.26 24.12 1.73
N ALA A 157 -19.41 23.05 0.95
CA ALA A 157 -18.24 22.37 0.39
C ALA A 157 -17.46 23.27 -0.56
N VAL A 158 -18.16 24.02 -1.41
CA VAL A 158 -17.53 24.94 -2.35
C VAL A 158 -18.22 26.30 -2.23
N VAL A 159 -17.44 27.34 -1.94
CA VAL A 159 -17.94 28.70 -1.88
C VAL A 159 -16.99 29.60 -2.66
N LYS A 160 -17.52 30.74 -3.10
CA LYS A 160 -16.75 31.75 -3.82
C LYS A 160 -16.77 33.04 -3.02
N LEU A 161 -15.60 33.51 -2.60
CA LEU A 161 -15.47 34.75 -1.84
C LEU A 161 -14.88 35.82 -2.74
N GLN A 162 -15.51 36.99 -2.77
CA GLN A 162 -15.07 38.07 -3.63
C GLN A 162 -15.57 39.40 -3.08
N GLU A 163 -14.64 40.30 -2.80
CA GLU A 163 -14.96 41.68 -2.48
C GLU A 163 -14.72 42.64 -3.63
N THR A 164 -13.60 42.48 -4.35
CA THR A 164 -13.35 43.19 -5.59
C THR A 164 -12.90 42.17 -6.62
N ALA A 165 -12.63 42.66 -7.83
CA ALA A 165 -12.09 41.79 -8.87
C ALA A 165 -10.69 41.29 -8.53
N GLU A 166 -9.96 42.02 -7.69
CA GLU A 166 -8.61 41.63 -7.30
C GLU A 166 -8.58 40.37 -6.46
N LYS A 167 -9.53 40.19 -5.54
CA LYS A 167 -9.58 39.03 -4.66
C LYS A 167 -10.80 38.19 -5.00
N THR A 168 -10.59 37.17 -5.83
CA THR A 168 -11.64 36.23 -6.22
C THR A 168 -11.08 34.82 -5.97
N VAL A 169 -11.42 34.25 -4.81
CA VAL A 169 -10.82 33.01 -4.36
C VAL A 169 -11.93 32.01 -4.02
N TYR A 170 -11.67 30.74 -4.32
CA TYR A 170 -12.59 29.66 -3.97
C TYR A 170 -12.08 28.93 -2.73
N VAL A 171 -13.01 28.52 -1.88
CA VAL A 171 -12.69 27.81 -0.65
C VAL A 171 -13.33 26.43 -0.71
N PHE A 172 -12.54 25.40 -0.44
CA PHE A 172 -13.00 24.02 -0.43
C PHE A 172 -12.85 23.45 0.98
N THR A 173 -13.94 22.91 1.51
CA THR A 173 -13.98 22.40 2.88
C THR A 173 -14.15 20.90 2.85
N ALA A 174 -13.32 20.19 3.62
CA ALA A 174 -13.39 18.74 3.68
C ALA A 174 -14.49 18.28 4.62
N LEU A 175 -15.19 17.22 4.21
CA LEU A 175 -16.21 16.56 5.03
C LEU A 175 -17.40 17.45 5.31
N GLN A 176 -17.51 18.59 4.63
CA GLN A 176 -18.65 19.46 4.83
C GLN A 176 -19.92 18.87 4.21
N ASP A 177 -19.77 18.19 3.08
CA ASP A 177 -20.92 17.55 2.43
C ASP A 177 -21.48 16.43 3.31
N TYR A 178 -20.61 15.67 3.95
CA TYR A 178 -21.06 14.57 4.81
C TYR A 178 -21.89 15.08 5.98
N ILE A 179 -21.47 16.18 6.60
CA ILE A 179 -22.20 16.72 7.74
C ILE A 179 -23.52 17.32 7.30
N ASN A 180 -23.51 18.08 6.21
CA ASN A 180 -24.71 18.79 5.77
C ASN A 180 -25.80 17.82 5.30
N THR A 181 -25.41 16.69 4.73
CA THR A 181 -26.37 15.79 4.09
C THR A 181 -26.69 14.55 4.91
N ASN A 182 -25.78 14.10 5.77
CA ASN A 182 -25.99 12.85 6.51
C ASN A 182 -26.20 13.09 8.00
N LEU A 183 -25.28 13.77 8.68
CA LEU A 183 -25.35 13.87 10.13
C LEU A 183 -26.48 14.81 10.57
N VAL A 184 -26.59 15.98 9.96
CA VAL A 184 -27.57 16.98 10.35
C VAL A 184 -29.00 16.50 10.13
N PRO A 185 -29.37 15.96 8.96
CA PRO A 185 -30.77 15.55 8.77
C PRO A 185 -31.25 14.49 9.75
N THR A 186 -30.38 13.57 10.16
CA THR A 186 -30.75 12.51 11.09
C THR A 186 -30.36 12.83 12.53
N ILE A 187 -30.41 14.11 12.91
CA ILE A 187 -29.93 14.51 14.24
C ILE A 187 -30.87 14.02 15.33
N ASP A 188 -32.17 13.92 15.06
CA ASP A 188 -33.17 13.70 16.09
C ASP A 188 -33.76 12.30 16.09
N LYS A 189 -33.47 11.48 15.08
CA LYS A 189 -33.95 10.11 15.05
C LYS A 189 -32.89 9.10 15.44
N ILE A 190 -31.70 9.56 15.84
CA ILE A 190 -30.60 8.69 16.25
C ILE A 190 -30.09 9.20 17.59
N PRO A 191 -29.68 8.33 18.57
CA PRO A 191 -29.06 8.81 19.82
C PRO A 191 -27.97 9.86 19.61
N CYS A 192 -27.89 10.82 20.53
CA CYS A 192 -26.88 11.92 20.43
C CYS A 192 -25.44 11.34 20.47
N LYS A 193 -25.27 10.12 21.01
CA LYS A 193 -23.92 9.50 21.13
C LYS A 193 -23.51 8.81 19.81
N GLN A 194 -24.42 8.08 19.17
CA GLN A 194 -24.13 7.44 17.89
C GLN A 194 -23.76 8.46 16.83
N THR A 195 -24.38 9.65 16.87
CA THR A 195 -23.97 10.72 15.97
C THR A 195 -22.54 11.18 16.26
N GLU A 196 -22.19 11.26 17.54
CA GLU A 196 -20.83 11.66 17.91
C GLU A 196 -19.81 10.63 17.45
N LEU A 197 -20.12 9.34 17.60
CA LEU A 197 -19.19 8.30 17.17
C LEU A 197 -19.06 8.27 15.65
N SER A 198 -20.16 8.55 14.93
CA SER A 198 -20.09 8.59 13.48
C SER A 198 -19.19 9.73 13.00
N LEU A 199 -19.26 10.89 13.67
CA LEU A 199 -18.37 12.00 13.32
C LEU A 199 -16.92 11.64 13.62
N ASP A 200 -16.67 10.94 14.73
CA ASP A 200 -15.31 10.57 15.08
C ASP A 200 -14.70 9.62 14.04
N LEU A 201 -15.50 8.66 13.55
CA LEU A 201 -14.98 7.73 12.55
C LEU A 201 -14.68 8.42 11.24
N ALA A 202 -15.53 9.38 10.83
CA ALA A 202 -15.32 10.07 9.58
C ALA A 202 -14.04 10.90 9.60
N LEU A 203 -13.78 11.59 10.71
CA LEU A 203 -12.57 12.40 10.81
C LEU A 203 -11.32 11.53 10.77
N SER A 204 -11.35 10.38 11.46
CA SER A 204 -10.19 9.49 11.47
C SER A 204 -9.97 8.84 10.10
N LYS A 205 -11.04 8.46 9.41
CA LYS A 205 -10.90 7.89 8.08
C LYS A 205 -10.32 8.92 7.10
N TYR A 206 -10.79 10.17 7.19
CA TYR A 206 -10.23 11.23 6.37
C TYR A 206 -8.76 11.47 6.70
N LEU A 207 -8.42 11.38 7.99
CA LEU A 207 -7.05 11.65 8.41
C LEU A 207 -6.12 10.51 8.04
N SER A 208 -6.64 9.30 7.87
CA SER A 208 -5.79 8.16 7.49
C SER A 208 -5.28 8.31 6.07
N ASP A 209 -5.99 9.03 5.21
CA ASP A 209 -5.57 9.25 3.83
C ASP A 209 -4.59 10.40 3.70
N LEU A 210 -4.60 11.35 4.65
CA LEU A 210 -3.68 12.48 4.59
C LEU A 210 -2.24 12.04 4.84
N LEU A 211 -2.04 11.09 5.75
CA LEU A 211 -0.70 10.72 6.18
C LEU A 211 0.13 10.15 5.03
N PHE A 212 -0.52 9.53 4.05
CA PHE A 212 0.22 9.00 2.90
C PHE A 212 0.83 10.10 2.06
N VAL A 213 0.32 11.32 2.16
CA VAL A 213 0.73 12.43 1.32
C VAL A 213 1.34 13.56 2.14
N PHE A 214 0.67 13.99 3.21
CA PHE A 214 1.10 15.12 4.01
C PHE A 214 1.81 14.71 5.29
N GLY A 215 2.12 13.43 5.47
CA GLY A 215 2.82 12.96 6.64
C GLY A 215 4.30 13.28 6.57
N PRO A 216 5.12 12.54 7.33
CA PRO A 216 6.57 12.76 7.27
C PRO A 216 7.19 12.42 5.92
N ASN A 217 6.42 11.87 4.99
CA ASN A 217 6.92 11.68 3.63
C ASN A 217 7.19 13.01 2.95
N LEU A 218 6.45 14.06 3.33
CA LEU A 218 6.61 15.39 2.75
C LEU A 218 7.80 16.07 3.43
N GLN A 219 9.00 15.67 3.00
CA GLN A 219 10.22 16.25 3.55
C GLN A 219 10.50 17.64 3.00
N ASP A 220 10.15 17.88 1.73
CA ASP A 220 10.48 19.13 1.05
C ASP A 220 9.22 19.73 0.45
N PRO A 221 8.45 20.48 1.26
CA PRO A 221 7.24 21.13 0.72
C PRO A 221 7.55 22.34 -0.18
N VAL A 222 8.80 22.79 -0.24
CA VAL A 222 9.13 23.97 -1.03
C VAL A 222 9.05 23.68 -2.53
N SER A 223 9.21 22.43 -2.94
CA SER A 223 9.18 22.11 -4.36
C SER A 223 7.79 22.32 -4.94
N ASN A 224 7.74 22.51 -6.27
CA ASN A 224 6.47 22.66 -6.98
C ASN A 224 6.23 21.52 -7.98
N SER A 225 6.77 20.34 -7.71
CA SER A 225 6.57 19.18 -8.56
C SER A 225 5.45 18.28 -8.05
N MET A 226 4.71 18.70 -7.02
CA MET A 226 3.63 17.90 -6.48
C MET A 226 2.40 18.00 -7.37
N THR A 227 1.88 16.85 -7.79
CA THR A 227 0.78 16.85 -8.75
C THR A 227 -0.53 17.26 -8.07
N ILE A 228 -1.52 17.58 -8.90
CA ILE A 228 -2.81 18.02 -8.39
C ILE A 228 -3.61 16.85 -7.83
N GLN A 229 -3.37 15.63 -8.32
CA GLN A 229 -4.04 14.47 -7.78
C GLN A 229 -3.59 14.20 -6.34
N ALA A 230 -2.30 14.37 -6.06
CA ALA A 230 -1.80 14.17 -4.70
C ALA A 230 -2.32 15.25 -3.75
N ILE A 231 -2.36 16.50 -4.22
CA ILE A 231 -2.86 17.60 -3.39
C ILE A 231 -4.33 17.42 -3.06
N SER A 232 -5.10 16.84 -3.99
CA SER A 232 -6.54 16.68 -3.80
C SER A 232 -6.89 15.74 -2.66
N GLN A 233 -5.92 15.00 -2.13
CA GLN A 233 -6.18 14.15 -0.97
C GLN A 233 -6.61 14.95 0.25
N ALA A 234 -6.27 16.24 0.30
CA ALA A 234 -6.77 17.11 1.36
C ALA A 234 -8.23 17.45 1.17
N PHE A 235 -8.80 17.15 0.01
CA PHE A 235 -10.22 17.38 -0.30
C PHE A 235 -10.90 16.06 -0.62
N GLY A 236 -10.40 14.96 -0.06
CA GLY A 236 -11.00 13.67 -0.27
C GLY A 236 -10.75 13.04 -1.62
N GLY A 237 -9.71 13.46 -2.32
CA GLY A 237 -9.37 12.89 -3.61
C GLY A 237 -10.22 13.35 -4.76
N ASN A 238 -10.98 14.42 -4.59
CA ASN A 238 -11.86 14.93 -5.65
C ASN A 238 -11.19 16.07 -6.41
N TYR A 239 -10.27 15.70 -7.31
CA TYR A 239 -9.57 16.71 -8.10
C TYR A 239 -10.40 17.15 -9.30
N GLU A 240 -11.45 16.40 -9.64
CA GLU A 240 -12.33 16.82 -10.73
C GLU A 240 -13.09 18.08 -10.36
N THR A 241 -13.54 18.17 -9.10
CA THR A 241 -14.24 19.37 -8.65
C THR A 241 -13.33 20.58 -8.66
N LEU A 242 -12.07 20.41 -8.24
CA LEU A 242 -11.15 21.53 -8.17
C LEU A 242 -10.89 22.12 -9.54
N LEU A 243 -10.65 21.27 -10.54
CA LEU A 243 -10.28 21.77 -11.86
C LEU A 243 -11.50 22.30 -12.61
N ARG A 244 -12.65 21.65 -12.47
CA ARG A 244 -13.85 22.13 -13.16
C ARG A 244 -14.26 23.51 -12.67
N THR A 245 -14.17 23.74 -11.36
CA THR A 245 -14.52 25.05 -10.81
C THR A 245 -13.58 26.14 -11.30
N LEU A 246 -12.28 25.84 -11.38
CA LEU A 246 -11.30 26.87 -11.73
C LEU A 246 -11.38 27.24 -13.20
N GLY A 247 -11.45 26.24 -14.09
CA GLY A 247 -11.33 26.54 -15.50
C GLY A 247 -12.08 25.62 -16.45
N TYR A 248 -11.46 25.30 -17.58
CA TYR A 248 -12.10 24.62 -18.69
C TYR A 248 -11.50 23.22 -18.89
N ALA A 249 -11.95 22.56 -19.96
CA ALA A 249 -11.46 21.25 -20.33
C ALA A 249 -11.48 21.12 -21.86
N THR A 250 -10.39 20.56 -22.40
CA THR A 250 -10.25 20.35 -23.83
C THR A 250 -9.63 18.97 -24.05
N GLU A 251 -9.20 18.71 -25.29
CA GLU A 251 -8.49 17.47 -25.58
C GLU A 251 -7.15 17.43 -24.85
N ASP A 252 -6.46 18.58 -24.81
CA ASP A 252 -5.18 18.65 -24.10
C ASP A 252 -5.35 18.62 -22.59
N PHE A 253 -6.58 18.80 -22.09
CA PHE A 253 -6.79 18.79 -20.64
C PHE A 253 -6.52 17.41 -20.05
N ASP A 254 -7.03 16.36 -20.70
CA ASP A 254 -6.78 15.01 -20.22
C ASP A 254 -5.34 14.57 -20.47
N ASP A 255 -4.69 15.10 -21.50
CA ASP A 255 -3.29 14.79 -21.75
C ASP A 255 -2.41 15.42 -20.68
N LEU A 256 -2.67 16.67 -20.31
CA LEU A 256 -1.90 17.32 -19.26
C LEU A 256 -2.16 16.66 -17.91
N LEU A 257 -3.39 16.20 -17.68
CA LEU A 257 -3.73 15.62 -16.39
C LEU A 257 -3.09 14.26 -16.19
N GLU A 258 -3.13 13.41 -17.21
CA GLU A 258 -2.62 12.05 -17.07
C GLU A 258 -1.10 11.97 -17.21
N SER A 259 -0.47 13.02 -17.73
CA SER A 259 0.98 13.07 -17.81
C SER A 259 1.63 13.73 -16.59
N ASP A 260 0.83 14.04 -15.56
CA ASP A 260 1.31 14.68 -14.34
C ASP A 260 1.96 16.04 -14.62
N SER A 261 1.38 16.79 -15.55
CA SER A 261 1.89 18.11 -15.90
C SER A 261 1.21 19.24 -15.14
N ILE A 262 0.15 18.95 -14.39
CA ILE A 262 -0.55 19.95 -13.59
C ILE A 262 -0.12 19.78 -12.14
N THR A 263 0.57 20.78 -11.60
CA THR A 263 1.18 20.67 -10.29
C THR A 263 0.72 21.84 -9.41
N GLY A 264 1.02 21.73 -8.12
CA GLY A 264 0.68 22.77 -7.16
C GLY A 264 1.76 22.93 -6.12
N GLN A 265 1.71 24.07 -5.44
CA GLN A 265 2.69 24.41 -4.41
C GLN A 265 1.97 25.01 -3.22
N ILE A 266 2.36 24.59 -2.01
CA ILE A 266 1.82 25.15 -0.79
C ILE A 266 2.57 26.44 -0.48
N ILE A 267 1.84 27.55 -0.34
CA ILE A 267 2.45 28.84 -0.12
C ILE A 267 2.12 29.46 1.24
N TYR A 268 1.15 28.91 1.98
CA TYR A 268 0.81 29.43 3.29
C TYR A 268 0.11 28.35 4.10
N VAL A 269 0.46 28.27 5.38
CA VAL A 269 -0.14 27.33 6.32
C VAL A 269 -0.61 28.10 7.54
N ASP A 270 -1.86 27.88 7.94
CA ASP A 270 -2.44 28.53 9.11
C ASP A 270 -2.64 27.48 10.21
N LEU A 271 -2.00 27.68 11.35
CA LEU A 271 -2.05 26.73 12.45
C LEU A 271 -3.11 27.08 13.49
N SER A 272 -3.84 28.18 13.31
CA SER A 272 -4.95 28.55 14.17
C SER A 272 -6.30 28.37 13.49
N SER A 273 -6.41 28.76 12.22
CA SER A 273 -7.63 28.59 11.45
C SER A 273 -7.65 27.28 10.64
N TYR A 274 -6.51 26.58 10.56
CA TYR A 274 -6.42 25.27 9.93
C TYR A 274 -6.88 25.30 8.46
N TYR A 275 -6.14 26.06 7.66
CA TYR A 275 -6.32 26.04 6.21
C TYR A 275 -4.99 26.34 5.54
N ILE A 276 -4.89 25.97 4.26
CA ILE A 276 -3.69 26.19 3.48
C ILE A 276 -4.07 26.89 2.18
N ILE A 277 -3.09 27.59 1.60
CA ILE A 277 -3.25 28.24 0.31
C ILE A 277 -2.35 27.53 -0.69
N VAL A 278 -2.91 27.13 -1.83
CA VAL A 278 -2.21 26.35 -2.83
C VAL A 278 -2.26 27.10 -4.15
N ARG A 279 -1.12 27.22 -4.82
CA ARG A 279 -1.05 27.80 -6.15
C ARG A 279 -0.96 26.69 -7.20
N VAL A 280 -1.87 26.70 -8.16
CA VAL A 280 -1.97 25.66 -9.17
C VAL A 280 -1.41 26.18 -10.48
N TYR A 281 -0.58 25.38 -11.13
CA TYR A 281 0.09 25.75 -12.37
C TYR A 281 -0.55 25.00 -13.54
N PHE A 282 -0.93 25.74 -14.58
CA PHE A 282 -1.56 25.19 -15.78
C PHE A 282 -0.66 25.46 -16.98
N PRO A 283 0.15 24.49 -17.40
CA PRO A 283 1.04 24.70 -18.53
C PRO A 283 0.36 24.37 -19.86
N ILE A 284 1.12 24.59 -20.93
CA ILE A 284 0.68 24.25 -22.28
C ILE A 284 1.70 23.29 -22.87
N LEU A 285 1.26 22.54 -23.88
CA LEU A 285 2.11 21.55 -24.53
C LEU A 285 2.69 22.14 -25.81
N THR A 286 4.02 22.15 -25.91
CA THR A 286 4.72 22.58 -27.10
C THR A 286 5.51 21.41 -27.66
N GLU A 287 5.41 21.20 -28.97
CA GLU A 287 6.08 20.07 -29.60
C GLU A 287 7.46 20.48 -30.10
N ILE A 288 8.42 19.57 -30.00
CA ILE A 288 9.78 19.83 -30.40
C ILE A 288 9.90 19.67 -31.90
N GLN A 289 10.51 20.66 -32.55
CA GLN A 289 10.66 20.65 -34.00
C GLN A 289 11.74 19.65 -34.43
N GLN A 290 11.48 18.97 -35.54
CA GLN A 290 12.41 17.97 -36.09
C GLN A 290 12.72 16.87 -35.09
N ALA A 291 11.69 16.36 -34.43
CA ALA A 291 11.83 15.28 -33.47
C ALA A 291 10.64 14.34 -33.57
N TYR A 292 10.91 13.04 -33.51
CA TYR A 292 9.86 12.03 -33.55
C TYR A 292 10.35 10.78 -32.83
N ILE A 293 9.40 9.93 -32.45
CA ILE A 293 9.67 8.68 -31.75
C ILE A 293 9.16 7.53 -32.60
N GLN A 294 10.03 6.57 -32.87
CA GLN A 294 9.72 5.43 -33.72
C GLN A 294 9.59 4.17 -32.87
N GLU A 295 8.57 3.36 -33.18
CA GLU A 295 8.32 2.11 -32.47
C GLU A 295 8.63 0.91 -33.36
N LEU A 296 9.12 -0.16 -32.74
CA LEU A 296 9.42 -1.40 -33.42
C LEU A 296 8.63 -2.54 -32.78
N LEU A 297 8.08 -3.42 -33.61
CA LEU A 297 7.28 -4.53 -33.12
C LEU A 297 8.13 -5.79 -33.14
N PRO A 298 8.44 -6.39 -31.98
CA PRO A 298 9.31 -7.58 -31.96
C PRO A 298 8.59 -8.83 -32.44
N VAL A 299 9.26 -9.61 -33.28
CA VAL A 299 8.76 -10.88 -33.77
C VAL A 299 9.88 -11.91 -33.66
N SER A 300 9.55 -13.11 -33.17
CA SER A 300 10.53 -14.16 -33.03
C SER A 300 10.90 -14.74 -34.39
N PHE A 301 12.16 -15.17 -34.51
CA PHE A 301 12.67 -15.73 -35.76
C PHE A 301 13.43 -17.02 -35.49
N ASN A 302 13.64 -17.80 -36.54
CA ASN A 302 14.31 -19.09 -36.46
C ASN A 302 15.72 -19.00 -37.03
N ASN A 303 16.69 -19.52 -36.28
CA ASN A 303 18.07 -19.45 -36.75
C ASN A 303 18.65 -20.83 -37.09
N ASP A 304 18.73 -21.73 -36.11
CA ASP A 304 19.28 -23.05 -36.39
C ASP A 304 18.22 -24.13 -36.23
N ASN A 305 17.72 -24.30 -35.01
CA ASN A 305 16.57 -25.17 -34.76
C ASN A 305 15.70 -24.59 -33.64
N SER A 306 15.76 -23.29 -33.43
CA SER A 306 15.12 -22.69 -32.28
C SER A 306 14.74 -21.25 -32.59
N GLU A 307 13.83 -20.71 -31.77
CA GLU A 307 13.34 -19.36 -31.93
C GLU A 307 14.18 -18.39 -31.09
N TRP A 308 14.34 -17.18 -31.62
CA TRP A 308 15.14 -16.15 -30.98
C TRP A 308 14.40 -14.82 -31.05
N ILE A 309 14.70 -13.94 -30.11
CA ILE A 309 14.22 -12.57 -30.12
C ILE A 309 15.43 -11.63 -30.02
N SER A 310 15.25 -10.41 -30.52
CA SER A 310 16.32 -9.43 -30.54
C SER A 310 16.22 -8.50 -29.33
N ILE A 311 17.34 -8.27 -28.66
CA ILE A 311 17.39 -7.43 -27.48
C ILE A 311 17.81 -6.04 -27.94
N VAL A 312 16.82 -5.24 -28.33
CA VAL A 312 17.03 -3.86 -28.74
C VAL A 312 15.92 -2.99 -28.14
N PRO A 313 16.16 -1.69 -28.02
CA PRO A 313 15.10 -0.80 -27.54
C PRO A 313 13.89 -0.82 -28.46
N ASN A 314 12.71 -0.73 -27.86
CA ASN A 314 11.48 -0.74 -28.64
C ASN A 314 11.08 0.65 -29.12
N PHE A 315 11.44 1.69 -28.36
CA PHE A 315 11.14 3.07 -28.73
C PHE A 315 12.44 3.82 -28.96
N ILE A 316 12.54 4.47 -30.12
CA ILE A 316 13.74 5.20 -30.52
C ILE A 316 13.36 6.66 -30.70
N LEU A 317 14.07 7.54 -30.00
CA LEU A 317 13.87 8.97 -30.12
C LEU A 317 14.88 9.54 -31.11
N VAL A 318 14.39 10.16 -32.17
CA VAL A 318 15.23 10.73 -33.22
C VAL A 318 14.99 12.23 -33.26
N ARG A 319 15.94 12.99 -32.73
CA ARG A 319 15.92 14.44 -32.84
C ARG A 319 16.57 14.85 -34.16
N ASN A 320 16.94 16.13 -34.28
CA ASN A 320 17.38 16.70 -35.56
C ASN A 320 18.18 15.71 -36.39
N THR A 321 19.28 15.19 -35.84
CA THR A 321 20.02 14.12 -36.48
C THR A 321 20.41 12.98 -35.55
N LEU A 322 20.45 13.18 -34.24
CA LEU A 322 20.99 12.19 -33.32
C LEU A 322 19.96 11.09 -33.03
N ILE A 323 20.47 9.90 -32.71
CA ILE A 323 19.67 8.76 -32.28
C ILE A 323 20.03 8.46 -30.84
N SER A 324 19.02 8.37 -29.98
CA SER A 324 19.25 8.14 -28.56
C SER A 324 18.04 7.43 -27.96
N ASN A 325 18.25 6.87 -26.77
CA ASN A 325 17.18 6.20 -26.04
C ASN A 325 16.26 7.22 -25.39
N ILE A 326 15.10 6.74 -24.94
CA ILE A 326 14.14 7.56 -24.21
C ILE A 326 13.57 6.73 -23.06
N GLU A 327 13.52 7.33 -21.87
CA GLU A 327 12.94 6.68 -20.69
C GLU A 327 11.42 6.89 -20.73
N ILE A 328 10.77 6.05 -21.55
CA ILE A 328 9.36 6.26 -21.87
C ILE A 328 8.45 5.75 -20.76
N GLY A 329 9.02 5.18 -19.70
CA GLY A 329 8.21 4.72 -18.58
C GLY A 329 7.45 5.82 -17.87
N PHE A 330 8.01 7.03 -17.89
CA PHE A 330 7.34 8.20 -17.27
C PHE A 330 6.76 9.12 -18.36
N CYS A 331 6.23 8.52 -19.44
CA CYS A 331 5.72 9.33 -20.57
C CYS A 331 4.35 8.79 -21.03
N LEU A 332 3.39 9.69 -21.29
CA LEU A 332 2.04 9.27 -21.74
C LEU A 332 2.09 8.92 -23.23
N ILE A 333 1.77 7.67 -23.59
CA ILE A 333 1.79 7.26 -24.99
C ILE A 333 0.40 7.39 -25.57
N THR A 334 0.27 8.20 -26.62
CA THR A 334 -0.98 8.40 -27.32
C THR A 334 -0.78 7.97 -28.77
N LYS A 335 -1.88 7.67 -29.46
CA LYS A 335 -1.80 7.17 -30.83
C LYS A 335 -1.11 8.13 -31.77
N ARG A 336 -1.05 9.42 -31.45
CA ARG A 336 -0.45 10.41 -32.32
C ARG A 336 0.82 11.04 -31.79
N SER A 337 1.05 11.02 -30.48
CA SER A 337 2.23 11.67 -29.92
C SER A 337 2.55 11.08 -28.55
N VAL A 338 3.77 11.37 -28.09
CA VAL A 338 4.22 11.03 -26.75
C VAL A 338 4.35 12.34 -25.97
N ILE A 339 3.65 12.38 -24.82
CA ILE A 339 3.62 13.60 -23.99
C ILE A 339 4.45 13.36 -22.73
N CYS A 340 5.70 13.80 -22.73
CA CYS A 340 6.53 13.69 -21.50
C CYS A 340 6.52 15.05 -20.80
N ASN A 341 6.34 15.07 -19.47
CA ASN A 341 6.29 16.34 -18.72
C ASN A 341 7.71 16.89 -18.54
N GLN A 342 8.72 16.08 -18.88
CA GLN A 342 10.14 16.48 -18.69
C GLN A 342 10.92 15.90 -19.88
N ASP A 343 12.13 16.38 -20.15
CA ASP A 343 12.93 15.77 -21.21
C ASP A 343 13.60 14.51 -20.67
N TYR A 344 13.28 13.36 -21.28
CA TYR A 344 13.72 12.06 -20.78
C TYR A 344 14.70 11.37 -21.72
N ALA A 345 15.43 12.13 -22.53
CA ALA A 345 16.42 11.54 -23.42
C ALA A 345 17.59 10.98 -22.61
N THR A 346 18.07 9.82 -23.02
CA THR A 346 19.20 9.15 -22.39
C THR A 346 20.18 8.70 -23.47
N PRO A 347 21.46 8.55 -23.12
CA PRO A 347 22.47 8.20 -24.14
C PRO A 347 22.29 6.79 -24.66
N MET A 348 23.03 6.50 -25.73
CA MET A 348 23.01 5.21 -26.39
C MET A 348 24.42 4.82 -26.80
N THR A 349 24.74 3.54 -26.71
CA THR A 349 26.07 3.07 -27.08
C THR A 349 26.27 3.12 -28.59
N ASN A 350 27.54 3.18 -29.00
CA ASN A 350 27.87 3.21 -30.42
C ASN A 350 27.50 1.91 -31.12
N ASN A 351 27.68 0.77 -30.45
CA ASN A 351 27.34 -0.51 -31.05
C ASN A 351 25.85 -0.61 -31.32
N MET A 352 25.03 -0.17 -30.36
CA MET A 352 23.58 -0.19 -30.57
C MET A 352 23.16 0.83 -31.62
N ARG A 353 23.86 1.96 -31.69
CA ARG A 353 23.58 2.94 -32.74
C ARG A 353 23.96 2.40 -34.12
N GLU A 354 25.03 1.60 -34.15
CA GLU A 354 25.49 0.99 -35.44
C GLU A 354 24.50 -0.07 -35.89
N CYS A 355 24.03 -0.92 -34.98
CA CYS A 355 23.13 -2.03 -35.43
C CYS A 355 21.86 -1.44 -36.02
N LEU A 356 21.40 -0.33 -35.46
CA LEU A 356 20.13 0.21 -35.91
C LEU A 356 20.21 0.79 -37.31
N THR A 357 21.43 1.12 -37.76
CA THR A 357 21.64 1.72 -39.07
C THR A 357 22.02 0.73 -40.15
N GLY A 358 22.08 -0.56 -39.83
CA GLY A 358 22.36 -1.56 -40.84
C GLY A 358 23.32 -2.67 -40.42
N SER A 359 24.18 -2.39 -39.45
CA SER A 359 25.15 -3.39 -39.00
C SER A 359 24.46 -4.46 -38.17
N THR A 360 23.79 -5.41 -38.85
CA THR A 360 22.95 -6.37 -38.16
C THR A 360 23.76 -7.30 -37.25
N GLU A 361 25.01 -7.58 -37.60
CA GLU A 361 25.82 -8.51 -36.83
C GLU A 361 26.12 -8.04 -35.42
N LYS A 362 25.70 -6.82 -35.06
CA LYS A 362 26.03 -6.28 -33.71
C LYS A 362 24.76 -6.30 -32.86
N CYS A 363 23.77 -7.09 -33.25
CA CYS A 363 22.46 -7.06 -32.54
C CYS A 363 22.34 -8.28 -31.62
N PRO A 364 22.31 -8.10 -30.29
CA PRO A 364 22.18 -9.21 -29.34
C PRO A 364 20.84 -9.96 -29.47
N ARG A 365 20.85 -11.28 -29.32
CA ARG A 365 19.63 -12.06 -29.41
C ARG A 365 19.52 -12.99 -28.20
N GLU A 366 18.28 -13.37 -27.88
CA GLU A 366 18.00 -14.22 -26.74
C GLU A 366 17.13 -15.40 -27.15
N LEU A 367 17.41 -16.56 -26.56
CA LEU A 367 16.66 -17.76 -26.88
C LEU A 367 15.23 -17.67 -26.34
N VAL A 368 14.30 -18.27 -27.08
CA VAL A 368 12.89 -18.30 -26.68
C VAL A 368 12.60 -19.67 -26.08
N VAL A 369 12.07 -19.68 -24.86
CA VAL A 369 11.77 -20.92 -24.15
C VAL A 369 10.27 -20.97 -23.87
N SER A 370 9.65 -19.80 -23.74
CA SER A 370 8.21 -19.74 -23.50
C SER A 370 7.45 -19.91 -24.81
N SER A 371 6.17 -20.25 -24.68
CA SER A 371 5.32 -20.46 -25.85
C SER A 371 4.34 -19.32 -26.11
N HIS A 372 4.52 -18.17 -25.48
CA HIS A 372 3.60 -17.05 -25.63
C HIS A 372 4.23 -15.84 -26.31
N VAL A 373 5.33 -16.02 -27.02
CA VAL A 373 5.97 -14.93 -27.76
C VAL A 373 5.19 -14.69 -29.06
N PRO A 374 5.24 -13.49 -29.62
CA PRO A 374 4.60 -13.26 -30.92
C PRO A 374 5.33 -14.00 -32.04
N ARG A 375 4.56 -14.42 -33.05
CA ARG A 375 5.13 -15.08 -34.21
C ARG A 375 4.94 -14.32 -35.53
N PHE A 376 4.06 -13.32 -35.57
CA PHE A 376 3.86 -12.56 -36.79
C PHE A 376 3.34 -11.18 -36.45
N ALA A 377 3.47 -10.27 -37.42
CA ALA A 377 3.01 -8.89 -37.27
C ALA A 377 2.69 -8.34 -38.65
N LEU A 378 1.93 -7.26 -38.66
CA LEU A 378 1.47 -6.61 -39.89
C LEU A 378 1.95 -5.17 -39.93
N SER A 379 2.39 -4.73 -41.10
CA SER A 379 2.87 -3.36 -41.27
C SER A 379 2.65 -2.93 -42.71
N ASN A 380 1.86 -1.87 -42.89
CA ASN A 380 1.56 -1.29 -44.21
C ASN A 380 0.91 -2.32 -45.15
N GLY A 381 0.13 -3.23 -44.58
CA GLY A 381 -0.59 -4.21 -45.38
C GLY A 381 0.17 -5.47 -45.71
N VAL A 382 1.45 -5.55 -45.38
CA VAL A 382 2.25 -6.74 -45.61
C VAL A 382 2.68 -7.31 -44.26
N LEU A 383 2.58 -8.62 -44.11
CA LEU A 383 2.85 -9.28 -42.84
C LEU A 383 4.14 -10.08 -42.90
N PHE A 384 4.86 -10.06 -41.79
CA PHE A 384 6.10 -10.82 -41.62
C PHE A 384 5.82 -11.91 -40.60
N ALA A 385 6.02 -13.17 -41.00
CA ALA A 385 5.63 -14.29 -40.17
C ALA A 385 6.75 -15.31 -40.08
N ASN A 386 6.83 -16.01 -38.95
CA ASN A 386 7.81 -17.14 -38.81
C ASN A 386 7.06 -18.42 -39.19
N CYS A 387 7.05 -18.77 -40.48
CA CYS A 387 6.24 -19.92 -40.96
C CYS A 387 6.71 -21.27 -40.42
N ILE A 388 7.80 -21.34 -39.65
CA ILE A 388 8.15 -22.61 -39.04
C ILE A 388 7.31 -22.85 -37.78
N SER A 389 7.13 -21.81 -36.96
CA SER A 389 6.42 -21.95 -35.70
C SER A 389 4.89 -21.89 -35.85
N VAL A 390 4.38 -21.38 -36.96
CA VAL A 390 2.95 -21.29 -37.18
C VAL A 390 2.63 -21.85 -38.57
N THR A 391 1.36 -22.19 -38.80
CA THR A 391 0.93 -22.68 -40.13
C THR A 391 0.75 -21.52 -41.10
N CYS A 392 1.55 -21.48 -42.18
CA CYS A 392 1.38 -20.43 -43.24
C CYS A 392 0.72 -21.09 -44.44
N GLN A 393 -0.32 -20.47 -45.02
CA GLN A 393 -1.09 -21.11 -46.13
C GLN A 393 -1.74 -20.05 -47.01
N CYS A 394 -1.91 -20.33 -48.31
CA CYS A 394 -2.59 -19.38 -49.23
C CYS A 394 -4.10 -19.67 -49.20
N GLN A 395 -4.92 -18.62 -49.14
CA GLN A 395 -6.40 -18.80 -49.16
C GLN A 395 -6.89 -18.72 -50.60
N THR A 396 -6.05 -18.26 -51.53
CA THR A 396 -6.43 -18.17 -52.93
C THR A 396 -6.24 -19.50 -53.66
N THR A 397 -5.13 -20.19 -53.40
CA THR A 397 -4.81 -21.42 -54.10
C THR A 397 -4.91 -22.66 -53.23
N GLY A 398 -4.95 -22.51 -51.91
CA GLY A 398 -5.05 -23.65 -51.01
C GLY A 398 -3.74 -24.34 -50.69
N ARG A 399 -2.62 -23.88 -51.25
CA ARG A 399 -1.34 -24.51 -51.04
C ARG A 399 -0.59 -23.82 -49.89
N ALA A 400 0.14 -24.63 -49.12
CA ALA A 400 0.82 -24.13 -47.95
C ALA A 400 2.01 -23.27 -48.32
N ILE A 401 2.41 -22.41 -47.39
CA ILE A 401 3.60 -21.57 -47.53
C ILE A 401 4.69 -22.16 -46.65
N SER A 402 5.83 -22.48 -47.24
CA SER A 402 6.91 -23.20 -46.58
C SER A 402 8.09 -22.27 -46.37
N GLN A 403 8.73 -22.39 -45.21
CA GLN A 403 9.94 -21.65 -44.88
C GLN A 403 11.08 -22.64 -44.66
N SER A 404 12.23 -22.38 -45.29
CA SER A 404 13.36 -23.27 -45.17
C SER A 404 14.19 -22.93 -43.93
N GLY A 405 15.22 -23.72 -43.69
CA GLY A 405 16.09 -23.50 -42.54
C GLY A 405 17.08 -22.37 -42.74
N GLU A 406 17.17 -21.82 -43.94
CA GLU A 406 18.09 -20.73 -44.22
C GLU A 406 17.42 -19.36 -44.12
N GLN A 407 16.15 -19.30 -43.73
CA GLN A 407 15.41 -18.06 -43.64
C GLN A 407 15.01 -17.81 -42.20
N THR A 408 15.11 -16.56 -41.75
CA THR A 408 14.66 -16.19 -40.41
C THR A 408 13.16 -15.89 -40.39
N LEU A 409 12.67 -15.14 -41.37
CA LEU A 409 11.26 -14.82 -41.48
C LEU A 409 10.86 -14.85 -42.94
N LEU A 410 9.55 -14.86 -43.17
CA LEU A 410 9.00 -14.76 -44.51
C LEU A 410 8.19 -13.47 -44.65
N MET A 411 8.33 -12.82 -45.79
CA MET A 411 7.53 -11.65 -46.14
C MET A 411 6.45 -12.09 -47.11
N ILE A 412 5.19 -11.80 -46.76
CA ILE A 412 4.04 -12.26 -47.52
C ILE A 412 3.24 -11.05 -47.97
N ASP A 413 3.19 -10.82 -49.28
CA ASP A 413 2.39 -9.76 -49.87
C ASP A 413 1.48 -10.37 -50.92
N ASN A 414 0.77 -9.51 -51.65
CA ASN A 414 -0.19 -10.03 -52.62
C ASN A 414 0.44 -10.34 -53.97
N THR A 415 1.74 -10.07 -54.13
CA THR A 415 2.44 -10.46 -55.37
C THR A 415 2.77 -11.94 -55.21
N THR A 416 2.75 -12.43 -53.98
CA THR A 416 2.98 -13.88 -53.73
C THR A 416 1.62 -14.54 -53.49
N CYS A 417 0.73 -13.87 -52.74
CA CYS A 417 -0.61 -14.43 -52.44
C CYS A 417 -1.57 -13.33 -51.99
N PRO A 418 -2.64 -13.04 -52.77
CA PRO A 418 -3.64 -12.03 -52.37
C PRO A 418 -4.19 -12.27 -50.95
N THR A 419 -4.63 -13.49 -50.65
CA THR A 419 -5.27 -13.75 -49.33
C THR A 419 -4.48 -14.80 -48.54
N ALA A 420 -4.23 -14.54 -47.25
CA ALA A 420 -3.55 -15.50 -46.40
C ALA A 420 -4.41 -15.81 -45.18
N VAL A 421 -4.33 -17.06 -44.73
CA VAL A 421 -5.02 -17.53 -43.54
C VAL A 421 -3.98 -18.01 -42.53
N LEU A 422 -4.11 -17.57 -41.28
CA LEU A 422 -3.15 -17.88 -40.23
C LEU A 422 -3.88 -18.51 -39.04
N GLY A 423 -4.73 -19.47 -39.34
CA GLY A 423 -5.52 -20.14 -38.30
C GLY A 423 -7.00 -19.77 -38.42
N ASN A 424 -7.50 -19.02 -37.44
CA ASN A 424 -8.90 -18.60 -37.45
C ASN A 424 -9.10 -17.25 -38.13
N VAL A 425 -8.04 -16.64 -38.66
CA VAL A 425 -8.12 -15.31 -39.28
C VAL A 425 -7.74 -15.42 -40.74
N ILE A 426 -8.50 -14.74 -41.59
CA ILE A 426 -8.22 -14.64 -43.02
C ILE A 426 -8.04 -13.17 -43.35
N ILE A 427 -6.90 -12.82 -43.95
CA ILE A 427 -6.53 -11.43 -44.15
C ILE A 427 -6.06 -11.23 -45.59
N SER A 428 -6.43 -10.09 -46.17
CA SER A 428 -5.99 -9.70 -47.50
C SER A 428 -4.74 -8.84 -47.38
N LEU A 429 -3.82 -9.01 -48.33
CA LEU A 429 -2.49 -8.43 -48.23
C LEU A 429 -2.31 -7.27 -49.21
N GLY A 430 -1.37 -6.40 -48.88
CA GLY A 430 -0.98 -5.31 -49.75
C GLY A 430 0.28 -5.65 -50.53
N LYS A 431 0.94 -4.60 -51.02
CA LYS A 431 2.16 -4.74 -51.79
C LYS A 431 3.34 -4.16 -51.03
N TYR A 432 4.47 -4.86 -51.05
CA TYR A 432 5.66 -4.43 -50.33
C TYR A 432 6.43 -3.41 -51.14
N LEU A 433 6.74 -2.27 -50.53
CA LEU A 433 7.57 -1.24 -51.16
C LEU A 433 9.00 -1.46 -50.71
N GLY A 434 9.78 -2.14 -51.54
CA GLY A 434 11.15 -2.46 -51.19
C GLY A 434 11.76 -3.40 -52.21
N SER A 435 12.81 -4.11 -51.78
CA SER A 435 13.50 -5.03 -52.67
C SER A 435 12.58 -6.15 -53.10
N VAL A 436 12.61 -6.47 -54.40
CA VAL A 436 11.82 -7.57 -54.93
C VAL A 436 12.37 -8.91 -54.45
N ASN A 437 13.67 -8.98 -54.14
CA ASN A 437 14.34 -10.21 -53.75
C ASN A 437 14.48 -10.36 -52.24
N TYR A 438 13.47 -9.95 -51.48
CA TYR A 438 13.56 -9.98 -50.02
C TYR A 438 13.83 -11.39 -49.49
N ASN A 439 13.10 -12.37 -50.03
CA ASN A 439 13.17 -13.73 -49.48
C ASN A 439 14.39 -14.50 -49.97
N SER A 440 15.18 -13.94 -50.89
CA SER A 440 16.35 -14.63 -51.41
C SER A 440 17.66 -14.14 -50.81
N GLU A 441 17.64 -13.09 -50.00
CA GLU A 441 18.85 -12.49 -49.46
C GLU A 441 18.90 -12.74 -47.95
N GLY A 442 20.01 -13.31 -47.49
CA GLY A 442 20.21 -13.57 -46.08
C GLY A 442 20.97 -12.46 -45.38
N ILE A 443 21.16 -12.65 -44.08
CA ILE A 443 21.86 -11.69 -43.23
C ILE A 443 22.73 -12.42 -42.22
N ALA A 444 23.61 -11.68 -41.57
CA ALA A 444 24.45 -12.20 -40.49
C ALA A 444 23.95 -11.65 -39.16
N ILE A 445 23.83 -12.53 -38.17
CA ILE A 445 23.17 -12.20 -36.92
C ILE A 445 24.19 -12.09 -35.80
N GLY A 446 23.72 -11.62 -34.63
CA GLY A 446 24.59 -11.31 -33.52
C GLY A 446 24.72 -12.46 -32.54
N PRO A 447 25.38 -12.18 -31.42
CA PRO A 447 25.68 -13.22 -30.44
C PRO A 447 24.55 -13.38 -29.43
N PRO A 448 24.38 -14.58 -28.88
CA PRO A 448 23.32 -14.79 -27.89
C PRO A 448 23.62 -14.09 -26.56
N VAL A 449 22.56 -13.76 -25.82
CA VAL A 449 22.66 -13.12 -24.52
C VAL A 449 21.67 -13.75 -23.56
N PHE A 450 21.90 -13.53 -22.27
CA PHE A 450 20.96 -13.87 -21.21
C PHE A 450 20.74 -12.62 -20.36
N THR A 451 19.48 -12.21 -20.24
CA THR A 451 19.15 -10.93 -19.60
C THR A 451 18.56 -11.09 -18.21
N ASP A 452 18.64 -12.28 -17.61
CA ASP A 452 18.14 -12.47 -16.27
C ASP A 452 18.98 -11.71 -15.26
N LYS A 453 18.35 -11.27 -14.17
CA LYS A 453 19.07 -10.49 -13.16
C LYS A 453 20.19 -11.29 -12.53
N VAL A 454 19.92 -12.54 -12.15
CA VAL A 454 20.95 -13.39 -11.57
C VAL A 454 22.00 -13.79 -12.61
N ASP A 455 21.57 -14.03 -13.86
CA ASP A 455 22.51 -14.47 -14.88
C ASP A 455 23.55 -13.40 -15.19
N ILE A 456 23.22 -12.13 -14.94
CA ILE A 456 24.19 -11.06 -15.15
C ILE A 456 25.38 -11.23 -14.23
N SER A 457 25.13 -11.55 -12.96
CA SER A 457 26.22 -11.75 -12.02
C SER A 457 27.07 -12.96 -12.37
N SER A 458 26.46 -14.02 -12.92
CA SER A 458 27.22 -15.19 -13.34
C SER A 458 28.11 -14.88 -14.53
N GLN A 459 27.59 -14.08 -15.47
CA GLN A 459 28.37 -13.77 -16.67
C GLN A 459 29.55 -12.87 -16.36
N ILE A 460 29.38 -11.93 -15.42
CA ILE A 460 30.49 -11.06 -15.04
C ILE A 460 31.59 -11.86 -14.37
N SER A 461 31.22 -12.81 -13.50
CA SER A 461 32.22 -13.64 -12.83
C SER A 461 33.00 -14.50 -13.82
N SER A 462 32.30 -15.08 -14.80
CA SER A 462 32.96 -15.97 -15.75
C SER A 462 33.98 -15.22 -16.58
N MET A 463 33.64 -14.01 -17.05
CA MET A 463 34.57 -13.23 -17.85
C MET A 463 35.78 -12.81 -17.02
N ASN A 464 35.56 -12.44 -15.76
CA ASN A 464 36.65 -11.97 -14.91
C ASN A 464 37.68 -13.08 -14.67
N GLN A 465 37.20 -14.28 -14.35
CA GLN A 465 38.12 -15.40 -14.14
C GLN A 465 38.84 -15.78 -15.42
N SER A 466 38.16 -15.73 -16.56
CA SER A 466 38.81 -15.95 -17.83
C SER A 466 39.83 -14.86 -18.13
N LEU A 467 39.52 -13.62 -17.75
CA LEU A 467 40.46 -12.52 -17.93
C LEU A 467 41.71 -12.70 -17.08
N GLN A 468 41.53 -13.17 -15.85
CA GLN A 468 42.68 -13.43 -14.97
C GLN A 468 43.56 -14.54 -15.54
N GLN A 469 42.93 -15.57 -16.11
CA GLN A 469 43.69 -16.68 -16.68
C GLN A 469 44.57 -16.22 -17.84
N SER A 470 44.07 -15.32 -18.68
CA SER A 470 44.87 -14.82 -19.79
C SER A 470 46.07 -14.03 -19.31
N LYS A 471 45.89 -13.24 -18.25
CA LYS A 471 47.00 -12.45 -17.72
C LYS A 471 48.09 -13.34 -17.15
N ASP A 472 47.71 -14.48 -16.57
CA ASP A 472 48.70 -15.38 -15.99
C ASP A 472 49.63 -15.96 -17.06
N TYR A 473 49.08 -16.35 -18.21
CA TYR A 473 49.91 -16.93 -19.27
C TYR A 473 50.77 -15.88 -19.95
N ILE A 474 50.20 -14.70 -20.22
CA ILE A 474 50.92 -13.67 -20.94
C ILE A 474 52.08 -13.09 -20.15
N LYS A 475 52.15 -13.35 -18.85
CA LYS A 475 53.24 -12.88 -18.01
C LYS A 475 54.58 -13.48 -18.46
N ILE B 27 18.24 -33.73 -12.78
CA ILE B 27 17.88 -33.56 -11.38
C ILE B 27 18.93 -32.71 -10.66
N LEU B 28 18.50 -32.04 -9.60
CA LEU B 28 19.41 -31.21 -8.82
C LEU B 28 20.13 -32.07 -7.78
N HIS B 29 21.32 -31.61 -7.38
CA HIS B 29 22.12 -32.30 -6.37
C HIS B 29 21.97 -31.53 -5.06
N TYR B 30 21.02 -31.98 -4.24
CA TYR B 30 20.63 -31.22 -3.06
C TYR B 30 21.70 -31.28 -1.96
N GLU B 31 22.49 -32.36 -1.92
CA GLU B 31 23.45 -32.51 -0.83
C GLU B 31 24.52 -31.43 -0.86
N LYS B 32 25.08 -31.16 -2.04
CA LYS B 32 26.10 -30.11 -2.13
C LYS B 32 25.49 -28.72 -2.02
N LEU B 33 24.28 -28.54 -2.56
CA LEU B 33 23.61 -27.25 -2.44
C LEU B 33 23.30 -26.92 -0.98
N SER B 34 23.04 -27.94 -0.17
CA SER B 34 22.84 -27.70 1.26
C SER B 34 24.11 -27.19 1.92
N LYS B 35 25.26 -27.76 1.56
CA LYS B 35 26.54 -27.28 2.08
C LYS B 35 26.85 -25.87 1.60
N ILE B 36 26.48 -25.53 0.37
CA ILE B 36 26.59 -24.15 -0.11
C ILE B 36 25.63 -23.22 0.63
N GLY B 37 24.56 -23.76 1.21
CA GLY B 37 23.61 -22.93 1.93
C GLY B 37 22.23 -22.84 1.30
N LEU B 38 21.90 -23.75 0.39
CA LEU B 38 20.62 -23.73 -0.31
C LEU B 38 19.79 -24.92 0.14
N VAL B 39 19.04 -24.72 1.22
CA VAL B 39 18.20 -25.76 1.79
C VAL B 39 16.94 -25.90 0.93
N LYS B 40 16.61 -27.13 0.55
CA LYS B 40 15.48 -27.36 -0.33
C LYS B 40 14.17 -27.17 0.42
N GLY B 41 13.17 -26.63 -0.26
CA GLY B 41 11.87 -26.36 0.31
C GLY B 41 10.80 -27.29 -0.22
N VAL B 42 9.60 -26.71 -0.41
CA VAL B 42 8.47 -27.50 -0.87
C VAL B 42 8.41 -27.50 -2.40
N THR B 43 7.76 -28.52 -2.95
CA THR B 43 7.58 -28.66 -4.38
C THR B 43 6.15 -28.34 -4.75
N ARG B 44 5.96 -27.60 -5.84
CA ARG B 44 4.65 -27.12 -6.25
C ARG B 44 4.39 -27.50 -7.71
N LYS B 45 3.11 -27.60 -8.05
CA LYS B 45 2.73 -27.92 -9.42
C LYS B 45 2.61 -26.66 -10.26
N TYR B 46 2.52 -26.86 -11.57
CA TYR B 46 2.48 -25.77 -12.55
C TYR B 46 1.19 -25.87 -13.36
N LYS B 47 0.38 -24.82 -13.35
CA LYS B 47 -0.88 -24.81 -14.07
C LYS B 47 -1.12 -23.43 -14.67
N ILE B 48 -1.73 -23.41 -15.86
CA ILE B 48 -1.89 -22.19 -16.65
C ILE B 48 -3.35 -22.08 -17.10
N LYS B 49 -3.80 -20.84 -17.28
CA LYS B 49 -5.15 -20.55 -17.76
C LYS B 49 -5.40 -21.12 -19.15
N SER B 50 -6.61 -21.65 -19.36
CA SER B 50 -7.01 -22.15 -20.67
C SER B 50 -8.53 -22.28 -20.73
N ASN B 51 -9.04 -22.39 -21.97
CA ASN B 51 -10.43 -22.72 -22.30
C ASN B 51 -11.45 -21.85 -21.61
N PRO B 52 -11.62 -20.60 -22.03
CA PRO B 52 -12.58 -19.71 -21.36
C PRO B 52 -13.98 -19.80 -21.94
N LEU B 53 -14.96 -19.51 -21.09
CA LEU B 53 -16.35 -19.30 -21.49
C LEU B 53 -16.64 -17.80 -21.53
N THR B 54 -17.79 -17.45 -22.11
CA THR B 54 -18.12 -16.05 -22.35
C THR B 54 -19.50 -15.70 -21.81
N LYS B 55 -19.62 -14.50 -21.22
CA LYS B 55 -20.88 -13.94 -20.78
C LYS B 55 -20.86 -12.43 -21.03
N ASP B 56 -22.04 -11.87 -21.26
CA ASP B 56 -22.18 -10.47 -21.61
C ASP B 56 -22.94 -9.70 -20.52
N ILE B 57 -22.49 -8.48 -20.24
CA ILE B 57 -23.14 -7.60 -19.27
C ILE B 57 -23.25 -6.21 -19.86
N VAL B 58 -24.12 -5.41 -19.25
CA VAL B 58 -24.32 -4.01 -19.62
C VAL B 58 -24.06 -3.15 -18.39
N ILE B 59 -23.27 -2.10 -18.54
CA ILE B 59 -22.98 -1.16 -17.48
C ILE B 59 -23.44 0.23 -17.91
N LYS B 60 -24.43 0.76 -17.20
CA LYS B 60 -24.88 2.13 -17.44
C LYS B 60 -24.04 3.09 -16.61
N MET B 61 -23.50 4.11 -17.27
CA MET B 61 -22.56 5.04 -16.65
C MET B 61 -23.20 6.36 -16.26
N ILE B 62 -24.53 6.41 -16.26
CA ILE B 62 -25.27 7.60 -15.83
C ILE B 62 -26.47 7.17 -15.00
N PRO B 63 -26.68 7.77 -13.83
CA PRO B 63 -27.81 7.38 -12.98
C PRO B 63 -29.12 7.99 -13.47
N ASN B 64 -30.21 7.43 -12.95
CA ASN B 64 -31.56 7.91 -13.26
C ASN B 64 -32.02 8.84 -12.14
N VAL B 65 -32.35 10.07 -12.51
CA VAL B 65 -32.73 11.10 -11.54
C VAL B 65 -34.17 11.56 -11.75
N SER B 66 -35.05 10.68 -12.20
CA SER B 66 -36.43 11.06 -12.49
C SER B 66 -37.18 11.50 -11.23
N ASN B 67 -36.97 10.82 -10.11
CA ASN B 67 -37.69 11.10 -8.88
C ASN B 67 -37.08 12.23 -8.06
N MET B 68 -36.09 12.94 -8.61
CA MET B 68 -35.56 14.14 -7.98
C MET B 68 -35.31 15.24 -8.99
N SER B 69 -35.92 15.16 -10.17
CA SER B 69 -35.55 16.03 -11.28
C SER B 69 -36.04 17.46 -11.09
N GLN B 70 -36.94 17.68 -10.12
CA GLN B 70 -37.53 19.00 -9.97
C GLN B 70 -36.50 20.08 -9.67
N CYS B 71 -35.42 19.75 -8.94
CA CYS B 71 -34.37 20.72 -8.72
C CYS B 71 -32.98 20.11 -8.83
N THR B 72 -32.71 19.37 -9.90
CA THR B 72 -31.36 18.89 -10.19
C THR B 72 -30.45 19.94 -10.79
N GLY B 73 -30.97 21.09 -11.19
CA GLY B 73 -30.13 22.13 -11.75
C GLY B 73 -29.62 21.75 -13.12
N SER B 74 -28.44 22.27 -13.46
CA SER B 74 -27.80 22.00 -14.75
C SER B 74 -26.57 21.12 -14.63
N VAL B 75 -26.46 20.32 -13.57
CA VAL B 75 -25.29 19.48 -13.39
C VAL B 75 -25.27 18.32 -14.39
N MET B 76 -26.45 17.81 -14.77
CA MET B 76 -26.49 16.63 -15.62
C MET B 76 -26.03 16.92 -17.04
N GLU B 77 -26.33 18.11 -17.56
CA GLU B 77 -25.86 18.47 -18.90
C GLU B 77 -24.34 18.55 -18.94
N ASN B 78 -23.72 19.16 -17.92
CA ASN B 78 -22.26 19.22 -17.86
C ASN B 78 -21.66 17.84 -17.70
N TYR B 79 -22.28 16.99 -16.87
CA TYR B 79 -21.80 15.62 -16.71
C TYR B 79 -21.85 14.86 -18.02
N LYS B 80 -22.94 15.02 -18.78
CA LYS B 80 -23.05 14.38 -20.08
C LYS B 80 -21.99 14.88 -21.04
N THR B 81 -21.75 16.20 -21.03
CA THR B 81 -20.72 16.76 -21.91
C THR B 81 -19.34 16.19 -21.58
N ARG B 82 -19.02 16.06 -20.29
CA ARG B 82 -17.74 15.48 -19.89
C ARG B 82 -17.65 14.00 -20.30
N LEU B 83 -18.71 13.24 -20.04
CA LEU B 83 -18.69 11.80 -20.31
C LEU B 83 -18.61 11.51 -21.80
N ASN B 84 -19.25 12.34 -22.62
CA ASN B 84 -19.18 12.14 -24.07
C ASN B 84 -17.75 12.31 -24.57
N GLY B 85 -17.06 13.34 -24.09
CA GLY B 85 -15.67 13.54 -24.49
C GLY B 85 -14.76 12.46 -23.94
N ILE B 86 -15.11 11.88 -22.80
CA ILE B 86 -14.33 10.75 -22.30
C ILE B 86 -14.54 9.51 -23.17
N LEU B 87 -15.79 9.24 -23.58
CA LEU B 87 -16.11 7.98 -24.24
C LEU B 87 -15.91 8.01 -25.75
N THR B 88 -15.76 9.19 -26.35
CA THR B 88 -15.60 9.25 -27.79
C THR B 88 -14.36 8.51 -28.32
N PRO B 89 -13.16 8.66 -27.75
CA PRO B 89 -11.99 7.95 -28.31
C PRO B 89 -12.13 6.43 -28.30
N ILE B 90 -12.83 5.86 -27.31
CA ILE B 90 -12.99 4.41 -27.26
C ILE B 90 -13.79 3.93 -28.47
N LYS B 91 -14.90 4.60 -28.77
CA LYS B 91 -15.69 4.24 -29.94
C LYS B 91 -14.91 4.49 -31.22
N GLY B 92 -14.15 5.58 -31.28
CA GLY B 92 -13.33 5.85 -32.44
C GLY B 92 -12.31 4.76 -32.71
N ALA B 93 -11.70 4.22 -31.64
CA ALA B 93 -10.75 3.14 -31.79
C ALA B 93 -11.45 1.82 -32.16
N LEU B 94 -12.65 1.60 -31.63
CA LEU B 94 -13.37 0.38 -31.95
C LEU B 94 -13.81 0.36 -33.42
N GLU B 95 -14.18 1.52 -33.96
CA GLU B 95 -14.73 1.56 -35.32
C GLU B 95 -13.69 1.19 -36.38
N ILE B 96 -12.40 1.15 -36.02
CA ILE B 96 -11.38 0.76 -36.99
C ILE B 96 -11.58 -0.69 -37.42
N TYR B 97 -11.83 -1.58 -36.45
CA TYR B 97 -12.02 -2.99 -36.78
C TYR B 97 -13.46 -3.29 -37.17
N LYS B 98 -14.41 -2.48 -36.71
CA LYS B 98 -15.80 -2.68 -37.08
C LYS B 98 -15.99 -2.52 -38.59
N ASN B 99 -15.38 -1.50 -39.17
CA ASN B 99 -15.56 -1.20 -40.58
C ASN B 99 -14.88 -2.21 -41.49
N ASN B 100 -13.71 -2.71 -41.10
CA ASN B 100 -12.85 -3.48 -41.98
C ASN B 100 -12.92 -4.99 -41.74
N THR B 101 -13.85 -5.45 -40.92
CA THR B 101 -14.05 -6.87 -40.67
C THR B 101 -15.40 -7.30 -41.21
N HIS B 102 -15.40 -8.35 -42.03
CA HIS B 102 -16.63 -8.84 -42.64
C HIS B 102 -16.53 -10.35 -42.76
N ASP B 103 -17.57 -10.94 -43.35
CA ASP B 103 -17.59 -12.38 -43.58
C ASP B 103 -17.34 -12.68 -45.05
N CYS B 104 -16.26 -13.40 -45.35
CA CYS B 104 -15.94 -13.77 -46.72
C CYS B 104 -15.43 -15.20 -46.77
N GLY B 112 -13.64 -18.15 -40.50
CA GLY B 112 -14.66 -17.50 -41.30
C GLY B 112 -14.67 -16.00 -41.15
N VAL B 113 -13.71 -15.48 -40.40
CA VAL B 113 -13.58 -14.05 -40.13
C VAL B 113 -12.60 -13.49 -41.14
N CYS B 114 -13.01 -12.41 -41.83
CA CYS B 114 -12.31 -11.91 -43.00
C CYS B 114 -11.96 -10.45 -42.78
N MET B 115 -10.65 -10.13 -42.83
CA MET B 115 -10.16 -8.79 -42.55
C MET B 115 -9.45 -8.21 -43.77
N ALA B 116 -9.45 -6.89 -43.85
CA ALA B 116 -8.73 -6.16 -44.90
C ALA B 116 -7.43 -5.62 -44.30
N GLY B 117 -6.31 -6.23 -44.71
CA GLY B 117 -5.03 -5.84 -44.15
C GLY B 117 -4.60 -4.44 -44.54
N VAL B 118 -4.91 -4.02 -45.77
CA VAL B 118 -4.45 -2.73 -46.27
C VAL B 118 -5.09 -1.60 -45.48
N ALA B 119 -6.37 -1.74 -45.12
CA ALA B 119 -7.07 -0.70 -44.39
C ALA B 119 -6.64 -0.59 -42.94
N ILE B 120 -6.35 -1.72 -42.28
CA ILE B 120 -5.88 -1.67 -40.90
C ILE B 120 -4.47 -1.09 -40.83
N GLY B 121 -3.60 -1.52 -41.74
CA GLY B 121 -2.26 -0.98 -41.83
C GLY B 121 -1.24 -1.63 -40.91
N ILE B 122 -1.28 -1.30 -39.64
CA ILE B 122 -0.31 -1.78 -38.66
C ILE B 122 -1.05 -2.42 -37.50
N ALA B 123 -0.67 -3.65 -37.16
CA ALA B 123 -1.31 -4.37 -36.06
C ALA B 123 -0.39 -5.50 -35.62
N THR B 124 -0.65 -6.00 -34.42
CA THR B 124 0.03 -7.17 -33.88
C THR B 124 -0.88 -8.38 -33.93
N ALA B 125 -0.31 -9.54 -33.62
CA ALA B 125 -1.08 -10.79 -33.63
C ALA B 125 -2.18 -10.76 -32.57
N ALA B 126 -1.85 -10.28 -31.37
CA ALA B 126 -2.84 -10.20 -30.31
C ALA B 126 -3.99 -9.26 -30.68
N GLN B 127 -3.65 -8.13 -31.30
CA GLN B 127 -4.68 -7.19 -31.74
C GLN B 127 -5.59 -7.80 -32.79
N ILE B 128 -5.03 -8.59 -33.71
CA ILE B 128 -5.83 -9.23 -34.74
C ILE B 128 -6.75 -10.28 -34.14
N THR B 129 -6.24 -11.06 -33.18
CA THR B 129 -7.08 -12.04 -32.49
C THR B 129 -8.22 -11.35 -31.73
N ALA B 130 -7.90 -10.23 -31.07
CA ALA B 130 -8.92 -9.47 -30.36
C ALA B 130 -9.96 -8.90 -31.34
N GLY B 131 -9.53 -8.48 -32.53
CA GLY B 131 -10.47 -8.04 -33.54
C GLY B 131 -11.39 -9.16 -34.02
N VAL B 132 -10.85 -10.37 -34.17
CA VAL B 132 -11.69 -11.52 -34.51
C VAL B 132 -12.73 -11.76 -33.42
N ALA B 133 -12.32 -11.71 -32.15
CA ALA B 133 -13.27 -11.87 -31.05
C ALA B 133 -14.31 -10.77 -31.05
N LEU B 134 -13.90 -9.53 -31.31
CA LEU B 134 -14.83 -8.41 -31.36
C LEU B 134 -15.87 -8.61 -32.46
N TYR B 135 -15.43 -9.10 -33.62
CA TYR B 135 -16.38 -9.41 -34.68
C TYR B 135 -17.34 -10.51 -34.27
N GLU B 136 -16.84 -11.53 -33.56
CA GLU B 136 -17.70 -12.64 -33.17
C GLU B 136 -18.71 -12.24 -32.11
N ALA B 137 -18.41 -11.21 -31.31
CA ALA B 137 -19.34 -10.78 -30.27
C ALA B 137 -20.48 -9.92 -30.79
N MET B 138 -20.41 -9.47 -32.04
CA MET B 138 -21.42 -8.54 -32.56
C MET B 138 -22.79 -9.20 -32.70
N LYS B 139 -22.86 -10.52 -32.86
CA LYS B 139 -24.14 -11.20 -32.96
C LYS B 139 -24.96 -10.99 -31.68
N ASN B 140 -24.32 -11.16 -30.53
CA ASN B 140 -25.01 -10.93 -29.26
C ASN B 140 -25.15 -9.44 -28.97
N ALA B 141 -24.19 -8.63 -29.43
CA ALA B 141 -24.30 -7.18 -29.23
C ALA B 141 -25.55 -6.63 -29.91
N ASP B 142 -25.83 -7.08 -31.13
CA ASP B 142 -27.03 -6.61 -31.84
C ASP B 142 -28.31 -7.01 -31.12
N ASN B 143 -28.37 -8.23 -30.58
CA ASN B 143 -29.55 -8.66 -29.84
C ASN B 143 -29.72 -7.83 -28.58
N ILE B 144 -28.63 -7.55 -27.87
CA ILE B 144 -28.73 -6.75 -26.64
C ILE B 144 -29.16 -5.33 -26.96
N ASN B 145 -28.71 -4.78 -28.09
CA ASN B 145 -29.03 -3.40 -28.43
C ASN B 145 -30.51 -3.18 -28.75
N LYS B 146 -31.31 -4.24 -28.91
CA LYS B 146 -32.74 -4.07 -29.14
C LYS B 146 -33.52 -3.75 -27.87
N LEU B 147 -32.90 -3.86 -26.70
CA LEU B 147 -33.53 -3.49 -25.44
C LEU B 147 -33.10 -2.11 -24.97
N LYS B 148 -32.74 -1.21 -25.89
CA LYS B 148 -32.24 0.11 -25.51
C LYS B 148 -33.25 0.87 -24.67
N SER B 149 -34.49 0.99 -25.16
CA SER B 149 -35.51 1.77 -24.45
C SER B 149 -35.75 1.22 -23.06
N SER B 150 -35.72 -0.10 -22.90
CA SER B 150 -35.79 -0.68 -21.57
C SER B 150 -34.54 -0.35 -20.76
N ILE B 151 -33.40 -0.16 -21.43
CA ILE B 151 -32.16 0.13 -20.71
C ILE B 151 -32.21 1.52 -20.07
N GLU B 152 -32.69 2.54 -20.82
CA GLU B 152 -32.76 3.86 -20.18
C GLU B 152 -33.76 3.87 -19.02
N SER B 153 -34.79 3.02 -19.08
CA SER B 153 -35.85 3.08 -18.09
C SER B 153 -35.48 2.41 -16.77
N THR B 154 -34.32 1.77 -16.68
CA THR B 154 -33.94 1.11 -15.43
C THR B 154 -33.72 2.13 -14.32
N ASN B 155 -34.10 1.74 -13.09
CA ASN B 155 -33.91 2.61 -11.94
C ASN B 155 -33.40 1.87 -10.70
N GLU B 156 -32.68 0.77 -10.88
CA GLU B 156 -32.10 0.02 -9.78
C GLU B 156 -30.63 -0.26 -10.07
N ALA B 157 -29.88 -0.57 -9.01
CA ALA B 157 -28.46 -0.86 -9.18
C ALA B 157 -28.24 -2.10 -10.02
N VAL B 158 -29.01 -3.16 -9.79
CA VAL B 158 -28.92 -4.40 -10.57
C VAL B 158 -30.32 -4.73 -11.09
N VAL B 159 -30.44 -4.91 -12.40
CA VAL B 159 -31.71 -5.22 -13.05
C VAL B 159 -31.49 -6.35 -14.02
N LYS B 160 -32.30 -7.41 -13.93
CA LYS B 160 -32.26 -8.52 -14.85
C LYS B 160 -33.30 -8.31 -15.96
N LEU B 161 -32.82 -8.04 -17.16
CA LEU B 161 -33.70 -7.81 -18.31
C LEU B 161 -33.86 -9.09 -19.11
N GLN B 162 -35.10 -9.40 -19.46
CA GLN B 162 -35.39 -10.58 -20.27
C GLN B 162 -36.70 -10.34 -21.02
N GLU B 163 -36.60 -10.04 -22.30
CA GLU B 163 -37.80 -9.95 -23.13
C GLU B 163 -38.33 -11.35 -23.45
N THR B 164 -37.49 -12.18 -24.07
CA THR B 164 -37.77 -13.59 -24.26
C THR B 164 -36.51 -14.36 -23.90
N ALA B 165 -36.50 -15.65 -24.24
CA ALA B 165 -35.29 -16.44 -24.06
C ALA B 165 -34.15 -15.98 -24.97
N GLU B 166 -34.45 -15.15 -25.97
CA GLU B 166 -33.42 -14.67 -26.89
C GLU B 166 -32.42 -13.75 -26.20
N LYS B 167 -32.88 -12.93 -25.26
CA LYS B 167 -32.04 -11.91 -24.62
C LYS B 167 -32.32 -11.90 -23.12
N THR B 168 -31.29 -12.22 -22.32
CA THR B 168 -31.40 -12.35 -20.87
C THR B 168 -30.26 -11.61 -20.19
N VAL B 169 -30.02 -10.37 -20.58
CA VAL B 169 -28.83 -9.64 -20.14
C VAL B 169 -29.06 -9.03 -18.76
N TYR B 170 -27.96 -8.79 -18.05
CA TYR B 170 -27.97 -8.11 -16.75
C TYR B 170 -27.49 -6.67 -16.93
N VAL B 171 -28.07 -5.75 -16.18
CA VAL B 171 -27.77 -4.33 -16.26
C VAL B 171 -27.27 -3.84 -14.91
N PHE B 172 -26.16 -3.12 -14.91
CA PHE B 172 -25.59 -2.51 -13.71
C PHE B 172 -25.51 -1.00 -13.92
N THR B 173 -26.06 -0.24 -12.96
CA THR B 173 -26.07 1.22 -13.03
C THR B 173 -25.00 1.75 -12.08
N ALA B 174 -24.23 2.72 -12.56
CA ALA B 174 -23.00 3.12 -11.88
C ALA B 174 -23.27 3.70 -10.49
N LEU B 175 -24.29 4.56 -10.37
CA LEU B 175 -24.45 5.31 -9.13
C LEU B 175 -25.90 5.39 -8.68
N GLN B 176 -26.72 4.38 -8.95
CA GLN B 176 -28.15 4.46 -8.61
C GLN B 176 -28.40 4.25 -7.12
N ASP B 177 -27.61 3.39 -6.47
CA ASP B 177 -27.86 3.08 -5.06
C ASP B 177 -27.70 4.31 -4.18
N TYR B 178 -26.65 5.10 -4.40
CA TYR B 178 -26.46 6.30 -3.61
C TYR B 178 -27.61 7.28 -3.80
N ILE B 179 -28.04 7.49 -5.05
CA ILE B 179 -29.19 8.35 -5.31
C ILE B 179 -30.39 7.87 -4.51
N ASN B 180 -30.82 6.63 -4.76
CA ASN B 180 -32.04 6.10 -4.17
C ASN B 180 -32.01 6.09 -2.64
N THR B 181 -30.84 5.85 -2.04
CA THR B 181 -30.75 5.71 -0.61
C THR B 181 -30.50 7.01 0.14
N ASN B 182 -29.90 8.01 -0.51
CA ASN B 182 -29.56 9.25 0.18
C ASN B 182 -30.30 10.47 -0.34
N LEU B 183 -30.31 10.70 -1.65
CA LEU B 183 -30.75 11.99 -2.15
C LEU B 183 -32.26 12.09 -2.21
N VAL B 184 -32.94 11.03 -2.66
CA VAL B 184 -34.40 11.05 -2.73
C VAL B 184 -35.04 11.19 -1.36
N PRO B 185 -34.66 10.42 -0.32
CA PRO B 185 -35.37 10.55 0.96
C PRO B 185 -35.22 11.91 1.63
N THR B 186 -34.20 12.70 1.30
CA THR B 186 -33.93 13.96 1.99
C THR B 186 -34.31 15.17 1.16
N ILE B 187 -35.26 15.04 0.24
CA ILE B 187 -35.64 16.17 -0.60
C ILE B 187 -36.31 17.26 0.23
N ASP B 188 -37.27 16.87 1.08
CA ASP B 188 -38.06 17.86 1.82
C ASP B 188 -37.28 18.49 2.97
N LYS B 189 -36.33 17.76 3.56
CA LYS B 189 -35.66 18.23 4.77
C LYS B 189 -34.51 19.18 4.49
N ILE B 190 -33.86 19.05 3.34
CA ILE B 190 -32.67 19.83 3.02
C ILE B 190 -33.01 20.83 1.91
N PRO B 191 -32.56 22.08 1.99
CA PRO B 191 -32.67 22.97 0.83
C PRO B 191 -31.91 22.39 -0.34
N CYS B 192 -32.64 22.07 -1.41
CA CYS B 192 -32.08 21.16 -2.41
C CYS B 192 -31.05 21.81 -3.30
N LYS B 193 -30.68 23.07 -3.02
CA LYS B 193 -29.42 23.58 -3.54
C LYS B 193 -28.24 22.77 -3.00
N GLN B 194 -28.32 22.42 -1.72
CA GLN B 194 -27.36 21.47 -1.14
C GLN B 194 -27.47 20.11 -1.81
N THR B 195 -28.67 19.70 -2.20
CA THR B 195 -28.81 18.44 -2.93
C THR B 195 -28.13 18.50 -4.29
N GLU B 196 -28.25 19.64 -4.99
CA GLU B 196 -27.52 19.82 -6.25
C GLU B 196 -26.02 19.74 -6.01
N LEU B 197 -25.53 20.41 -4.96
CA LEU B 197 -24.11 20.37 -4.66
C LEU B 197 -23.64 18.95 -4.36
N SER B 198 -24.43 18.20 -3.58
CA SER B 198 -24.09 16.82 -3.26
C SER B 198 -24.09 15.91 -4.48
N LEU B 199 -25.07 16.06 -5.37
CA LEU B 199 -25.09 15.26 -6.60
C LEU B 199 -23.89 15.60 -7.49
N ASP B 200 -23.58 16.88 -7.64
CA ASP B 200 -22.45 17.28 -8.47
C ASP B 200 -21.15 16.74 -7.89
N LEU B 201 -20.99 16.83 -6.55
CA LEU B 201 -19.77 16.34 -5.92
C LEU B 201 -19.63 14.83 -6.09
N ALA B 202 -20.72 14.08 -5.96
CA ALA B 202 -20.66 12.63 -6.15
C ALA B 202 -20.30 12.27 -7.58
N LEU B 203 -20.90 12.96 -8.55
CA LEU B 203 -20.56 12.70 -9.95
C LEU B 203 -19.09 13.01 -10.22
N SER B 204 -18.59 14.11 -9.66
CA SER B 204 -17.18 14.46 -9.85
C SER B 204 -16.25 13.44 -9.22
N LYS B 205 -16.61 12.92 -8.04
CA LYS B 205 -15.82 11.87 -7.41
C LYS B 205 -15.82 10.60 -8.25
N TYR B 206 -16.97 10.24 -8.81
CA TYR B 206 -17.06 9.09 -9.70
C TYR B 206 -16.15 9.27 -10.91
N LEU B 207 -16.17 10.46 -11.51
CA LEU B 207 -15.30 10.71 -12.66
C LEU B 207 -13.83 10.66 -12.27
N SER B 208 -13.49 11.18 -11.09
CA SER B 208 -12.11 11.14 -10.62
C SER B 208 -11.63 9.70 -10.47
N ASP B 209 -12.46 8.83 -9.91
CA ASP B 209 -12.09 7.43 -9.77
C ASP B 209 -12.05 6.73 -11.12
N LEU B 210 -12.89 7.16 -12.07
CA LEU B 210 -12.97 6.49 -13.36
C LEU B 210 -11.78 6.84 -14.26
N LEU B 211 -11.30 8.08 -14.17
CA LEU B 211 -10.30 8.56 -15.13
C LEU B 211 -8.99 7.78 -15.04
N PHE B 212 -8.73 7.12 -13.92
CA PHE B 212 -7.47 6.39 -13.76
C PHE B 212 -7.38 5.19 -14.71
N VAL B 213 -8.51 4.71 -15.20
CA VAL B 213 -8.58 3.48 -15.98
C VAL B 213 -9.03 3.73 -17.41
N PHE B 214 -10.12 4.49 -17.58
CA PHE B 214 -10.72 4.70 -18.88
C PHE B 214 -10.26 5.98 -19.58
N GLY B 215 -9.28 6.69 -19.01
CA GLY B 215 -8.78 7.89 -19.62
C GLY B 215 -7.90 7.61 -20.82
N PRO B 216 -7.01 8.55 -21.16
CA PRO B 216 -6.09 8.34 -22.29
C PRO B 216 -5.09 7.22 -22.05
N ASN B 217 -5.11 6.63 -20.85
CA ASN B 217 -4.31 5.43 -20.60
C ASN B 217 -4.79 4.26 -21.44
N LEU B 218 -6.09 4.18 -21.70
CA LEU B 218 -6.68 3.12 -22.52
C LEU B 218 -6.44 3.44 -23.99
N GLN B 219 -5.21 3.17 -24.43
CA GLN B 219 -4.83 3.42 -25.81
C GLN B 219 -5.38 2.36 -26.76
N ASP B 220 -5.45 1.11 -26.31
CA ASP B 220 -5.86 -0.01 -27.16
C ASP B 220 -6.99 -0.76 -26.48
N PRO B 221 -8.23 -0.31 -26.67
CA PRO B 221 -9.37 -1.03 -26.08
C PRO B 221 -9.73 -2.33 -26.79
N VAL B 222 -9.07 -2.65 -27.90
CA VAL B 222 -9.42 -3.85 -28.64
C VAL B 222 -9.00 -5.12 -27.89
N SER B 223 -7.84 -5.10 -27.24
CA SER B 223 -7.31 -6.28 -26.58
C SER B 223 -8.24 -6.78 -25.48
N ASN B 224 -8.04 -8.04 -25.10
CA ASN B 224 -8.85 -8.67 -24.05
C ASN B 224 -8.00 -9.06 -22.83
N SER B 225 -6.93 -8.33 -22.57
CA SER B 225 -6.09 -8.57 -21.41
C SER B 225 -6.49 -7.72 -20.20
N MET B 226 -7.58 -6.97 -20.32
CA MET B 226 -8.03 -6.09 -19.24
C MET B 226 -8.78 -6.89 -18.19
N THR B 227 -8.30 -6.87 -16.95
CA THR B 227 -8.89 -7.66 -15.89
C THR B 227 -10.24 -7.08 -15.47
N ILE B 228 -11.05 -7.91 -14.83
CA ILE B 228 -12.39 -7.48 -14.41
C ILE B 228 -12.30 -6.52 -13.23
N GLN B 229 -11.20 -6.56 -12.46
CA GLN B 229 -11.03 -5.61 -11.38
C GLN B 229 -10.91 -4.18 -11.92
N ALA B 230 -10.20 -4.01 -13.04
CA ALA B 230 -10.10 -2.69 -13.66
C ALA B 230 -11.42 -2.28 -14.29
N ILE B 231 -12.14 -3.23 -14.88
CA ILE B 231 -13.43 -2.92 -15.51
C ILE B 231 -14.45 -2.49 -14.46
N SER B 232 -14.38 -3.08 -13.28
CA SER B 232 -15.34 -2.79 -12.21
C SER B 232 -15.25 -1.35 -11.72
N GLN B 233 -14.20 -0.62 -12.08
CA GLN B 233 -14.13 0.80 -11.72
C GLN B 233 -15.25 1.61 -12.34
N ALA B 234 -15.85 1.12 -13.44
CA ALA B 234 -17.02 1.76 -13.99
C ALA B 234 -18.27 1.49 -13.16
N PHE B 235 -18.19 0.55 -12.22
CA PHE B 235 -19.28 0.23 -11.31
C PHE B 235 -18.85 0.49 -9.87
N GLY B 236 -17.93 1.44 -9.70
CA GLY B 236 -17.47 1.80 -8.37
C GLY B 236 -16.52 0.82 -7.73
N GLY B 237 -15.90 -0.06 -8.51
CA GLY B 237 -14.96 -1.02 -7.97
C GLY B 237 -15.58 -2.25 -7.33
N ASN B 238 -16.86 -2.51 -7.57
CA ASN B 238 -17.55 -3.64 -6.97
C ASN B 238 -17.62 -4.81 -7.96
N TYR B 239 -16.51 -5.54 -8.09
CA TYR B 239 -16.49 -6.69 -8.97
C TYR B 239 -17.09 -7.92 -8.31
N GLU B 240 -17.16 -7.92 -6.97
CA GLU B 240 -17.78 -9.05 -6.27
C GLU B 240 -19.25 -9.17 -6.63
N THR B 241 -19.97 -8.05 -6.69
CA THR B 241 -21.37 -8.09 -7.10
C THR B 241 -21.51 -8.62 -8.53
N LEU B 242 -20.64 -8.17 -9.44
CA LEU B 242 -20.69 -8.63 -10.82
C LEU B 242 -20.50 -10.14 -10.90
N LEU B 243 -19.45 -10.65 -10.26
CA LEU B 243 -19.16 -12.08 -10.34
C LEU B 243 -20.23 -12.92 -9.65
N ARG B 244 -20.73 -12.46 -8.50
CA ARG B 244 -21.76 -13.21 -7.80
C ARG B 244 -23.07 -13.23 -8.59
N THR B 245 -23.43 -12.13 -9.23
CA THR B 245 -24.66 -12.09 -10.02
C THR B 245 -24.51 -12.94 -11.29
N LEU B 246 -23.33 -12.93 -11.90
CA LEU B 246 -23.14 -13.65 -13.16
C LEU B 246 -23.19 -15.16 -12.98
N GLY B 247 -22.58 -15.68 -11.92
CA GLY B 247 -22.46 -17.13 -11.80
C GLY B 247 -22.10 -17.64 -10.42
N TYR B 248 -21.20 -18.64 -10.39
CA TYR B 248 -20.92 -19.40 -9.18
C TYR B 248 -19.46 -19.22 -8.79
N ALA B 249 -19.09 -19.88 -7.69
CA ALA B 249 -17.73 -19.88 -7.18
C ALA B 249 -17.35 -21.29 -6.73
N THR B 250 -16.11 -21.68 -7.01
CA THR B 250 -15.60 -23.00 -6.65
C THR B 250 -14.21 -22.83 -6.05
N GLU B 251 -13.50 -23.96 -5.91
CA GLU B 251 -12.16 -23.94 -5.35
C GLU B 251 -11.20 -23.12 -6.23
N ASP B 252 -11.30 -23.27 -7.54
CA ASP B 252 -10.40 -22.57 -8.44
C ASP B 252 -10.84 -21.14 -8.74
N PHE B 253 -12.04 -20.75 -8.31
CA PHE B 253 -12.57 -19.44 -8.66
C PHE B 253 -11.72 -18.31 -8.08
N ASP B 254 -11.44 -18.37 -6.78
CA ASP B 254 -10.66 -17.32 -6.14
C ASP B 254 -9.21 -17.32 -6.60
N ASP B 255 -8.64 -18.49 -6.87
CA ASP B 255 -7.30 -18.55 -7.42
C ASP B 255 -7.23 -17.95 -8.81
N LEU B 256 -8.26 -18.18 -9.64
CA LEU B 256 -8.33 -17.53 -10.94
C LEU B 256 -8.47 -16.02 -10.79
N LEU B 257 -9.27 -15.58 -9.82
CA LEU B 257 -9.47 -14.14 -9.62
C LEU B 257 -8.18 -13.45 -9.18
N GLU B 258 -7.44 -14.07 -8.26
CA GLU B 258 -6.25 -13.42 -7.72
C GLU B 258 -5.06 -13.53 -8.66
N SER B 259 -5.12 -14.44 -9.64
CA SER B 259 -4.05 -14.57 -10.63
C SER B 259 -4.30 -13.72 -11.87
N ASP B 260 -5.35 -12.88 -11.86
CA ASP B 260 -5.70 -12.03 -12.99
C ASP B 260 -6.00 -12.85 -14.25
N SER B 261 -6.69 -13.98 -14.06
CA SER B 261 -7.07 -14.83 -15.18
C SER B 261 -8.47 -14.56 -15.70
N ILE B 262 -9.24 -13.71 -15.02
CA ILE B 262 -10.58 -13.33 -15.45
C ILE B 262 -10.49 -11.94 -16.07
N THR B 263 -10.83 -11.84 -17.35
CA THR B 263 -10.66 -10.60 -18.10
C THR B 263 -11.96 -10.25 -18.80
N GLY B 264 -11.96 -9.08 -19.45
CA GLY B 264 -13.13 -8.63 -20.17
C GLY B 264 -12.72 -7.76 -21.36
N GLN B 265 -13.68 -7.58 -22.26
CA GLN B 265 -13.46 -6.80 -23.47
C GLN B 265 -14.69 -5.96 -23.77
N ILE B 266 -14.46 -4.70 -24.15
CA ILE B 266 -15.54 -3.80 -24.52
C ILE B 266 -15.88 -4.04 -25.99
N ILE B 267 -17.16 -4.29 -26.27
CA ILE B 267 -17.59 -4.61 -27.63
C ILE B 267 -18.57 -3.60 -28.20
N TYR B 268 -19.11 -2.68 -27.40
CA TYR B 268 -20.04 -1.68 -27.90
C TYR B 268 -20.06 -0.48 -26.97
N VAL B 269 -20.11 0.71 -27.55
CA VAL B 269 -20.18 1.96 -26.81
C VAL B 269 -21.32 2.79 -27.39
N ASP B 270 -22.20 3.26 -26.51
CA ASP B 270 -23.33 4.11 -26.91
C ASP B 270 -23.09 5.52 -26.38
N LEU B 271 -23.05 6.49 -27.29
CA LEU B 271 -22.83 7.87 -26.91
C LEU B 271 -24.12 8.66 -26.71
N SER B 272 -25.28 8.07 -27.02
CA SER B 272 -26.55 8.74 -26.83
C SER B 272 -27.25 8.29 -25.55
N SER B 273 -26.95 7.07 -25.08
CA SER B 273 -27.52 6.55 -23.86
C SER B 273 -26.48 6.32 -22.76
N TYR B 274 -25.19 6.38 -23.11
CA TYR B 274 -24.10 6.31 -22.14
C TYR B 274 -24.08 4.98 -21.39
N TYR B 275 -23.89 3.91 -22.16
CA TYR B 275 -23.66 2.59 -21.60
C TYR B 275 -22.72 1.81 -22.51
N ILE B 276 -22.09 0.79 -21.96
CA ILE B 276 -21.15 -0.06 -22.69
C ILE B 276 -21.55 -1.52 -22.49
N ILE B 277 -21.14 -2.35 -23.43
CA ILE B 277 -21.37 -3.79 -23.38
C ILE B 277 -20.02 -4.48 -23.24
N VAL B 278 -19.89 -5.34 -22.23
CA VAL B 278 -18.62 -5.98 -21.88
C VAL B 278 -18.82 -7.50 -21.92
N ARG B 279 -17.89 -8.19 -22.55
CA ARG B 279 -17.86 -9.65 -22.57
C ARG B 279 -16.81 -10.16 -21.59
N VAL B 280 -17.22 -11.03 -20.69
CA VAL B 280 -16.36 -11.53 -19.61
C VAL B 280 -15.99 -12.97 -19.91
N TYR B 281 -14.72 -13.30 -19.68
CA TYR B 281 -14.17 -14.62 -19.98
C TYR B 281 -13.90 -15.36 -18.68
N PHE B 282 -14.37 -16.62 -18.61
CA PHE B 282 -14.21 -17.47 -17.44
C PHE B 282 -13.43 -18.72 -17.84
N PRO B 283 -12.12 -18.75 -17.60
CA PRO B 283 -11.31 -19.89 -18.00
C PRO B 283 -11.19 -20.94 -16.90
N ILE B 284 -10.49 -22.01 -17.22
CA ILE B 284 -10.20 -23.06 -16.27
C ILE B 284 -8.68 -23.21 -16.14
N LEU B 285 -8.25 -23.91 -15.10
CA LEU B 285 -6.84 -24.14 -14.84
C LEU B 285 -6.47 -25.58 -15.16
N THR B 286 -5.48 -25.76 -16.03
CA THR B 286 -4.98 -27.08 -16.40
C THR B 286 -3.52 -27.19 -15.99
N GLU B 287 -3.20 -28.22 -15.21
CA GLU B 287 -1.83 -28.40 -14.76
C GLU B 287 -0.98 -28.98 -15.89
N ILE B 288 0.28 -28.55 -15.94
CA ILE B 288 1.21 -29.02 -16.96
C ILE B 288 1.81 -30.34 -16.49
N GLN B 289 1.73 -31.36 -17.34
CA GLN B 289 2.25 -32.67 -17.00
C GLN B 289 3.78 -32.66 -17.02
N GLN B 290 4.38 -33.42 -16.10
CA GLN B 290 5.83 -33.55 -16.00
C GLN B 290 6.50 -32.19 -15.78
N ALA B 291 5.90 -31.37 -14.92
CA ALA B 291 6.44 -30.06 -14.60
C ALA B 291 6.19 -29.75 -13.13
N TYR B 292 7.17 -29.11 -12.50
CA TYR B 292 7.04 -28.68 -11.11
C TYR B 292 8.03 -27.55 -10.85
N ILE B 293 7.80 -26.83 -9.76
CA ILE B 293 8.66 -25.73 -9.33
C ILE B 293 9.27 -26.10 -7.99
N GLN B 294 10.59 -26.02 -7.90
CA GLN B 294 11.33 -26.36 -6.69
C GLN B 294 11.84 -25.08 -6.04
N GLU B 295 11.76 -25.02 -4.72
CA GLU B 295 12.17 -23.84 -3.95
C GLU B 295 13.38 -24.16 -3.11
N LEU B 296 14.27 -23.17 -2.97
CA LEU B 296 15.49 -23.30 -2.19
C LEU B 296 15.50 -22.22 -1.12
N LEU B 297 15.81 -22.61 0.12
CA LEU B 297 15.83 -21.68 1.25
C LEU B 297 17.25 -21.22 1.50
N PRO B 298 17.57 -19.94 1.33
CA PRO B 298 18.96 -19.49 1.48
C PRO B 298 19.36 -19.39 2.94
N VAL B 299 20.55 -19.90 3.26
CA VAL B 299 21.13 -19.82 4.60
C VAL B 299 22.59 -19.41 4.46
N SER B 300 23.01 -18.45 5.27
CA SER B 300 24.39 -17.98 5.21
C SER B 300 25.35 -19.04 5.73
N PHE B 301 26.58 -19.01 5.21
CA PHE B 301 27.59 -19.99 5.58
C PHE B 301 28.90 -19.28 5.88
N ASN B 302 29.83 -20.03 6.46
CA ASN B 302 31.09 -19.47 6.92
C ASN B 302 32.24 -19.83 5.99
N ASN B 303 33.03 -18.81 5.64
CA ASN B 303 34.26 -19.00 4.89
C ASN B 303 35.27 -17.97 5.37
N ASP B 304 36.54 -18.38 5.42
CA ASP B 304 37.61 -17.58 6.02
C ASP B 304 37.15 -17.20 7.43
N ASN B 305 37.10 -15.91 7.78
CA ASN B 305 36.51 -15.45 9.03
C ASN B 305 35.34 -14.52 8.78
N SER B 306 34.57 -14.80 7.73
CA SER B 306 33.48 -13.92 7.31
C SER B 306 32.25 -14.77 7.01
N GLU B 307 31.19 -14.08 6.57
CA GLU B 307 29.89 -14.70 6.31
C GLU B 307 29.47 -14.42 4.87
N TRP B 308 28.89 -15.42 4.22
CA TRP B 308 28.55 -15.33 2.81
C TRP B 308 27.17 -15.92 2.55
N ILE B 309 26.55 -15.48 1.46
CA ILE B 309 25.34 -16.10 0.91
C ILE B 309 25.56 -16.35 -0.56
N SER B 310 24.81 -17.31 -1.10
CA SER B 310 24.98 -17.74 -2.48
C SER B 310 23.96 -17.05 -3.38
N ILE B 311 24.43 -16.57 -4.52
CA ILE B 311 23.59 -15.82 -5.47
C ILE B 311 23.13 -16.82 -6.52
N VAL B 312 22.00 -17.47 -6.26
CA VAL B 312 21.37 -18.37 -7.22
C VAL B 312 19.87 -18.11 -7.22
N PRO B 313 19.18 -18.52 -8.29
CA PRO B 313 17.71 -18.40 -8.28
C PRO B 313 17.08 -19.22 -7.17
N ASN B 314 16.00 -18.68 -6.60
CA ASN B 314 15.33 -19.37 -5.50
C ASN B 314 14.24 -20.31 -5.98
N PHE B 315 13.62 -20.03 -7.13
CA PHE B 315 12.60 -20.89 -7.70
C PHE B 315 13.13 -21.46 -9.02
N ILE B 316 13.08 -22.78 -9.15
CA ILE B 316 13.58 -23.48 -10.33
C ILE B 316 12.41 -24.18 -10.99
N LEU B 317 12.20 -23.91 -12.27
CA LEU B 317 11.17 -24.59 -13.05
C LEU B 317 11.79 -25.75 -13.80
N VAL B 318 11.30 -26.96 -13.54
CA VAL B 318 11.81 -28.17 -14.15
C VAL B 318 10.68 -28.82 -14.95
N ARG B 319 10.70 -28.62 -16.27
CA ARG B 319 9.82 -29.36 -17.16
C ARG B 319 10.45 -30.71 -17.46
N ASN B 320 9.95 -31.41 -18.48
CA ASN B 320 10.18 -32.85 -18.65
C ASN B 320 11.55 -33.31 -18.16
N THR B 321 12.62 -32.73 -18.70
CA THR B 321 13.96 -32.93 -18.16
C THR B 321 14.79 -31.65 -18.18
N LEU B 322 14.17 -30.50 -18.44
CA LEU B 322 14.90 -29.26 -18.75
C LEU B 322 14.78 -28.30 -17.59
N ILE B 323 15.91 -27.72 -17.18
CA ILE B 323 15.97 -26.75 -16.10
C ILE B 323 16.00 -25.36 -16.69
N SER B 324 15.17 -24.46 -16.16
CA SER B 324 15.12 -23.09 -16.63
C SER B 324 14.59 -22.20 -15.51
N ASN B 325 14.62 -20.90 -15.76
CA ASN B 325 14.12 -19.92 -14.81
C ASN B 325 12.63 -19.67 -15.02
N ILE B 326 12.07 -18.78 -14.20
CA ILE B 326 10.66 -18.41 -14.28
C ILE B 326 10.47 -17.06 -13.63
N GLU B 327 9.69 -16.19 -14.29
CA GLU B 327 9.34 -14.88 -13.74
C GLU B 327 8.17 -15.03 -12.76
N ILE B 328 8.49 -15.54 -11.57
CA ILE B 328 7.45 -15.90 -10.61
C ILE B 328 6.81 -14.69 -9.95
N GLY B 329 7.35 -13.49 -10.18
CA GLY B 329 6.72 -12.28 -9.65
C GLY B 329 5.38 -11.97 -10.29
N PHE B 330 5.13 -12.49 -11.49
CA PHE B 330 3.86 -12.31 -12.17
C PHE B 330 2.86 -13.42 -11.90
N CYS B 331 3.23 -14.42 -11.11
CA CYS B 331 2.37 -15.56 -10.82
C CYS B 331 1.88 -15.51 -9.38
N LEU B 332 0.96 -16.41 -9.07
CA LEU B 332 0.41 -16.57 -7.73
C LEU B 332 0.98 -17.84 -7.11
N ILE B 333 1.51 -17.72 -5.89
CA ILE B 333 2.15 -18.84 -5.20
C ILE B 333 1.23 -19.30 -4.08
N THR B 334 0.96 -20.61 -4.04
CA THR B 334 0.11 -21.21 -3.02
C THR B 334 0.91 -22.27 -2.28
N LYS B 335 0.22 -23.01 -1.40
CA LYS B 335 0.89 -24.06 -0.63
C LYS B 335 1.40 -25.17 -1.53
N ARG B 336 0.62 -25.56 -2.53
CA ARG B 336 0.93 -26.73 -3.33
C ARG B 336 0.88 -26.51 -4.83
N SER B 337 0.80 -25.27 -5.31
CA SER B 337 0.74 -25.02 -6.74
C SER B 337 1.18 -23.60 -7.04
N VAL B 338 1.63 -23.38 -8.27
CA VAL B 338 1.94 -22.06 -8.80
C VAL B 338 1.01 -21.80 -9.98
N ILE B 339 0.28 -20.70 -9.94
CA ILE B 339 -0.79 -20.43 -10.89
C ILE B 339 -0.42 -19.16 -11.67
N CYS B 340 -0.38 -19.30 -13.00
CA CYS B 340 -0.06 -18.19 -13.88
C CYS B 340 -1.09 -18.13 -15.01
N ASN B 341 -1.31 -16.93 -15.53
CA ASN B 341 -2.17 -16.74 -16.68
C ASN B 341 -1.43 -16.90 -18.00
N GLN B 342 -0.13 -17.19 -17.95
CA GLN B 342 0.71 -17.25 -19.14
C GLN B 342 1.99 -17.96 -18.75
N ASP B 343 2.61 -18.63 -19.73
CA ASP B 343 3.88 -19.32 -19.50
C ASP B 343 4.97 -18.26 -19.32
N TYR B 344 5.66 -18.30 -18.17
CA TYR B 344 6.68 -17.32 -17.84
C TYR B 344 8.08 -17.93 -17.77
N ALA B 345 8.34 -18.99 -18.53
CA ALA B 345 9.67 -19.60 -18.52
C ALA B 345 10.67 -18.70 -19.23
N THR B 346 11.89 -18.68 -18.72
CA THR B 346 12.97 -17.87 -19.27
C THR B 346 14.24 -18.71 -19.32
N PRO B 347 15.18 -18.40 -20.22
CA PRO B 347 16.37 -19.24 -20.36
C PRO B 347 17.30 -19.13 -19.17
N MET B 348 18.25 -20.08 -19.11
CA MET B 348 19.24 -20.14 -18.05
C MET B 348 20.61 -20.38 -18.66
N THR B 349 21.65 -19.84 -18.02
CA THR B 349 23.01 -20.01 -18.51
C THR B 349 23.52 -21.42 -18.21
N ASN B 350 24.55 -21.82 -18.95
CA ASN B 350 25.15 -23.13 -18.74
C ASN B 350 25.86 -23.22 -17.39
N ASN B 351 26.52 -22.14 -16.96
CA ASN B 351 27.22 -22.16 -15.69
C ASN B 351 26.26 -22.34 -14.52
N MET B 352 25.11 -21.66 -14.56
CA MET B 352 24.13 -21.82 -13.49
C MET B 352 23.56 -23.23 -13.49
N ARG B 353 23.32 -23.80 -14.66
CA ARG B 353 22.83 -25.18 -14.74
C ARG B 353 23.85 -26.15 -14.18
N GLU B 354 25.14 -25.92 -14.45
CA GLU B 354 26.18 -26.77 -13.86
C GLU B 354 26.27 -26.58 -12.35
N CYS B 355 26.06 -25.35 -11.87
CA CYS B 355 25.99 -25.11 -10.43
C CYS B 355 24.86 -25.93 -9.80
N LEU B 356 23.69 -25.93 -10.42
CA LEU B 356 22.54 -26.61 -9.82
C LEU B 356 22.67 -28.13 -9.89
N THR B 357 23.51 -28.64 -10.78
CA THR B 357 23.65 -30.09 -10.96
C THR B 357 24.84 -30.68 -10.21
N GLY B 358 25.58 -29.88 -9.44
CA GLY B 358 26.60 -30.45 -8.59
C GLY B 358 27.92 -29.71 -8.50
N SER B 359 28.29 -28.95 -9.54
CA SER B 359 29.58 -28.25 -9.55
C SER B 359 29.43 -26.96 -8.78
N THR B 360 29.80 -26.99 -7.49
CA THR B 360 29.63 -25.84 -6.62
C THR B 360 30.69 -24.78 -6.84
N GLU B 361 31.77 -25.10 -7.56
CA GLU B 361 32.81 -24.11 -7.81
C GLU B 361 32.36 -23.02 -8.77
N LYS B 362 31.22 -23.18 -9.43
CA LYS B 362 30.69 -22.21 -10.37
C LYS B 362 29.56 -21.37 -9.79
N CYS B 363 29.33 -21.44 -8.49
CA CYS B 363 28.21 -20.74 -7.88
C CYS B 363 28.68 -19.46 -7.21
N PRO B 364 28.25 -18.28 -7.67
CA PRO B 364 28.72 -17.04 -7.07
C PRO B 364 28.20 -16.84 -5.65
N ARG B 365 28.95 -16.08 -4.87
CA ARG B 365 28.61 -15.77 -3.49
C ARG B 365 28.83 -14.29 -3.22
N GLU B 366 28.14 -13.76 -2.22
CA GLU B 366 28.21 -12.36 -1.87
C GLU B 366 28.45 -12.19 -0.37
N LEU B 367 29.15 -11.13 -0.01
CA LEU B 367 29.48 -10.86 1.38
C LEU B 367 28.25 -10.40 2.16
N VAL B 368 28.24 -10.68 3.45
CA VAL B 368 27.15 -10.28 4.34
C VAL B 368 27.65 -9.18 5.26
N VAL B 369 26.98 -8.03 5.23
CA VAL B 369 27.35 -6.88 6.06
C VAL B 369 26.20 -6.61 7.03
N SER B 370 24.97 -6.90 6.61
CA SER B 370 23.82 -6.72 7.46
C SER B 370 23.72 -7.87 8.46
N SER B 371 23.01 -7.62 9.56
CA SER B 371 22.85 -8.61 10.62
C SER B 371 21.47 -9.26 10.64
N HIS B 372 20.70 -9.17 9.56
CA HIS B 372 19.34 -9.67 9.53
C HIS B 372 19.12 -10.79 8.52
N VAL B 373 20.19 -11.37 7.98
CA VAL B 373 20.06 -12.51 7.07
C VAL B 373 19.85 -13.77 7.91
N PRO B 374 19.18 -14.80 7.39
CA PRO B 374 18.92 -16.01 8.19
C PRO B 374 20.20 -16.79 8.45
N ARG B 375 20.22 -17.48 9.60
CA ARG B 375 21.35 -18.33 9.98
C ARG B 375 21.05 -19.82 9.92
N PHE B 376 19.79 -20.22 9.92
CA PHE B 376 19.47 -21.65 9.93
C PHE B 376 18.11 -21.88 9.29
N ALA B 377 17.86 -23.15 8.95
CA ALA B 377 16.61 -23.57 8.35
C ALA B 377 16.39 -25.05 8.66
N LEU B 378 15.13 -25.48 8.51
CA LEU B 378 14.73 -26.84 8.80
C LEU B 378 14.19 -27.51 7.54
N SER B 379 14.62 -28.73 7.29
CA SER B 379 14.16 -29.48 6.13
C SER B 379 14.03 -30.95 6.49
N ASN B 380 12.81 -31.49 6.36
CA ASN B 380 12.53 -32.90 6.64
C ASN B 380 12.95 -33.30 8.06
N GLY B 381 12.73 -32.40 9.01
CA GLY B 381 13.10 -32.68 10.39
C GLY B 381 14.58 -32.60 10.68
N VAL B 382 15.38 -32.08 9.74
CA VAL B 382 16.83 -31.99 9.89
C VAL B 382 17.21 -30.51 9.87
N LEU B 383 18.13 -30.14 10.75
CA LEU B 383 18.50 -28.74 10.96
C LEU B 383 19.84 -28.45 10.32
N PHE B 384 19.88 -27.41 9.48
CA PHE B 384 21.11 -26.91 8.89
C PHE B 384 21.38 -25.52 9.44
N ALA B 385 22.46 -25.37 10.20
CA ALA B 385 22.70 -24.14 10.92
C ALA B 385 24.16 -23.71 10.79
N ASN B 386 24.38 -22.40 10.84
CA ASN B 386 25.72 -21.82 10.87
C ASN B 386 26.05 -21.49 12.32
N CYS B 387 26.64 -22.46 13.00
CA CYS B 387 26.89 -22.33 14.44
C CYS B 387 28.06 -21.41 14.78
N ILE B 388 28.77 -20.80 13.84
CA ILE B 388 29.74 -19.78 14.20
C ILE B 388 29.05 -18.52 14.69
N SER B 389 27.94 -18.13 14.04
CA SER B 389 27.25 -16.89 14.35
C SER B 389 26.09 -17.06 15.32
N VAL B 390 25.62 -18.28 15.55
CA VAL B 390 24.56 -18.54 16.52
C VAL B 390 25.03 -19.64 17.45
N THR B 391 24.53 -19.62 18.69
CA THR B 391 24.95 -20.57 19.71
C THR B 391 24.11 -21.83 19.61
N CYS B 392 24.69 -22.87 19.05
CA CYS B 392 24.03 -24.18 19.00
C CYS B 392 24.46 -25.00 20.21
N GLN B 393 23.50 -25.72 20.80
CA GLN B 393 23.80 -26.59 21.93
C GLN B 393 22.75 -27.68 22.01
N CYS B 394 23.12 -28.79 22.63
CA CYS B 394 22.29 -29.99 22.68
C CYS B 394 21.61 -30.07 24.04
N GLN B 395 20.28 -30.18 24.03
CA GLN B 395 19.51 -30.26 25.27
C GLN B 395 19.62 -31.62 25.94
N THR B 396 20.04 -32.65 25.21
CA THR B 396 20.15 -33.98 25.79
C THR B 396 21.37 -34.11 26.69
N THR B 397 22.54 -33.79 26.17
CA THR B 397 23.78 -33.92 26.94
C THR B 397 24.18 -32.63 27.64
N GLY B 398 23.59 -31.50 27.28
CA GLY B 398 23.94 -30.23 27.89
C GLY B 398 25.22 -29.61 27.39
N ARG B 399 25.82 -30.15 26.33
CA ARG B 399 27.07 -29.63 25.80
C ARG B 399 26.81 -28.81 24.53
N ALA B 400 27.66 -27.81 24.32
CA ALA B 400 27.51 -26.95 23.16
C ALA B 400 27.93 -27.67 21.89
N ILE B 401 27.42 -27.18 20.76
CA ILE B 401 27.77 -27.71 19.44
C ILE B 401 28.71 -26.71 18.78
N SER B 402 29.89 -27.18 18.38
CA SER B 402 30.96 -26.33 17.91
C SER B 402 31.20 -26.55 16.42
N GLN B 403 31.54 -25.48 15.72
CA GLN B 403 31.87 -25.51 14.29
C GLN B 403 33.33 -25.13 14.10
N SER B 404 34.06 -25.95 13.35
CA SER B 404 35.44 -25.63 13.04
C SER B 404 35.52 -24.58 11.95
N GLY B 405 36.71 -24.04 11.75
CA GLY B 405 36.89 -23.01 10.74
C GLY B 405 36.86 -23.52 9.31
N GLU B 406 36.92 -24.84 9.11
CA GLU B 406 36.90 -25.43 7.79
C GLU B 406 35.54 -25.96 7.37
N GLN B 407 34.50 -25.74 8.17
CA GLN B 407 33.15 -26.21 7.84
C GLN B 407 32.25 -25.02 7.55
N THR B 408 31.56 -25.07 6.41
CA THR B 408 30.62 -24.02 6.05
C THR B 408 29.33 -24.11 6.88
N LEU B 409 28.82 -25.32 7.06
CA LEU B 409 27.55 -25.52 7.76
C LEU B 409 27.61 -26.84 8.52
N LEU B 410 26.69 -26.99 9.46
CA LEU B 410 26.50 -28.25 10.17
C LEU B 410 25.10 -28.81 9.94
N MET B 411 25.04 -30.11 9.70
CA MET B 411 23.79 -30.84 9.64
C MET B 411 23.58 -31.52 10.98
N ILE B 412 22.44 -31.24 11.63
CA ILE B 412 22.15 -31.77 12.95
C ILE B 412 20.91 -32.66 12.83
N ASP B 413 21.08 -33.93 13.18
CA ASP B 413 19.99 -34.90 13.18
C ASP B 413 20.03 -35.65 14.51
N ASN B 414 19.07 -36.55 14.70
CA ASN B 414 18.95 -37.17 16.02
C ASN B 414 19.94 -38.29 16.27
N THR B 415 20.83 -38.57 15.31
CA THR B 415 21.92 -39.51 15.59
C THR B 415 23.00 -38.87 16.45
N THR B 416 23.17 -37.56 16.37
CA THR B 416 24.16 -36.83 17.16
C THR B 416 23.52 -35.97 18.25
N CYS B 417 22.32 -35.45 18.02
CA CYS B 417 21.65 -34.59 18.99
C CYS B 417 20.14 -34.71 18.83
N PRO B 418 19.48 -35.54 19.65
CA PRO B 418 18.03 -35.70 19.49
C PRO B 418 17.22 -34.43 19.74
N THR B 419 17.77 -33.46 20.46
CA THR B 419 17.04 -32.24 20.76
C THR B 419 18.02 -31.09 20.91
N ALA B 420 17.85 -30.05 20.10
CA ALA B 420 18.76 -28.92 20.07
C ALA B 420 18.06 -27.64 20.52
N VAL B 421 18.83 -26.73 21.11
CA VAL B 421 18.32 -25.45 21.60
C VAL B 421 19.00 -24.33 20.82
N LEU B 422 18.18 -23.48 20.19
CA LEU B 422 18.66 -22.30 19.48
C LEU B 422 17.98 -21.06 20.07
N GLY B 423 18.59 -20.53 21.14
CA GLY B 423 18.02 -19.38 21.80
C GLY B 423 16.74 -19.68 22.55
N ASN B 424 15.62 -19.17 22.04
CA ASN B 424 14.34 -19.31 22.71
C ASN B 424 13.51 -20.49 22.23
N VAL B 425 14.05 -21.32 21.34
CA VAL B 425 13.30 -22.44 20.77
C VAL B 425 14.02 -23.74 21.09
N ILE B 426 13.24 -24.75 21.48
CA ILE B 426 13.74 -26.12 21.68
C ILE B 426 12.99 -27.01 20.71
N ILE B 427 13.73 -27.72 19.85
CA ILE B 427 13.12 -28.46 18.75
C ILE B 427 13.72 -29.86 18.71
N SER B 428 12.85 -30.86 18.52
CA SER B 428 13.28 -32.24 18.31
C SER B 428 13.51 -32.49 16.83
N LEU B 429 14.49 -33.34 16.53
CA LEU B 429 14.98 -33.51 15.18
C LEU B 429 14.81 -34.94 14.69
N GLY B 430 14.70 -35.08 13.37
CA GLY B 430 14.61 -36.38 12.74
C GLY B 430 15.97 -36.91 12.33
N LYS B 431 15.95 -37.84 11.37
CA LYS B 431 17.16 -38.49 10.89
C LYS B 431 17.43 -38.11 9.44
N TYR B 432 18.71 -37.89 9.13
CA TYR B 432 19.11 -37.51 7.78
C TYR B 432 19.21 -38.74 6.89
N LEU B 433 18.66 -38.62 5.67
CA LEU B 433 18.65 -39.73 4.72
C LEU B 433 19.82 -39.73 3.77
N GLY B 434 20.73 -38.75 3.86
CA GLY B 434 21.86 -38.67 2.96
C GLY B 434 23.08 -39.41 3.46
N SER B 435 24.26 -38.85 3.18
CA SER B 435 25.50 -39.50 3.58
C SER B 435 25.71 -39.38 5.08
N VAL B 436 26.23 -40.45 5.68
CA VAL B 436 26.52 -40.43 7.12
C VAL B 436 27.73 -39.54 7.40
N ASN B 437 28.65 -39.43 6.45
CA ASN B 437 29.87 -38.65 6.63
C ASN B 437 29.71 -37.20 6.19
N TYR B 438 28.50 -36.64 6.28
CA TYR B 438 28.22 -35.29 5.79
C TYR B 438 29.14 -34.24 6.39
N ASN B 439 29.35 -34.31 7.71
CA ASN B 439 30.07 -33.24 8.40
C ASN B 439 31.58 -33.32 8.25
N SER B 440 32.11 -34.38 7.63
CA SER B 440 33.55 -34.55 7.49
C SER B 440 34.06 -34.36 6.06
N GLU B 441 33.20 -33.92 5.13
CA GLU B 441 33.57 -33.75 3.74
C GLU B 441 33.40 -32.29 3.34
N GLY B 442 34.45 -31.70 2.76
CA GLY B 442 34.38 -30.32 2.31
C GLY B 442 33.99 -30.19 0.85
N ILE B 443 33.85 -28.94 0.42
CA ILE B 443 33.45 -28.63 -0.95
C ILE B 443 34.29 -27.47 -1.47
N ALA B 444 34.19 -27.25 -2.78
CA ALA B 444 34.83 -26.10 -3.42
C ALA B 444 33.89 -24.90 -3.39
N ILE B 445 34.47 -23.71 -3.34
CA ILE B 445 33.72 -22.47 -3.16
C ILE B 445 33.90 -21.59 -4.38
N GLY B 446 32.83 -20.91 -4.78
CA GLY B 446 32.85 -20.09 -5.97
C GLY B 446 33.40 -18.70 -5.71
N PRO B 447 33.33 -17.85 -6.74
CA PRO B 447 33.95 -16.52 -6.65
C PRO B 447 33.00 -15.50 -6.05
N PRO B 448 33.53 -14.51 -5.33
CA PRO B 448 32.67 -13.46 -4.78
C PRO B 448 32.14 -12.53 -5.85
N VAL B 449 30.98 -11.91 -5.57
CA VAL B 449 30.33 -10.99 -6.49
C VAL B 449 29.78 -9.81 -5.70
N PHE B 450 29.36 -8.78 -6.43
CA PHE B 450 28.65 -7.63 -5.87
C PHE B 450 27.46 -7.35 -6.77
N THR B 451 26.26 -7.28 -6.18
CA THR B 451 25.03 -7.22 -6.94
C THR B 451 24.38 -5.85 -6.93
N ASP B 452 25.03 -4.83 -6.39
CA ASP B 452 24.48 -3.48 -6.39
C ASP B 452 24.44 -2.93 -7.81
N LYS B 453 23.39 -2.15 -8.10
CA LYS B 453 23.22 -1.62 -9.46
C LYS B 453 24.38 -0.72 -9.86
N VAL B 454 24.79 0.19 -8.97
CA VAL B 454 25.91 1.07 -9.28
C VAL B 454 27.21 0.28 -9.35
N ASP B 455 27.36 -0.76 -8.53
CA ASP B 455 28.57 -1.58 -8.57
C ASP B 455 28.69 -2.35 -9.88
N ILE B 456 27.56 -2.62 -10.53
CA ILE B 456 27.59 -3.31 -11.82
C ILE B 456 28.32 -2.47 -12.85
N SER B 457 28.04 -1.17 -12.88
CA SER B 457 28.70 -0.28 -13.84
C SER B 457 30.20 -0.16 -13.56
N SER B 458 30.59 -0.14 -12.28
CA SER B 458 32.00 -0.04 -11.95
C SER B 458 32.77 -1.29 -12.35
N GLN B 459 32.14 -2.46 -12.19
CA GLN B 459 32.83 -3.71 -12.53
C GLN B 459 33.02 -3.85 -14.03
N ILE B 460 32.08 -3.35 -14.81
CA ILE B 460 32.23 -3.37 -16.27
C ILE B 460 33.38 -2.46 -16.70
N SER B 461 33.49 -1.29 -16.08
CA SER B 461 34.55 -0.35 -16.42
C SER B 461 35.93 -0.94 -16.09
N SER B 462 36.06 -1.54 -14.90
CA SER B 462 37.34 -2.10 -14.50
C SER B 462 37.75 -3.25 -15.40
N MET B 463 36.79 -4.11 -15.77
CA MET B 463 37.11 -5.22 -16.66
C MET B 463 37.52 -4.75 -18.05
N ASN B 464 36.82 -3.73 -18.57
CA ASN B 464 37.13 -3.23 -19.91
C ASN B 464 38.52 -2.61 -19.96
N GLN B 465 38.86 -1.80 -18.96
CA GLN B 465 40.17 -1.17 -18.95
C GLN B 465 41.29 -2.19 -18.85
N SER B 466 41.11 -3.21 -18.01
CA SER B 466 42.10 -4.28 -17.91
C SER B 466 42.19 -5.06 -19.22
N LEU B 467 41.04 -5.22 -19.90
CA LEU B 467 41.05 -5.92 -21.18
C LEU B 467 41.84 -5.14 -22.22
N GLN B 468 41.69 -3.81 -22.23
CA GLN B 468 42.39 -3.00 -23.23
C GLN B 468 43.90 -3.07 -23.04
N GLN B 469 44.37 -3.10 -21.79
CA GLN B 469 45.80 -3.21 -21.54
C GLN B 469 46.36 -4.52 -22.08
N SER B 470 45.61 -5.62 -21.92
CA SER B 470 46.06 -6.90 -22.46
C SER B 470 46.13 -6.86 -23.98
N LYS B 471 45.18 -6.19 -24.64
CA LYS B 471 45.24 -6.03 -26.09
C LYS B 471 46.46 -5.20 -26.49
N ASP B 472 46.75 -4.13 -25.74
CA ASP B 472 47.93 -3.32 -26.03
C ASP B 472 49.22 -4.04 -25.67
N TYR B 473 49.18 -4.89 -24.63
CA TYR B 473 50.38 -5.60 -24.21
C TYR B 473 50.88 -6.55 -25.30
N ILE B 474 49.96 -7.28 -25.94
CA ILE B 474 50.36 -8.25 -26.94
C ILE B 474 50.73 -7.58 -28.26
N LYS B 475 50.28 -6.34 -28.49
CA LYS B 475 50.62 -5.61 -29.70
C LYS B 475 52.04 -5.06 -29.62
N ILE C 27 35.88 8.82 6.03
CA ILE C 27 37.07 9.54 5.61
C ILE C 27 36.95 9.95 4.14
N LEU C 28 35.77 10.43 3.76
CA LEU C 28 35.55 10.88 2.39
C LEU C 28 36.34 12.16 2.12
N HIS C 29 36.82 12.28 0.88
CA HIS C 29 37.58 13.45 0.43
C HIS C 29 36.62 14.35 -0.34
N TYR C 30 36.00 15.29 0.38
CA TYR C 30 34.96 16.11 -0.22
C TYR C 30 35.52 17.11 -1.22
N GLU C 31 36.74 17.60 -1.01
CA GLU C 31 37.31 18.59 -1.91
C GLU C 31 37.49 18.02 -3.32
N LYS C 32 38.00 16.79 -3.42
CA LYS C 32 38.17 16.18 -4.73
C LYS C 32 36.84 15.74 -5.31
N LEU C 33 35.92 15.29 -4.47
CA LEU C 33 34.61 14.86 -4.95
C LEU C 33 33.82 16.03 -5.52
N SER C 34 34.03 17.23 -4.99
CA SER C 34 33.28 18.39 -5.45
C SER C 34 33.58 18.74 -6.90
N LYS C 35 34.82 18.53 -7.34
CA LYS C 35 35.19 18.92 -8.72
C LYS C 35 34.45 18.03 -9.72
N ILE C 36 34.18 16.77 -9.34
CA ILE C 36 33.39 15.86 -10.24
C ILE C 36 31.90 16.11 -10.00
N GLY C 37 31.55 17.22 -9.36
CA GLY C 37 30.14 17.57 -9.15
C GLY C 37 29.46 16.70 -8.11
N LEU C 38 30.14 16.37 -7.01
CA LEU C 38 29.48 15.61 -5.92
C LEU C 38 29.46 16.50 -4.68
N VAL C 39 28.55 17.47 -4.65
CA VAL C 39 28.49 18.44 -3.56
C VAL C 39 27.86 17.77 -2.35
N LYS C 40 28.53 17.88 -1.20
CA LYS C 40 28.06 17.18 -0.01
C LYS C 40 26.79 17.82 0.53
N GLY C 41 25.87 16.99 1.00
CA GLY C 41 24.60 17.44 1.54
C GLY C 41 24.59 17.44 3.06
N VAL C 42 23.42 17.15 3.62
CA VAL C 42 23.27 17.14 5.07
C VAL C 42 23.65 15.77 5.62
N THR C 43 23.98 15.74 6.91
CA THR C 43 24.31 14.51 7.61
C THR C 43 23.13 14.08 8.47
N ARG C 44 22.81 12.79 8.41
CA ARG C 44 21.65 12.25 9.09
C ARG C 44 22.06 11.11 10.01
N LYS C 45 21.18 10.80 10.97
CA LYS C 45 21.43 9.72 11.92
C LYS C 45 20.80 8.42 11.45
N TYR C 46 21.27 7.32 12.02
CA TYR C 46 20.81 5.98 11.66
C TYR C 46 20.18 5.35 12.89
N LYS C 47 18.92 4.89 12.76
CA LYS C 47 18.20 4.30 13.87
C LYS C 47 17.26 3.22 13.36
N ILE C 48 17.10 2.16 14.15
CA ILE C 48 16.31 0.99 13.79
C ILE C 48 15.36 0.67 14.94
N LYS C 49 14.23 0.04 14.62
CA LYS C 49 13.25 -0.31 15.64
C LYS C 49 13.75 -1.46 16.52
N SER C 50 13.25 -1.50 17.75
CA SER C 50 13.60 -2.56 18.69
C SER C 50 12.65 -2.52 19.88
N ASN C 51 12.66 -3.59 20.66
CA ASN C 51 11.94 -3.68 21.93
C ASN C 51 10.45 -3.40 21.79
N PRO C 52 9.68 -4.30 21.17
CA PRO C 52 8.25 -4.04 20.96
C PRO C 52 7.42 -4.39 22.18
N LEU C 53 6.38 -3.59 22.42
CA LEU C 53 5.35 -3.92 23.38
C LEU C 53 4.12 -4.44 22.64
N THR C 54 3.30 -5.24 23.34
CA THR C 54 2.23 -5.97 22.70
C THR C 54 0.88 -5.63 23.32
N LYS C 55 -0.14 -5.52 22.46
CA LYS C 55 -1.53 -5.37 22.88
C LYS C 55 -2.39 -6.20 21.96
N ASP C 56 -3.56 -6.62 22.45
CA ASP C 56 -4.47 -7.50 21.72
C ASP C 56 -5.75 -6.76 21.38
N ILE C 57 -6.23 -6.95 20.15
CA ILE C 57 -7.49 -6.37 19.70
C ILE C 57 -8.32 -7.47 19.05
N VAL C 58 -9.63 -7.23 18.96
CA VAL C 58 -10.58 -8.15 18.34
C VAL C 58 -11.31 -7.40 17.23
N ILE C 59 -11.32 -8.00 16.04
CA ILE C 59 -12.02 -7.44 14.89
C ILE C 59 -13.11 -8.42 14.48
N LYS C 60 -14.36 -7.94 14.49
CA LYS C 60 -15.50 -8.74 14.06
C LYS C 60 -15.87 -8.34 12.64
N MET C 61 -15.92 -9.34 11.75
CA MET C 61 -16.06 -9.10 10.32
C MET C 61 -17.51 -9.18 9.85
N ILE C 62 -18.46 -9.29 10.77
CA ILE C 62 -19.88 -9.34 10.39
C ILE C 62 -20.65 -8.35 11.28
N PRO C 63 -21.51 -7.53 10.70
CA PRO C 63 -22.25 -6.55 11.51
C PRO C 63 -23.47 -7.15 12.18
N ASN C 64 -24.04 -6.38 13.09
CA ASN C 64 -25.25 -6.78 13.82
C ASN C 64 -26.44 -6.09 13.18
N VAL C 65 -27.43 -6.89 12.76
CA VAL C 65 -28.60 -6.38 12.06
C VAL C 65 -29.88 -6.65 12.83
N SER C 66 -29.82 -6.66 14.17
CA SER C 66 -30.97 -7.02 14.97
C SER C 66 -32.09 -5.98 14.85
N ASN C 67 -31.76 -4.70 14.93
CA ASN C 67 -32.76 -3.64 14.89
C ASN C 67 -33.30 -3.38 13.49
N MET C 68 -32.90 -4.20 12.50
CA MET C 68 -33.46 -4.10 11.15
C MET C 68 -33.67 -5.47 10.53
N SER C 69 -33.81 -6.51 11.35
CA SER C 69 -33.79 -7.89 10.86
C SER C 69 -35.07 -8.33 10.19
N GLN C 70 -36.13 -7.52 10.22
CA GLN C 70 -37.44 -7.99 9.76
C GLN C 70 -37.46 -8.31 8.27
N CYS C 71 -36.74 -7.57 7.43
CA CYS C 71 -36.69 -7.83 6.00
C CYS C 71 -35.28 -7.70 5.46
N THR C 72 -34.32 -8.37 6.08
CA THR C 72 -32.96 -8.45 5.55
C THR C 72 -32.80 -9.50 4.44
N GLY C 73 -33.83 -10.32 4.20
CA GLY C 73 -33.75 -11.30 3.14
C GLY C 73 -32.76 -12.41 3.46
N SER C 74 -32.11 -12.92 2.41
CA SER C 74 -31.17 -14.02 2.54
C SER C 74 -29.73 -13.63 2.24
N VAL C 75 -29.40 -12.34 2.32
CA VAL C 75 -28.05 -11.90 2.00
C VAL C 75 -27.05 -12.34 3.06
N MET C 76 -27.48 -12.43 4.32
CA MET C 76 -26.55 -12.73 5.41
C MET C 76 -26.04 -14.16 5.34
N GLU C 77 -26.90 -15.10 4.94
CA GLU C 77 -26.45 -16.49 4.80
C GLU C 77 -25.40 -16.63 3.70
N ASN C 78 -25.63 -15.96 2.57
CA ASN C 78 -24.63 -15.98 1.50
C ASN C 78 -23.33 -15.32 1.94
N TYR C 79 -23.43 -14.22 2.67
CA TYR C 79 -22.24 -13.55 3.18
C TYR C 79 -21.46 -14.44 4.12
N LYS C 80 -22.15 -15.15 5.00
CA LYS C 80 -21.49 -16.10 5.90
C LYS C 80 -20.83 -17.23 5.12
N THR C 81 -21.51 -17.72 4.08
CA THR C 81 -20.92 -18.78 3.25
C THR C 81 -19.64 -18.30 2.59
N ARG C 82 -19.62 -17.07 2.09
CA ARG C 82 -18.40 -16.52 1.50
C ARG C 82 -17.30 -16.34 2.55
N LEU C 83 -17.65 -15.82 3.73
CA LEU C 83 -16.66 -15.59 4.77
C LEU C 83 -16.03 -16.89 5.25
N ASN C 84 -16.83 -17.95 5.38
CA ASN C 84 -16.28 -19.21 5.84
C ASN C 84 -15.23 -19.74 4.87
N GLY C 85 -15.51 -19.70 3.57
CA GLY C 85 -14.53 -20.11 2.59
C GLY C 85 -13.30 -19.22 2.57
N ILE C 86 -13.48 -17.92 2.80
CA ILE C 86 -12.33 -17.03 2.84
C ILE C 86 -11.45 -17.33 4.04
N LEU C 87 -12.05 -17.58 5.21
CA LEU C 87 -11.30 -17.67 6.45
C LEU C 87 -10.82 -19.08 6.79
N THR C 88 -11.33 -20.12 6.13
CA THR C 88 -10.89 -21.47 6.45
C THR C 88 -9.40 -21.72 6.20
N PRO C 89 -8.80 -21.31 5.09
CA PRO C 89 -7.37 -21.58 4.89
C PRO C 89 -6.48 -20.95 5.95
N ILE C 90 -6.84 -19.79 6.50
CA ILE C 90 -6.02 -19.16 7.52
C ILE C 90 -6.00 -20.01 8.78
N LYS C 91 -7.17 -20.50 9.21
CA LYS C 91 -7.23 -21.37 10.37
C LYS C 91 -6.48 -22.68 10.10
N GLY C 92 -6.60 -23.21 8.88
CA GLY C 92 -5.87 -24.42 8.55
C GLY C 92 -4.37 -24.25 8.63
N ALA C 93 -3.86 -23.08 8.26
CA ALA C 93 -2.43 -22.82 8.36
C ALA C 93 -1.99 -22.57 9.79
N LEU C 94 -2.82 -21.89 10.58
CA LEU C 94 -2.49 -21.67 11.99
C LEU C 94 -2.47 -22.97 12.77
N GLU C 95 -3.35 -23.91 12.42
CA GLU C 95 -3.45 -25.15 13.20
C GLU C 95 -2.23 -26.05 13.06
N ILE C 96 -1.35 -25.78 12.09
CA ILE C 96 -0.15 -26.61 11.93
C ILE C 96 0.79 -26.41 13.10
N TYR C 97 1.06 -25.15 13.47
CA TYR C 97 1.98 -24.87 14.55
C TYR C 97 1.35 -25.11 15.91
N LYS C 98 0.04 -24.87 16.04
CA LYS C 98 -0.63 -25.06 17.32
C LYS C 98 -0.66 -26.52 17.74
N ASN C 99 -0.84 -27.43 16.79
CA ASN C 99 -0.88 -28.84 17.10
C ASN C 99 0.46 -29.40 17.54
N ASN C 100 1.57 -28.78 17.13
CA ASN C 100 2.90 -29.34 17.31
C ASN C 100 3.77 -28.53 18.26
N THR C 101 3.17 -27.73 19.13
CA THR C 101 3.91 -26.92 20.09
C THR C 101 3.42 -27.23 21.50
N HIS C 102 4.36 -27.52 22.39
CA HIS C 102 4.04 -27.89 23.77
C HIS C 102 5.07 -27.29 24.70
N ASP C 103 5.10 -27.81 25.92
CA ASP C 103 6.18 -27.49 26.86
C ASP C 103 7.00 -28.74 27.13
N CYS C 104 8.32 -28.64 26.95
CA CYS C 104 9.20 -29.79 27.15
C CYS C 104 9.20 -30.19 28.63
N GLY C 112 11.23 -21.99 27.03
CA GLY C 112 10.43 -23.11 27.50
C GLY C 112 9.44 -23.61 26.46
N VAL C 113 9.48 -23.00 25.28
CA VAL C 113 8.60 -23.36 24.16
C VAL C 113 9.20 -24.59 23.50
N CYS C 114 8.36 -25.60 23.26
CA CYS C 114 8.82 -26.92 22.86
C CYS C 114 8.14 -27.30 21.55
N MET C 115 8.94 -27.66 20.55
CA MET C 115 8.45 -27.92 19.20
C MET C 115 8.87 -29.30 18.71
N ALA C 116 8.08 -29.85 17.80
CA ALA C 116 8.39 -31.13 17.15
C ALA C 116 8.77 -30.85 15.71
N GLY C 117 10.05 -31.01 15.38
CA GLY C 117 10.52 -30.67 14.05
C GLY C 117 10.12 -31.67 12.98
N VAL C 118 9.88 -32.93 13.37
CA VAL C 118 9.52 -33.94 12.39
C VAL C 118 8.15 -33.65 11.78
N ALA C 119 7.20 -33.25 12.61
CA ALA C 119 5.84 -32.98 12.13
C ALA C 119 5.79 -31.75 11.24
N ILE C 120 6.55 -30.71 11.57
CA ILE C 120 6.53 -29.48 10.78
C ILE C 120 7.17 -29.71 9.42
N GLY C 121 8.33 -30.37 9.39
CA GLY C 121 8.98 -30.73 8.15
C GLY C 121 9.84 -29.64 7.53
N ILE C 122 9.20 -28.64 6.91
CA ILE C 122 9.90 -27.56 6.23
C ILE C 122 9.51 -26.25 6.89
N ALA C 123 10.51 -25.48 7.33
CA ALA C 123 10.25 -24.20 7.96
C ALA C 123 11.52 -23.36 7.92
N THR C 124 11.34 -22.06 8.08
CA THR C 124 12.46 -21.12 8.19
C THR C 124 12.57 -20.61 9.62
N ALA C 125 13.67 -19.88 9.89
CA ALA C 125 13.89 -19.35 11.23
C ALA C 125 12.81 -18.35 11.62
N ALA C 126 12.42 -17.47 10.69
CA ALA C 126 11.39 -16.48 10.98
C ALA C 126 10.06 -17.15 11.29
N GLN C 127 9.72 -18.20 10.56
CA GLN C 127 8.47 -18.92 10.81
C GLN C 127 8.49 -19.60 12.17
N ILE C 128 9.63 -20.16 12.57
CA ILE C 128 9.74 -20.79 13.88
C ILE C 128 9.59 -19.75 14.99
N THR C 129 10.23 -18.60 14.83
CA THR C 129 10.08 -17.54 15.83
C THR C 129 8.63 -17.06 15.91
N ALA C 130 7.97 -16.94 14.75
CA ALA C 130 6.56 -16.55 14.74
C ALA C 130 5.69 -17.59 15.41
N GLY C 131 6.00 -18.88 15.23
CA GLY C 131 5.26 -19.92 15.93
C GLY C 131 5.44 -19.85 17.44
N VAL C 132 6.66 -19.56 17.89
CA VAL C 132 6.91 -19.38 19.32
C VAL C 132 6.07 -18.21 19.85
N ALA C 133 6.06 -17.10 19.11
CA ALA C 133 5.26 -15.94 19.52
C ALA C 133 3.77 -16.28 19.55
N LEU C 134 3.30 -17.06 18.58
CA LEU C 134 1.91 -17.51 18.58
C LEU C 134 1.58 -18.33 19.81
N TYR C 135 2.48 -19.25 20.18
CA TYR C 135 2.28 -20.04 21.39
C TYR C 135 2.21 -19.14 22.62
N GLU C 136 3.07 -18.13 22.69
CA GLU C 136 3.01 -17.21 23.83
C GLU C 136 1.72 -16.41 23.86
N ALA C 137 1.22 -15.99 22.69
CA ALA C 137 0.00 -15.19 22.65
C ALA C 137 -1.25 -16.02 22.91
N MET C 138 -1.19 -17.33 22.70
CA MET C 138 -2.35 -18.18 22.98
C MET C 138 -2.81 -18.11 24.42
N LYS C 139 -1.90 -17.81 25.37
CA LYS C 139 -2.29 -17.72 26.77
C LYS C 139 -3.32 -16.63 27.00
N ASN C 140 -3.10 -15.45 26.43
CA ASN C 140 -4.07 -14.37 26.53
C ASN C 140 -5.25 -14.55 25.59
N ALA C 141 -5.04 -15.20 24.44
CA ALA C 141 -6.16 -15.50 23.56
C ALA C 141 -7.19 -16.39 24.24
N ASP C 142 -6.74 -17.34 25.07
CA ASP C 142 -7.67 -18.19 25.80
C ASP C 142 -8.54 -17.38 26.75
N ASN C 143 -7.95 -16.41 27.46
CA ASN C 143 -8.75 -15.56 28.35
C ASN C 143 -9.71 -14.68 27.56
N ILE C 144 -9.26 -14.17 26.41
CA ILE C 144 -10.13 -13.31 25.59
C ILE C 144 -11.33 -14.11 25.08
N ASN C 145 -11.12 -15.37 24.73
CA ASN C 145 -12.19 -16.18 24.14
C ASN C 145 -13.33 -16.48 25.10
N LYS C 146 -13.18 -16.22 26.40
CA LYS C 146 -14.26 -16.50 27.34
C LYS C 146 -15.41 -15.52 27.19
N LEU C 147 -15.20 -14.39 26.53
CA LEU C 147 -16.22 -13.38 26.32
C LEU C 147 -16.88 -13.49 24.94
N LYS C 148 -17.01 -14.71 24.42
CA LYS C 148 -17.55 -14.90 23.08
C LYS C 148 -18.99 -14.42 22.97
N SER C 149 -19.80 -14.70 24.00
CA SER C 149 -21.20 -14.26 23.98
C SER C 149 -21.30 -12.74 23.95
N SER C 150 -20.46 -12.05 24.73
CA SER C 150 -20.48 -10.59 24.72
C SER C 150 -19.97 -10.05 23.39
N ILE C 151 -18.97 -10.70 22.80
CA ILE C 151 -18.45 -10.26 21.51
C ILE C 151 -19.53 -10.37 20.43
N GLU C 152 -20.30 -11.46 20.46
CA GLU C 152 -21.32 -11.67 19.44
C GLU C 152 -22.39 -10.58 19.48
N SER C 153 -22.67 -10.04 20.66
CA SER C 153 -23.81 -9.14 20.83
C SER C 153 -23.46 -7.67 20.73
N THR C 154 -22.22 -7.32 20.39
CA THR C 154 -21.85 -5.92 20.27
C THR C 154 -22.64 -5.24 19.15
N ASN C 155 -23.14 -4.04 19.43
CA ASN C 155 -23.98 -3.30 18.49
C ASN C 155 -23.40 -1.93 18.16
N GLU C 156 -22.10 -1.74 18.34
CA GLU C 156 -21.46 -0.46 18.07
C GLU C 156 -20.18 -0.71 17.29
N ALA C 157 -19.71 0.33 16.60
CA ALA C 157 -18.48 0.22 15.83
C ALA C 157 -17.28 -0.04 16.72
N VAL C 158 -17.17 0.66 17.84
CA VAL C 158 -16.09 0.49 18.80
C VAL C 158 -16.69 0.32 20.19
N VAL C 159 -16.31 -0.77 20.87
CA VAL C 159 -16.73 -1.00 22.24
C VAL C 159 -15.53 -1.46 23.06
N LYS C 160 -15.63 -1.31 24.37
CA LYS C 160 -14.64 -1.80 25.31
C LYS C 160 -15.34 -2.66 26.35
N LEU C 161 -14.86 -3.90 26.51
CA LEU C 161 -15.42 -4.84 27.46
C LEU C 161 -14.44 -5.05 28.61
N GLN C 162 -14.95 -5.02 29.84
CA GLN C 162 -14.11 -5.20 31.01
C GLN C 162 -13.97 -6.68 31.33
N GLU C 163 -12.82 -7.25 30.96
CA GLU C 163 -12.53 -8.63 31.34
C GLU C 163 -12.26 -8.75 32.84
N THR C 164 -11.65 -7.73 33.43
CA THR C 164 -11.33 -7.69 34.84
C THR C 164 -11.29 -6.21 35.22
N ALA C 165 -11.12 -5.94 36.52
CA ALA C 165 -11.09 -4.55 36.99
C ALA C 165 -9.98 -3.75 36.33
N GLU C 166 -8.92 -4.43 35.87
CA GLU C 166 -7.79 -3.75 35.25
C GLU C 166 -7.59 -4.13 33.79
N LYS C 167 -8.26 -5.17 33.29
CA LYS C 167 -8.06 -5.65 31.93
C LYS C 167 -9.28 -5.33 31.08
N THR C 168 -9.05 -4.91 29.83
CA THR C 168 -10.09 -4.47 28.92
C THR C 168 -9.88 -5.12 27.56
N VAL C 169 -11.00 -5.47 26.90
CA VAL C 169 -10.97 -6.06 25.57
C VAL C 169 -11.55 -5.05 24.59
N TYR C 170 -10.83 -4.83 23.48
CA TYR C 170 -11.24 -3.88 22.46
C TYR C 170 -11.83 -4.63 21.27
N VAL C 171 -13.06 -4.28 20.90
CA VAL C 171 -13.78 -4.94 19.81
C VAL C 171 -14.10 -3.89 18.75
N PHE C 172 -13.76 -4.20 17.50
CA PHE C 172 -14.06 -3.34 16.37
C PHE C 172 -14.93 -4.10 15.37
N THR C 173 -16.04 -3.51 14.96
CA THR C 173 -17.01 -4.15 14.10
C THR C 173 -17.07 -3.42 12.75
N ALA C 174 -17.08 -4.19 11.67
CA ALA C 174 -17.08 -3.61 10.33
C ALA C 174 -18.50 -3.31 9.88
N LEU C 175 -18.67 -2.16 9.22
CA LEU C 175 -19.92 -1.74 8.59
C LEU C 175 -21.04 -1.51 9.60
N GLN C 176 -20.72 -1.49 10.89
CA GLN C 176 -21.75 -1.21 11.88
C GLN C 176 -22.18 0.25 11.84
N ASP C 177 -21.23 1.16 11.69
CA ASP C 177 -21.54 2.59 11.63
C ASP C 177 -22.42 2.90 10.44
N TYR C 178 -22.10 2.32 9.27
CA TYR C 178 -22.90 2.57 8.07
C TYR C 178 -24.33 2.11 8.27
N ILE C 179 -24.53 0.91 8.82
CA ILE C 179 -25.88 0.41 9.05
C ILE C 179 -26.62 1.33 10.01
N ASN C 180 -26.01 1.62 11.17
CA ASN C 180 -26.68 2.38 12.21
C ASN C 180 -27.01 3.80 11.75
N THR C 181 -26.21 4.35 10.84
CA THR C 181 -26.40 5.73 10.41
C THR C 181 -27.26 5.88 9.17
N ASN C 182 -27.32 4.86 8.31
CA ASN C 182 -28.05 4.98 7.05
C ASN C 182 -29.26 4.05 6.97
N LEU C 183 -29.09 2.76 7.27
CA LEU C 183 -30.13 1.80 6.91
C LEU C 183 -31.26 1.81 7.93
N VAL C 184 -30.92 1.81 9.22
CA VAL C 184 -31.96 1.85 10.26
C VAL C 184 -32.79 3.13 10.20
N PRO C 185 -32.20 4.33 10.08
CA PRO C 185 -33.04 5.54 10.04
C PRO C 185 -34.05 5.58 8.90
N THR C 186 -33.71 5.06 7.73
CA THR C 186 -34.57 5.16 6.55
C THR C 186 -35.36 3.90 6.27
N ILE C 187 -35.55 3.03 7.27
CA ILE C 187 -36.22 1.77 7.04
C ILE C 187 -37.71 1.95 6.74
N ASP C 188 -38.28 3.10 7.11
CA ASP C 188 -39.71 3.34 6.91
C ASP C 188 -40.00 4.20 5.68
N LYS C 189 -39.04 4.98 5.21
CA LYS C 189 -39.25 5.85 4.07
C LYS C 189 -39.03 5.15 2.73
N ILE C 190 -38.47 3.94 2.74
CA ILE C 190 -38.12 3.23 1.52
C ILE C 190 -38.64 1.81 1.62
N PRO C 191 -39.19 1.24 0.54
CA PRO C 191 -39.46 -0.21 0.53
C PRO C 191 -38.15 -0.96 0.73
N CYS C 192 -38.16 -1.96 1.61
CA CYS C 192 -36.89 -2.51 2.05
C CYS C 192 -36.34 -3.55 1.08
N LYS C 193 -36.97 -3.73 -0.09
CA LYS C 193 -36.25 -4.35 -1.19
C LYS C 193 -35.01 -3.54 -1.54
N GLN C 194 -35.17 -2.21 -1.62
CA GLN C 194 -34.02 -1.35 -1.83
C GLN C 194 -33.04 -1.41 -0.65
N THR C 195 -33.56 -1.60 0.57
CA THR C 195 -32.68 -1.75 1.73
C THR C 195 -31.86 -3.04 1.63
N GLU C 196 -32.49 -4.13 1.20
CA GLU C 196 -31.75 -5.38 0.99
C GLU C 196 -30.69 -5.20 -0.08
N LEU C 197 -31.05 -4.52 -1.17
CA LEU C 197 -30.08 -4.31 -2.24
C LEU C 197 -28.91 -3.46 -1.75
N SER C 198 -29.19 -2.42 -0.96
CA SER C 198 -28.14 -1.58 -0.42
C SER C 198 -27.24 -2.33 0.55
N LEU C 199 -27.82 -3.17 1.40
CA LEU C 199 -27.01 -3.98 2.31
C LEU C 199 -26.13 -4.95 1.54
N ASP C 200 -26.68 -5.57 0.49
CA ASP C 200 -25.92 -6.51 -0.32
C ASP C 200 -24.75 -5.80 -1.01
N LEU C 201 -25.00 -4.61 -1.55
CA LEU C 201 -23.92 -3.86 -2.19
C LEU C 201 -22.83 -3.48 -1.19
N ALA C 202 -23.22 -3.07 0.02
CA ALA C 202 -22.22 -2.72 1.02
C ALA C 202 -21.38 -3.92 1.42
N LEU C 203 -22.01 -5.07 1.63
CA LEU C 203 -21.27 -6.28 1.98
C LEU C 203 -20.33 -6.70 0.85
N SER C 204 -20.81 -6.63 -0.39
CA SER C 204 -19.97 -7.00 -1.52
C SER C 204 -18.79 -6.06 -1.70
N LYS C 205 -19.00 -4.76 -1.49
CA LYS C 205 -17.90 -3.80 -1.57
C LYS C 205 -16.88 -4.06 -0.47
N TYR C 206 -17.36 -4.38 0.74
CA TYR C 206 -16.43 -4.72 1.82
C TYR C 206 -15.60 -5.95 1.47
N LEU C 207 -16.24 -6.97 0.89
CA LEU C 207 -15.50 -8.16 0.49
C LEU C 207 -14.49 -7.84 -0.62
N SER C 208 -14.88 -6.99 -1.57
CA SER C 208 -13.97 -6.61 -2.65
C SER C 208 -12.74 -5.90 -2.11
N ASP C 209 -12.93 -4.99 -1.17
CA ASP C 209 -11.78 -4.31 -0.57
C ASP C 209 -10.96 -5.26 0.30
N LEU C 210 -11.61 -6.25 0.91
CA LEU C 210 -10.91 -7.15 1.83
C LEU C 210 -10.06 -8.16 1.09
N LEU C 211 -10.51 -8.61 -0.09
CA LEU C 211 -9.86 -9.74 -0.76
C LEU C 211 -8.42 -9.45 -1.15
N PHE C 212 -8.06 -8.17 -1.32
CA PHE C 212 -6.71 -7.84 -1.76
C PHE C 212 -5.65 -8.20 -0.73
N VAL C 213 -6.02 -8.39 0.53
CA VAL C 213 -5.08 -8.59 1.64
C VAL C 213 -5.23 -9.96 2.27
N PHE C 214 -6.47 -10.36 2.58
CA PHE C 214 -6.74 -11.59 3.31
C PHE C 214 -7.09 -12.77 2.40
N GLY C 215 -6.88 -12.64 1.09
CA GLY C 215 -7.19 -13.71 0.17
C GLY C 215 -6.04 -14.69 0.02
N PRO C 216 -5.95 -15.32 -1.16
CA PRO C 216 -4.85 -16.27 -1.42
C PRO C 216 -3.47 -15.62 -1.36
N ASN C 217 -3.41 -14.30 -1.45
CA ASN C 217 -2.13 -13.61 -1.26
C ASN C 217 -1.55 -13.84 0.13
N LEU C 218 -2.40 -14.06 1.13
CA LEU C 218 -1.95 -14.36 2.49
C LEU C 218 -1.55 -15.83 2.55
N GLN C 219 -0.36 -16.11 2.01
CA GLN C 219 0.14 -17.48 1.98
C GLN C 219 0.67 -17.93 3.34
N ASP C 220 1.28 -17.02 4.09
CA ASP C 220 1.92 -17.37 5.37
C ASP C 220 1.38 -16.47 6.47
N PRO C 221 0.27 -16.86 7.10
CA PRO C 221 -0.24 -16.08 8.24
C PRO C 221 0.59 -16.19 9.50
N VAL C 222 1.53 -17.14 9.58
CA VAL C 222 2.37 -17.28 10.76
C VAL C 222 3.61 -16.41 10.58
N SER C 223 3.47 -15.13 10.91
CA SER C 223 4.55 -14.16 10.81
C SER C 223 4.07 -12.85 11.40
N ASN C 224 5.03 -11.99 11.77
CA ASN C 224 4.71 -10.68 12.32
C ASN C 224 5.31 -9.55 11.47
N SER C 225 5.42 -9.74 10.16
CA SER C 225 5.87 -8.70 9.26
C SER C 225 4.71 -7.93 8.62
N MET C 226 3.47 -8.26 8.98
CA MET C 226 2.30 -7.62 8.39
C MET C 226 2.04 -6.29 9.08
N THR C 227 2.01 -5.21 8.31
CA THR C 227 1.86 -3.89 8.89
C THR C 227 0.42 -3.67 9.36
N ILE C 228 0.26 -2.66 10.23
CA ILE C 228 -1.07 -2.36 10.78
C ILE C 228 -1.98 -1.78 9.71
N GLN C 229 -1.41 -1.06 8.74
CA GLN C 229 -2.22 -0.49 7.67
C GLN C 229 -2.87 -1.57 6.82
N ALA C 230 -2.13 -2.65 6.54
CA ALA C 230 -2.70 -3.76 5.79
C ALA C 230 -3.79 -4.47 6.58
N ILE C 231 -3.57 -4.65 7.89
CA ILE C 231 -4.56 -5.33 8.73
C ILE C 231 -5.83 -4.50 8.85
N SER C 232 -5.69 -3.18 8.89
CA SER C 232 -6.83 -2.29 9.05
C SER C 232 -7.83 -2.37 7.89
N GLN C 233 -7.49 -3.08 6.81
CA GLN C 233 -8.45 -3.28 5.73
C GLN C 233 -9.64 -4.10 6.16
N ALA C 234 -9.52 -4.87 7.25
CA ALA C 234 -10.66 -5.56 7.81
C ALA C 234 -11.59 -4.61 8.57
N PHE C 235 -11.16 -3.38 8.80
CA PHE C 235 -11.95 -2.35 9.47
C PHE C 235 -12.09 -1.14 8.56
N GLY C 236 -12.10 -1.38 7.25
CA GLY C 236 -12.27 -0.30 6.29
C GLY C 236 -11.08 0.61 6.10
N GLY C 237 -9.88 0.16 6.46
CA GLY C 237 -8.69 0.99 6.30
C GLY C 237 -8.52 2.08 7.33
N ASN C 238 -9.25 2.01 8.45
CA ASN C 238 -9.18 3.04 9.48
C ASN C 238 -8.26 2.61 10.62
N TYR C 239 -6.95 2.68 10.35
CA TYR C 239 -5.97 2.34 11.38
C TYR C 239 -5.78 3.45 12.40
N GLU C 240 -6.13 4.69 12.05
CA GLU C 240 -6.05 5.78 13.01
C GLU C 240 -6.97 5.55 14.20
N THR C 241 -8.19 5.07 13.94
CA THR C 241 -9.13 4.77 15.01
C THR C 241 -8.57 3.67 15.92
N LEU C 242 -8.00 2.61 15.33
CA LEU C 242 -7.42 1.54 16.12
C LEU C 242 -6.30 2.06 17.02
N LEU C 243 -5.39 2.85 16.43
CA LEU C 243 -4.23 3.31 17.20
C LEU C 243 -4.64 4.28 18.31
N ARG C 244 -5.61 5.16 18.05
CA ARG C 244 -6.05 6.09 19.09
C ARG C 244 -6.95 5.43 20.12
N THR C 245 -7.62 4.33 19.77
CA THR C 245 -8.36 3.59 20.78
C THR C 245 -7.43 2.80 21.69
N LEU C 246 -6.36 2.22 21.11
CA LEU C 246 -5.39 1.51 21.94
C LEU C 246 -4.64 2.46 22.87
N GLY C 247 -4.55 3.74 22.51
CA GLY C 247 -3.93 4.70 23.40
C GLY C 247 -2.44 4.87 23.25
N TYR C 248 -1.89 4.55 22.08
CA TYR C 248 -0.46 4.70 21.85
C TYR C 248 -0.13 6.15 21.52
N ALA C 249 0.64 6.81 22.39
CA ALA C 249 1.01 8.21 22.20
C ALA C 249 2.50 8.35 22.48
N THR C 250 3.26 8.75 21.47
CA THR C 250 4.70 8.90 21.60
C THR C 250 5.16 9.97 20.61
N GLU C 251 6.33 10.54 20.87
CA GLU C 251 6.89 11.56 19.98
C GLU C 251 7.19 10.99 18.61
N ASP C 252 7.71 9.77 18.53
CA ASP C 252 8.08 9.15 17.26
C ASP C 252 6.94 8.35 16.64
N PHE C 253 5.69 8.69 16.96
CA PHE C 253 4.55 7.91 16.48
C PHE C 253 4.47 7.92 14.95
N ASP C 254 4.53 9.11 14.34
CA ASP C 254 4.44 9.19 12.89
C ASP C 254 5.64 8.55 12.21
N ASP C 255 6.84 8.72 12.76
CA ASP C 255 8.02 8.10 12.20
C ASP C 255 7.92 6.57 12.23
N LEU C 256 7.42 6.02 13.33
CA LEU C 256 7.21 4.58 13.41
C LEU C 256 6.14 4.12 12.45
N LEU C 257 5.07 4.90 12.30
CA LEU C 257 3.95 4.50 11.45
C LEU C 257 4.34 4.49 9.98
N GLU C 258 5.03 5.54 9.52
CA GLU C 258 5.35 5.67 8.10
C GLU C 258 6.58 4.88 7.69
N SER C 259 7.31 4.28 8.62
CA SER C 259 8.42 3.41 8.30
C SER C 259 8.04 1.94 8.34
N ASP C 260 6.75 1.62 8.47
CA ASP C 260 6.25 0.25 8.56
C ASP C 260 6.86 -0.49 9.73
N SER C 261 6.99 0.18 10.88
CA SER C 261 7.56 -0.44 12.07
C SER C 261 6.50 -1.02 12.99
N ILE C 262 5.25 -0.60 12.87
CA ILE C 262 4.16 -1.14 13.67
C ILE C 262 3.52 -2.28 12.88
N THR C 263 3.56 -3.49 13.45
CA THR C 263 3.10 -4.68 12.77
C THR C 263 2.13 -5.45 13.66
N GLY C 264 1.43 -6.41 13.05
CA GLY C 264 0.48 -7.22 13.77
C GLY C 264 0.57 -8.67 13.33
N GLN C 265 -0.03 -9.54 14.15
CA GLN C 265 -0.04 -10.97 13.89
C GLN C 265 -1.40 -11.55 14.26
N ILE C 266 -1.93 -12.40 13.39
CA ILE C 266 -3.19 -13.09 13.66
C ILE C 266 -2.89 -14.30 14.54
N ILE C 267 -3.62 -14.43 15.65
CA ILE C 267 -3.37 -15.50 16.59
C ILE C 267 -4.57 -16.44 16.76
N TYR C 268 -5.78 -16.02 16.40
CA TYR C 268 -6.94 -16.88 16.54
C TYR C 268 -7.99 -16.51 15.51
N VAL C 269 -8.65 -17.52 14.95
CA VAL C 269 -9.72 -17.34 13.98
C VAL C 269 -10.93 -18.15 14.45
N ASP C 270 -12.08 -17.50 14.54
CA ASP C 270 -13.32 -18.16 14.93
C ASP C 270 -14.23 -18.25 13.72
N LEU C 271 -14.60 -19.48 13.35
CA LEU C 271 -15.41 -19.71 12.17
C LEU C 271 -16.90 -19.76 12.46
N SER C 272 -17.30 -19.62 13.72
CA SER C 272 -18.72 -19.60 14.07
C SER C 272 -19.24 -18.18 14.26
N SER C 273 -18.53 -17.35 15.02
CA SER C 273 -18.90 -15.97 15.22
C SER C 273 -18.22 -15.02 14.25
N TYR C 274 -17.27 -15.51 13.46
CA TYR C 274 -16.61 -14.74 12.40
C TYR C 274 -15.90 -13.51 12.96
N TYR C 275 -14.93 -13.77 13.84
CA TYR C 275 -14.05 -12.73 14.35
C TYR C 275 -12.64 -13.29 14.49
N ILE C 276 -11.67 -12.39 14.52
CA ILE C 276 -10.26 -12.75 14.63
C ILE C 276 -9.63 -11.97 15.77
N ILE C 277 -8.53 -12.49 16.29
CA ILE C 277 -7.75 -11.84 17.35
C ILE C 277 -6.38 -11.52 16.79
N VAL C 278 -5.96 -10.26 16.95
CA VAL C 278 -4.71 -9.76 16.39
C VAL C 278 -3.89 -9.13 17.51
N ARG C 279 -2.61 -9.52 17.58
CA ARG C 279 -1.67 -8.90 18.51
C ARG C 279 -0.88 -7.83 17.78
N VAL C 280 -0.80 -6.64 18.39
CA VAL C 280 -0.14 -5.49 17.78
C VAL C 280 1.16 -5.22 18.53
N TYR C 281 2.22 -4.96 17.78
CA TYR C 281 3.55 -4.71 18.34
C TYR C 281 3.91 -3.24 18.22
N PHE C 282 4.39 -2.66 19.31
CA PHE C 282 4.76 -1.24 19.37
C PHE C 282 6.23 -1.13 19.75
N PRO C 283 7.13 -1.04 18.77
CA PRO C 283 8.56 -0.95 19.07
C PRO C 283 8.99 0.50 19.32
N ILE C 284 10.23 0.64 19.76
CA ILE C 284 10.85 1.93 19.95
C ILE C 284 12.03 2.06 19.01
N LEU C 285 12.45 3.30 18.75
CA LEU C 285 13.56 3.58 17.84
C LEU C 285 14.83 3.80 18.65
N THR C 286 15.86 3.01 18.36
CA THR C 286 17.15 3.12 19.02
C THR C 286 18.20 3.59 18.02
N GLU C 287 19.02 4.54 18.45
CA GLU C 287 20.03 5.11 17.56
C GLU C 287 21.32 4.29 17.63
N ILE C 288 21.85 3.94 16.46
CA ILE C 288 23.12 3.21 16.39
C ILE C 288 24.26 4.20 16.59
N GLN C 289 25.11 3.93 17.57
CA GLN C 289 26.20 4.84 17.91
C GLN C 289 27.34 4.69 16.92
N GLN C 290 28.06 5.80 16.72
CA GLN C 290 29.17 5.87 15.76
C GLN C 290 28.73 5.45 14.36
N ALA C 291 27.58 5.96 13.93
CA ALA C 291 27.06 5.69 12.60
C ALA C 291 26.29 6.89 12.09
N TYR C 292 26.43 7.18 10.80
CA TYR C 292 25.71 8.27 10.16
C TYR C 292 25.62 8.00 8.67
N ILE C 293 24.74 8.75 8.01
CA ILE C 293 24.51 8.62 6.57
C ILE C 293 24.80 9.97 5.92
N GLN C 294 25.62 9.95 4.88
CA GLN C 294 26.07 11.16 4.19
C GLN C 294 25.46 11.21 2.80
N GLU C 295 25.00 12.40 2.40
CA GLU C 295 24.37 12.59 1.10
C GLU C 295 25.23 13.48 0.21
N LEU C 296 25.21 13.19 -1.08
CA LEU C 296 25.95 13.96 -2.08
C LEU C 296 24.97 14.51 -3.12
N LEU C 297 25.13 15.78 -3.47
CA LEU C 297 24.27 16.42 -4.45
C LEU C 297 24.94 16.40 -5.82
N PRO C 298 24.37 15.73 -6.82
CA PRO C 298 25.04 15.64 -8.12
C PRO C 298 24.88 16.92 -8.94
N VAL C 299 26.00 17.35 -9.52
CA VAL C 299 26.05 18.53 -10.39
C VAL C 299 26.83 18.16 -11.65
N SER C 300 26.30 18.54 -12.80
CA SER C 300 26.97 18.25 -14.06
C SER C 300 28.21 19.11 -14.23
N PHE C 301 29.24 18.53 -14.83
CA PHE C 301 30.51 19.20 -15.04
C PHE C 301 30.91 19.11 -16.51
N ASN C 302 31.91 19.90 -16.88
CA ASN C 302 32.31 20.07 -18.27
C ASN C 302 33.61 19.31 -18.54
N ASN C 303 33.69 18.68 -19.71
CA ASN C 303 34.91 17.98 -20.12
C ASN C 303 34.88 17.78 -21.63
N ASP C 304 35.85 18.37 -22.32
CA ASP C 304 36.04 18.22 -23.77
C ASP C 304 34.77 18.56 -24.54
N ASN C 305 34.27 19.78 -24.27
CA ASN C 305 33.09 20.31 -24.96
C ASN C 305 31.88 19.38 -24.82
N SER C 306 31.71 18.80 -23.63
CA SER C 306 30.60 17.92 -23.35
C SER C 306 30.22 18.04 -21.88
N GLU C 307 29.03 17.56 -21.56
CA GLU C 307 28.50 17.63 -20.20
C GLU C 307 28.35 16.22 -19.64
N TRP C 308 28.79 16.03 -18.40
CA TRP C 308 28.86 14.71 -17.79
C TRP C 308 28.30 14.75 -16.37
N ILE C 309 27.89 13.59 -15.88
CA ILE C 309 27.53 13.39 -14.49
C ILE C 309 28.27 12.17 -13.98
N SER C 310 28.44 12.10 -12.66
CA SER C 310 29.19 11.02 -12.04
C SER C 310 28.23 9.93 -11.55
N ILE C 311 28.61 8.67 -11.80
CA ILE C 311 27.80 7.52 -11.44
C ILE C 311 28.38 6.97 -10.13
N VAL C 312 27.90 7.50 -9.01
CA VAL C 312 28.27 7.03 -7.68
C VAL C 312 27.02 7.02 -6.81
N PRO C 313 27.03 6.22 -5.74
CA PRO C 313 25.89 6.24 -4.81
C PRO C 313 25.72 7.63 -4.20
N ASN C 314 24.45 8.03 -4.05
CA ASN C 314 24.13 9.34 -3.46
C ASN C 314 23.98 9.29 -1.95
N PHE C 315 23.85 8.10 -1.38
CA PHE C 315 23.76 7.93 0.07
C PHE C 315 24.80 6.93 0.51
N ILE C 316 25.66 7.35 1.45
CA ILE C 316 26.77 6.53 1.93
C ILE C 316 26.59 6.32 3.43
N LEU C 317 26.61 5.05 3.85
CA LEU C 317 26.48 4.69 5.25
C LEU C 317 27.88 4.46 5.84
N VAL C 318 28.30 5.37 6.71
CA VAL C 318 29.57 5.26 7.41
C VAL C 318 29.29 4.78 8.83
N ARG C 319 29.80 3.60 9.16
CA ARG C 319 29.56 2.97 10.45
C ARG C 319 30.90 2.65 11.07
N ASN C 320 31.16 3.21 12.25
CA ASN C 320 32.50 3.23 12.83
C ASN C 320 33.46 3.89 11.85
N THR C 321 34.32 3.10 11.21
CA THR C 321 35.17 3.58 10.14
C THR C 321 34.95 2.85 8.83
N LEU C 322 33.95 1.97 8.76
CA LEU C 322 33.69 1.20 7.55
C LEU C 322 32.69 1.91 6.65
N ILE C 323 32.92 1.84 5.35
CA ILE C 323 32.07 2.46 4.34
C ILE C 323 31.35 1.37 3.58
N SER C 324 30.04 1.51 3.44
CA SER C 324 29.23 0.51 2.75
C SER C 324 28.03 1.19 2.12
N ASN C 325 27.26 0.40 1.37
CA ASN C 325 26.06 0.90 0.73
C ASN C 325 24.85 0.76 1.65
N ILE C 326 23.79 1.48 1.31
CA ILE C 326 22.53 1.44 2.05
C ILE C 326 21.39 1.34 1.05
N GLU C 327 20.42 0.48 1.34
CA GLU C 327 19.21 0.36 0.52
C GLU C 327 18.20 1.40 1.02
N ILE C 328 18.41 2.63 0.57
CA ILE C 328 17.66 3.77 1.08
C ILE C 328 16.21 3.74 0.65
N GLY C 329 15.87 2.95 -0.37
CA GLY C 329 14.51 2.90 -0.86
C GLY C 329 13.53 2.24 0.10
N PHE C 330 14.02 1.40 1.00
CA PHE C 330 13.17 0.72 1.97
C PHE C 330 13.05 1.47 3.29
N CYS C 331 13.72 2.60 3.44
CA CYS C 331 13.72 3.36 4.68
C CYS C 331 12.93 4.66 4.52
N LEU C 332 12.83 5.39 5.63
CA LEU C 332 12.15 6.68 5.66
C LEU C 332 13.19 7.78 5.88
N ILE C 333 13.24 8.74 4.99
CA ILE C 333 14.19 9.84 5.07
C ILE C 333 13.53 11.02 5.77
N THR C 334 14.24 11.55 6.77
CA THR C 334 13.75 12.67 7.56
C THR C 334 14.85 13.74 7.55
N LYS C 335 14.45 14.98 7.82
CA LYS C 335 15.35 16.13 7.83
C LYS C 335 16.71 15.84 8.47
N ARG C 336 16.70 15.10 9.59
CA ARG C 336 17.96 14.83 10.28
C ARG C 336 18.07 13.39 10.77
N SER C 337 17.34 12.45 10.17
CA SER C 337 17.42 11.06 10.57
C SER C 337 16.93 10.17 9.44
N VAL C 338 17.36 8.92 9.46
CA VAL C 338 16.88 7.88 8.56
C VAL C 338 16.36 6.74 9.41
N ILE C 339 15.07 6.44 9.31
CA ILE C 339 14.40 5.45 10.14
C ILE C 339 14.12 4.22 9.30
N CYS C 340 14.59 3.06 9.77
CA CYS C 340 14.38 1.80 9.10
C CYS C 340 13.88 0.77 10.12
N ASN C 341 13.10 -0.19 9.63
CA ASN C 341 12.64 -1.29 10.46
C ASN C 341 13.60 -2.48 10.43
N GLN C 342 14.71 -2.36 9.72
CA GLN C 342 15.67 -3.44 9.55
C GLN C 342 16.98 -2.84 9.07
N ASP C 343 18.08 -3.51 9.40
CA ASP C 343 19.39 -3.07 8.93
C ASP C 343 19.52 -3.38 7.43
N TYR C 344 19.69 -2.34 6.61
CA TYR C 344 19.78 -2.48 5.17
C TYR C 344 21.18 -2.22 4.63
N ALA C 345 22.21 -2.58 5.38
CA ALA C 345 23.58 -2.39 4.92
C ALA C 345 23.87 -3.32 3.75
N THR C 346 24.66 -2.83 2.79
CA THR C 346 24.96 -3.55 1.56
C THR C 346 26.44 -3.41 1.27
N PRO C 347 27.10 -4.47 0.82
CA PRO C 347 28.53 -4.40 0.53
C PRO C 347 28.84 -3.42 -0.59
N MET C 348 30.10 -3.01 -0.65
CA MET C 348 30.59 -2.05 -1.64
C MET C 348 31.91 -2.56 -2.22
N THR C 349 32.10 -2.32 -3.51
CA THR C 349 33.33 -2.75 -4.18
C THR C 349 34.51 -1.92 -3.70
N ASN C 350 35.71 -2.48 -3.88
CA ASN C 350 36.91 -1.79 -3.44
C ASN C 350 37.21 -0.57 -4.31
N ASN C 351 36.91 -0.65 -5.61
CA ASN C 351 37.15 0.49 -6.49
C ASN C 351 36.30 1.69 -6.12
N MET C 352 35.03 1.47 -5.76
CA MET C 352 34.20 2.58 -5.33
C MET C 352 34.69 3.17 -4.01
N ARG C 353 35.18 2.31 -3.11
CA ARG C 353 35.74 2.82 -1.85
C ARG C 353 36.98 3.66 -2.11
N GLU C 354 37.79 3.27 -3.09
CA GLU C 354 38.94 4.09 -3.47
C GLU C 354 38.50 5.40 -4.12
N CYS C 355 37.43 5.36 -4.91
CA CYS C 355 36.83 6.57 -5.44
C CYS C 355 36.44 7.54 -4.34
N LEU C 356 35.74 7.03 -3.32
CA LEU C 356 35.17 7.91 -2.30
C LEU C 356 36.25 8.51 -1.40
N THR C 357 37.46 7.96 -1.41
CA THR C 357 38.53 8.42 -0.54
C THR C 357 39.52 9.33 -1.26
N GLY C 358 39.24 9.72 -2.51
CA GLY C 358 40.06 10.68 -3.22
C GLY C 358 40.65 10.21 -4.53
N SER C 359 40.42 8.98 -4.96
CA SER C 359 40.95 8.50 -6.24
C SER C 359 39.90 8.75 -7.32
N THR C 360 39.97 9.96 -7.90
CA THR C 360 38.95 10.39 -8.86
C THR C 360 39.08 9.72 -10.22
N GLU C 361 40.20 9.05 -10.50
CA GLU C 361 40.35 8.40 -11.80
C GLU C 361 39.66 7.05 -11.88
N LYS C 362 39.12 6.56 -10.76
CA LYS C 362 38.38 5.30 -10.75
C LYS C 362 36.87 5.52 -10.65
N CYS C 363 36.39 6.74 -10.88
CA CYS C 363 34.98 7.06 -10.73
C CYS C 363 34.33 7.21 -12.09
N PRO C 364 33.40 6.33 -12.47
CA PRO C 364 32.82 6.40 -13.81
C PRO C 364 31.90 7.61 -13.97
N ARG C 365 31.72 8.00 -15.23
CA ARG C 365 30.89 9.14 -15.58
C ARG C 365 30.03 8.79 -16.79
N GLU C 366 28.93 9.53 -16.95
CA GLU C 366 27.99 9.30 -18.04
C GLU C 366 27.68 10.61 -18.75
N LEU C 367 27.51 10.53 -20.07
CA LEU C 367 27.21 11.71 -20.87
C LEU C 367 25.79 12.19 -20.61
N VAL C 368 25.59 13.49 -20.73
CA VAL C 368 24.28 14.12 -20.53
C VAL C 368 23.75 14.59 -21.87
N VAL C 369 22.57 14.12 -22.24
CA VAL C 369 21.91 14.53 -23.48
C VAL C 369 20.57 15.21 -23.24
N SER C 370 20.09 15.26 -21.99
CA SER C 370 18.82 15.90 -21.69
C SER C 370 19.04 17.32 -21.20
N SER C 371 18.06 18.18 -21.48
CA SER C 371 18.17 19.58 -21.08
C SER C 371 17.77 19.81 -19.63
N HIS C 372 17.26 18.79 -18.94
CA HIS C 372 16.78 18.92 -17.57
C HIS C 372 17.72 18.15 -16.64
N VAL C 373 18.81 18.81 -16.25
CA VAL C 373 19.75 18.30 -15.26
C VAL C 373 20.19 19.47 -14.39
N PRO C 374 20.57 19.25 -13.14
CA PRO C 374 21.06 20.36 -12.31
C PRO C 374 22.43 20.83 -12.79
N ARG C 375 22.66 22.14 -12.70
CA ARG C 375 23.93 22.74 -13.08
C ARG C 375 24.64 23.45 -11.95
N PHE C 376 23.99 23.64 -10.79
CA PHE C 376 24.65 24.28 -9.66
C PHE C 376 24.00 23.83 -8.36
N ALA C 377 24.71 24.05 -7.27
CA ALA C 377 24.24 23.69 -5.94
C ALA C 377 24.92 24.58 -4.92
N LEU C 378 24.36 24.61 -3.72
CA LEU C 378 24.85 25.44 -2.62
C LEU C 378 25.27 24.57 -1.46
N SER C 379 26.41 24.87 -0.86
CA SER C 379 26.93 24.12 0.28
C SER C 379 27.64 25.05 1.23
N ASN C 380 27.07 25.23 2.42
CA ASN C 380 27.64 26.08 3.47
C ASN C 380 27.87 27.50 2.97
N GLY C 381 26.93 28.00 2.17
CA GLY C 381 27.04 29.34 1.65
C GLY C 381 27.97 29.49 0.47
N VAL C 382 28.52 28.40 -0.04
CA VAL C 382 29.44 28.42 -1.17
C VAL C 382 28.73 27.82 -2.37
N LEU C 383 28.92 28.43 -3.54
CA LEU C 383 28.21 28.07 -4.75
C LEU C 383 29.13 27.31 -5.69
N PHE C 384 28.74 26.10 -6.06
CA PHE C 384 29.45 25.28 -7.03
C PHE C 384 28.61 25.21 -8.31
N ALA C 385 29.07 25.86 -9.37
CA ALA C 385 28.28 26.02 -10.57
C ALA C 385 29.09 25.64 -11.80
N ASN C 386 28.39 25.13 -12.81
CA ASN C 386 28.97 24.87 -14.13
C ASN C 386 28.66 26.09 -15.01
N CYS C 387 29.50 27.10 -14.89
CA CYS C 387 29.27 28.39 -15.54
C CYS C 387 29.43 28.34 -17.06
N ILE C 388 29.64 27.19 -17.67
CA ILE C 388 29.62 27.09 -19.14
C ILE C 388 28.21 26.87 -19.66
N SER C 389 27.44 25.98 -19.01
CA SER C 389 26.08 25.70 -19.42
C SER C 389 25.08 26.74 -18.89
N VAL C 390 25.45 27.54 -17.90
CA VAL C 390 24.59 28.57 -17.36
C VAL C 390 25.40 29.86 -17.23
N THR C 391 24.76 30.99 -17.49
CA THR C 391 25.44 32.28 -17.39
C THR C 391 25.61 32.68 -15.93
N CYS C 392 26.83 33.07 -15.58
CA CYS C 392 27.17 33.53 -14.24
C CYS C 392 27.61 34.98 -14.31
N GLN C 393 27.16 35.78 -13.34
CA GLN C 393 27.47 37.20 -13.32
C GLN C 393 27.62 37.66 -11.87
N CYS C 394 28.55 38.59 -11.64
CA CYS C 394 28.76 39.17 -10.34
C CYS C 394 28.11 40.55 -10.28
N GLN C 395 27.27 40.76 -9.27
CA GLN C 395 26.51 42.00 -9.19
C GLN C 395 27.37 43.17 -8.73
N THR C 396 28.33 42.92 -7.83
CA THR C 396 29.12 44.02 -7.27
C THR C 396 29.93 44.73 -8.36
N THR C 397 30.58 43.96 -9.24
CA THR C 397 31.38 44.56 -10.30
C THR C 397 30.62 44.69 -11.61
N GLY C 398 29.56 43.90 -11.81
CA GLY C 398 28.77 43.97 -13.02
C GLY C 398 29.29 43.16 -14.18
N ARG C 399 30.44 42.49 -14.03
CA ARG C 399 31.03 41.73 -15.11
C ARG C 399 30.76 40.23 -14.94
N ALA C 400 30.80 39.52 -16.07
CA ALA C 400 30.45 38.11 -16.07
C ALA C 400 31.55 37.26 -15.46
N ILE C 401 31.19 36.02 -15.12
CA ILE C 401 32.12 35.03 -14.57
C ILE C 401 32.35 33.98 -15.65
N SER C 402 33.62 33.78 -16.01
CA SER C 402 33.98 32.92 -17.13
C SER C 402 34.66 31.65 -16.63
N GLN C 403 34.36 30.54 -17.30
CA GLN C 403 34.95 29.24 -17.00
C GLN C 403 35.80 28.80 -18.18
N SER C 404 37.04 28.42 -17.90
CA SER C 404 37.95 27.97 -18.94
C SER C 404 37.59 26.56 -19.38
N GLY C 405 38.14 26.15 -20.53
CA GLY C 405 37.89 24.82 -21.05
C GLY C 405 38.64 23.72 -20.33
N GLU C 406 39.59 24.07 -19.46
CA GLU C 406 40.31 23.08 -18.68
C GLU C 406 39.73 22.86 -17.29
N GLN C 407 38.64 23.55 -16.95
CA GLN C 407 38.03 23.47 -15.63
C GLN C 407 36.72 22.71 -15.71
N THR C 408 36.41 21.95 -14.67
CA THR C 408 35.14 21.23 -14.62
C THR C 408 34.04 22.08 -13.97
N LEU C 409 34.33 22.66 -12.81
CA LEU C 409 33.37 23.50 -12.10
C LEU C 409 34.10 24.72 -11.55
N LEU C 410 33.32 25.69 -11.11
CA LEU C 410 33.84 26.86 -10.44
C LEU C 410 33.26 26.97 -9.04
N MET C 411 34.14 27.24 -8.07
CA MET C 411 33.74 27.52 -6.70
C MET C 411 33.66 29.03 -6.52
N ILE C 412 32.47 29.52 -6.17
CA ILE C 412 32.21 30.95 -6.08
C ILE C 412 31.91 31.27 -4.62
N ASP C 413 32.68 32.19 -4.05
CA ASP C 413 32.48 32.64 -2.67
C ASP C 413 32.72 34.14 -2.64
N ASN C 414 32.65 34.72 -1.44
CA ASN C 414 32.71 36.18 -1.35
C ASN C 414 34.13 36.72 -1.36
N THR C 415 35.15 35.85 -1.41
CA THR C 415 36.52 36.33 -1.62
C THR C 415 36.73 36.79 -3.05
N THR C 416 35.86 36.42 -3.98
CA THR C 416 35.93 36.85 -5.36
C THR C 416 34.63 37.45 -5.88
N CYS C 417 33.49 37.14 -5.25
CA CYS C 417 32.21 37.68 -5.67
C CYS C 417 31.24 37.69 -4.50
N PRO C 418 31.06 38.84 -3.83
CA PRO C 418 30.18 38.87 -2.65
C PRO C 418 28.75 38.47 -2.93
N THR C 419 28.20 38.81 -4.10
CA THR C 419 26.84 38.42 -4.45
C THR C 419 26.80 38.11 -5.94
N ALA C 420 26.10 37.03 -6.29
CA ALA C 420 26.07 36.52 -7.65
C ALA C 420 24.64 36.45 -8.17
N VAL C 421 24.50 36.54 -9.48
CA VAL C 421 23.21 36.49 -10.15
C VAL C 421 23.17 35.24 -11.03
N LEU C 422 22.20 34.37 -10.76
CA LEU C 422 21.99 33.15 -11.55
C LEU C 422 20.60 33.22 -12.17
N GLY C 423 20.51 33.86 -13.33
CA GLY C 423 19.22 34.00 -13.98
C GLY C 423 18.34 34.98 -13.21
N ASN C 424 17.28 34.45 -12.61
CA ASN C 424 16.31 35.29 -11.91
C ASN C 424 16.53 35.38 -10.41
N VAL C 425 17.62 34.82 -9.90
CA VAL C 425 17.88 34.79 -8.46
C VAL C 425 19.21 35.48 -8.17
N ILE C 426 19.23 36.25 -7.09
CA ILE C 426 20.44 36.89 -6.59
C ILE C 426 20.71 36.35 -5.19
N ILE C 427 21.94 35.89 -4.95
CA ILE C 427 22.29 35.21 -3.71
C ILE C 427 23.61 35.78 -3.20
N SER C 428 23.68 36.02 -1.90
CA SER C 428 24.91 36.43 -1.23
C SER C 428 25.61 35.19 -0.69
N LEU C 429 26.94 35.16 -0.80
CA LEU C 429 27.72 33.96 -0.58
C LEU C 429 28.61 34.09 0.64
N GLY C 430 29.02 32.95 1.17
CA GLY C 430 29.93 32.89 2.30
C GLY C 430 31.37 32.76 1.86
N LYS C 431 32.17 32.12 2.71
CA LYS C 431 33.59 31.94 2.48
C LYS C 431 33.93 30.46 2.46
N TYR C 432 34.76 30.05 1.50
CA TYR C 432 35.18 28.66 1.40
C TYR C 432 36.22 28.34 2.47
N LEU C 433 36.11 27.15 3.05
CA LEU C 433 37.01 26.72 4.11
C LEU C 433 38.03 25.68 3.64
N GLY C 434 38.18 25.51 2.33
CA GLY C 434 39.12 24.56 1.77
C GLY C 434 40.37 25.24 1.26
N SER C 435 40.96 24.65 0.21
CA SER C 435 42.18 25.20 -0.36
C SER C 435 41.91 26.55 -1.02
N VAL C 436 42.84 27.48 -0.85
CA VAL C 436 42.71 28.81 -1.46
C VAL C 436 42.82 28.70 -2.97
N ASN C 437 43.56 27.70 -3.47
CA ASN C 437 43.81 27.52 -4.89
C ASN C 437 42.87 26.50 -5.52
N TYR C 438 41.61 26.47 -5.11
CA TYR C 438 40.65 25.48 -5.60
C TYR C 438 40.50 25.56 -7.12
N ASN C 439 40.40 26.78 -7.65
CA ASN C 439 40.11 26.96 -9.08
C ASN C 439 41.34 26.76 -9.96
N SER C 440 42.51 26.56 -9.38
CA SER C 440 43.73 26.36 -10.17
C SER C 440 44.24 24.94 -10.15
N GLU C 441 43.66 24.06 -9.32
CA GLU C 441 44.12 22.68 -9.21
C GLU C 441 43.18 21.77 -10.00
N GLY C 442 43.74 21.06 -10.98
CA GLY C 442 42.98 20.08 -11.74
C GLY C 442 43.10 18.69 -11.14
N ILE C 443 42.30 17.78 -11.69
CA ILE C 443 42.26 16.40 -11.23
C ILE C 443 42.12 15.46 -12.42
N ALA C 444 42.33 14.17 -12.17
CA ALA C 444 42.13 13.15 -13.18
C ALA C 444 40.65 12.80 -13.29
N ILE C 445 40.26 12.22 -14.43
CA ILE C 445 38.86 11.97 -14.73
C ILE C 445 38.68 10.47 -15.00
N GLY C 446 37.48 9.97 -14.72
CA GLY C 446 37.19 8.55 -14.85
C GLY C 446 36.73 8.15 -16.24
N PRO C 447 36.41 6.87 -16.42
CA PRO C 447 36.01 6.38 -17.73
C PRO C 447 34.51 6.51 -17.95
N PRO C 448 34.08 6.73 -19.19
CA PRO C 448 32.65 6.82 -19.47
C PRO C 448 31.94 5.47 -19.33
N VAL C 449 30.64 5.53 -19.06
CA VAL C 449 29.80 4.34 -18.93
C VAL C 449 28.46 4.60 -19.59
N PHE C 450 27.66 3.54 -19.69
CA PHE C 450 26.29 3.59 -20.17
C PHE C 450 25.45 2.71 -19.27
N THR C 451 24.51 3.33 -18.55
CA THR C 451 23.76 2.63 -17.51
C THR C 451 22.40 2.12 -17.96
N ASP C 452 22.08 2.23 -19.25
CA ASP C 452 20.79 1.75 -19.74
C ASP C 452 20.72 0.23 -19.63
N LYS C 453 19.51 -0.29 -19.36
CA LYS C 453 19.34 -1.73 -19.16
C LYS C 453 19.72 -2.51 -20.40
N VAL C 454 19.24 -2.09 -21.57
CA VAL C 454 19.59 -2.78 -22.80
C VAL C 454 21.07 -2.61 -23.13
N ASP C 455 21.64 -1.45 -22.84
CA ASP C 455 23.05 -1.21 -23.13
C ASP C 455 23.94 -2.11 -22.29
N ILE C 456 23.47 -2.52 -21.10
CA ILE C 456 24.25 -3.43 -20.26
C ILE C 456 24.46 -4.76 -20.97
N SER C 457 23.39 -5.30 -21.56
CA SER C 457 23.51 -6.57 -22.27
C SER C 457 24.37 -6.45 -23.52
N SER C 458 24.35 -5.28 -24.17
CA SER C 458 25.18 -5.08 -25.35
C SER C 458 26.66 -4.97 -24.98
N GLN C 459 26.95 -4.33 -23.84
CA GLN C 459 28.33 -4.14 -23.43
C GLN C 459 28.98 -5.46 -23.04
N ILE C 460 28.21 -6.36 -22.43
CA ILE C 460 28.73 -7.67 -22.05
C ILE C 460 29.11 -8.48 -23.28
N SER C 461 28.27 -8.45 -24.31
CA SER C 461 28.56 -9.20 -25.52
C SER C 461 29.81 -8.69 -26.23
N SER C 462 29.95 -7.36 -26.30
CA SER C 462 31.10 -6.78 -26.97
C SER C 462 32.40 -7.15 -26.27
N MET C 463 32.40 -7.12 -24.93
CA MET C 463 33.59 -7.49 -24.18
C MET C 463 33.92 -8.97 -24.36
N ASN C 464 32.90 -9.82 -24.35
CA ASN C 464 33.14 -11.26 -24.46
C ASN C 464 33.73 -11.62 -25.83
N GLN C 465 33.22 -11.00 -26.89
CA GLN C 465 33.76 -11.26 -28.22
C GLN C 465 35.21 -10.82 -28.33
N SER C 466 35.54 -9.66 -27.76
CA SER C 466 36.95 -9.22 -27.75
C SER C 466 37.80 -10.12 -26.87
N LEU C 467 37.21 -10.65 -25.79
CA LEU C 467 37.94 -11.57 -24.93
C LEU C 467 38.28 -12.86 -25.67
N GLN C 468 37.35 -13.37 -26.47
CA GLN C 468 37.62 -14.59 -27.23
C GLN C 468 38.64 -14.34 -28.33
N GLN C 469 38.65 -13.15 -28.92
CA GLN C 469 39.62 -12.83 -29.97
C GLN C 469 41.04 -12.85 -29.42
N SER C 470 41.24 -12.27 -28.22
CA SER C 470 42.55 -12.32 -27.59
C SER C 470 42.92 -13.74 -27.18
N LYS C 471 41.93 -14.53 -26.77
CA LYS C 471 42.20 -15.91 -26.36
C LYS C 471 42.71 -16.74 -27.53
N ASP C 472 42.12 -16.58 -28.72
CA ASP C 472 42.60 -17.31 -29.89
C ASP C 472 43.96 -16.81 -30.33
N TYR C 473 44.17 -15.50 -30.33
CA TYR C 473 45.45 -14.95 -30.74
C TYR C 473 46.57 -15.34 -29.78
N ILE C 474 46.26 -15.45 -28.48
CA ILE C 474 47.23 -15.95 -27.52
C ILE C 474 47.57 -17.41 -27.83
N LYS C 475 46.55 -18.22 -28.11
CA LYS C 475 46.74 -19.62 -28.44
C LYS C 475 47.14 -19.78 -29.91
N GLN D 20 -38.30 -11.48 30.37
CA GLN D 20 -37.54 -10.39 30.94
C GLN D 20 -36.61 -10.88 32.05
N VAL D 21 -35.76 -10.00 32.54
CA VAL D 21 -34.77 -10.35 33.56
C VAL D 21 -35.31 -10.02 34.94
N GLN D 22 -35.02 -10.89 35.89
CA GLN D 22 -35.40 -10.66 37.28
C GLN D 22 -34.44 -11.43 38.17
N LEU D 23 -34.22 -10.92 39.38
CA LEU D 23 -33.27 -11.47 40.33
C LEU D 23 -34.00 -11.95 41.57
N LYS D 24 -33.62 -13.13 42.08
CA LYS D 24 -34.19 -13.70 43.29
C LYS D 24 -33.09 -13.95 44.32
N GLN D 25 -33.30 -13.50 45.55
CA GLN D 25 -32.42 -13.86 46.64
C GLN D 25 -33.07 -14.90 47.55
N SER D 26 -32.24 -15.54 48.37
CA SER D 26 -32.70 -16.48 49.39
C SER D 26 -31.65 -16.56 50.48
N GLY D 27 -32.10 -16.73 51.71
CA GLY D 27 -31.21 -16.79 52.84
C GLY D 27 -31.88 -17.18 54.14
N PRO D 28 -31.10 -17.36 55.20
CA PRO D 28 -31.68 -17.79 56.48
C PRO D 28 -32.36 -16.67 57.25
N GLY D 29 -31.87 -15.44 57.08
CA GLY D 29 -32.42 -14.31 57.80
C GLY D 29 -31.77 -14.09 59.15
N LEU D 30 -32.04 -14.99 60.10
CA LEU D 30 -31.47 -14.88 61.43
C LEU D 30 -30.15 -15.64 61.51
N VAL D 31 -29.12 -14.97 62.02
CA VAL D 31 -27.79 -15.57 62.15
C VAL D 31 -27.29 -15.32 63.57
N ALA D 32 -26.89 -16.38 64.25
CA ALA D 32 -26.31 -16.24 65.57
C ALA D 32 -24.91 -15.63 65.45
N PRO D 33 -24.45 -14.91 66.46
CA PRO D 33 -23.14 -14.26 66.37
C PRO D 33 -22.01 -15.28 66.18
N SER D 34 -20.98 -14.85 65.46
CA SER D 34 -19.76 -15.61 65.20
C SER D 34 -19.99 -16.85 64.33
N GLN D 35 -21.16 -16.97 63.70
CA GLN D 35 -21.45 -18.07 62.80
C GLN D 35 -21.34 -17.60 61.35
N SER D 36 -21.72 -18.47 60.42
CA SER D 36 -21.56 -18.24 58.99
C SER D 36 -22.88 -17.85 58.36
N LEU D 37 -22.80 -17.08 57.28
CA LEU D 37 -23.97 -16.62 56.53
C LEU D 37 -23.84 -17.03 55.08
N SER D 38 -24.92 -17.54 54.51
CA SER D 38 -24.96 -17.95 53.10
C SER D 38 -26.17 -17.33 52.43
N ILE D 39 -25.93 -16.63 51.33
CA ILE D 39 -26.99 -15.99 50.54
C ILE D 39 -26.85 -16.41 49.09
N THR D 40 -27.95 -16.86 48.49
CA THR D 40 -27.96 -17.32 47.10
C THR D 40 -28.81 -16.38 46.26
N CYS D 41 -28.25 -15.92 45.15
CA CYS D 41 -28.95 -15.06 44.20
C CYS D 41 -29.09 -15.81 42.89
N THR D 42 -30.33 -16.01 42.44
CA THR D 42 -30.64 -16.75 41.24
C THR D 42 -31.02 -15.81 40.12
N VAL D 43 -30.37 -15.95 38.97
CA VAL D 43 -30.55 -15.05 37.84
C VAL D 43 -31.51 -15.67 36.85
N SER D 44 -32.20 -14.82 36.10
CA SER D 44 -33.10 -15.25 35.04
C SER D 44 -33.14 -14.19 33.96
N GLY D 45 -33.41 -14.63 32.72
CA GLY D 45 -33.46 -13.73 31.59
C GLY D 45 -32.12 -13.50 30.91
N PHE D 46 -31.01 -13.61 31.63
CA PHE D 46 -29.68 -13.45 31.07
C PHE D 46 -28.75 -14.51 31.64
N SER D 47 -27.61 -14.68 30.99
CA SER D 47 -26.65 -15.70 31.35
C SER D 47 -25.49 -15.09 32.13
N LEU D 48 -24.93 -15.86 33.06
CA LEU D 48 -23.78 -15.39 33.83
C LEU D 48 -22.50 -15.33 32.99
N THR D 49 -22.53 -15.89 31.78
CA THR D 49 -21.39 -15.82 30.89
C THR D 49 -21.30 -14.49 30.15
N SER D 50 -22.28 -13.62 30.34
CA SER D 50 -22.24 -12.31 29.69
C SER D 50 -22.52 -11.16 30.66
N TYR D 51 -22.50 -11.40 31.97
CA TYR D 51 -22.73 -10.35 32.96
C TYR D 51 -21.85 -10.61 34.18
N ALA D 52 -21.44 -9.51 34.82
CA ALA D 52 -20.80 -9.60 36.13
C ALA D 52 -21.81 -9.24 37.21
N LEU D 53 -21.64 -9.85 38.39
CA LEU D 53 -22.58 -9.67 39.49
C LEU D 53 -21.88 -9.03 40.67
N SER D 54 -22.52 -8.04 41.27
CA SER D 54 -21.99 -7.32 42.43
C SER D 54 -22.92 -7.48 43.62
N TRP D 55 -22.35 -7.39 44.82
CA TRP D 55 -23.11 -7.49 46.06
C TRP D 55 -23.03 -6.17 46.82
N VAL D 56 -24.18 -5.65 47.23
CA VAL D 56 -24.28 -4.37 47.93
C VAL D 56 -25.16 -4.56 49.16
N ARG D 57 -24.72 -4.00 50.28
CA ARG D 57 -25.47 -4.07 51.52
C ARG D 57 -25.76 -2.66 52.03
N GLN D 58 -26.85 -2.54 52.78
CA GLN D 58 -27.28 -1.25 53.32
C GLN D 58 -27.63 -1.37 54.79
N PRO D 59 -26.88 -0.72 55.68
CA PRO D 59 -27.26 -0.73 57.09
C PRO D 59 -28.58 -0.02 57.29
N PRO D 60 -29.29 -0.31 58.39
CA PRO D 60 -30.62 0.28 58.59
C PRO D 60 -30.64 1.80 58.57
N GLY D 61 -29.60 2.45 59.08
CA GLY D 61 -29.59 3.90 59.13
C GLY D 61 -28.42 4.54 58.39
N LYS D 62 -27.84 3.80 57.46
CA LYS D 62 -26.69 4.29 56.71
C LYS D 62 -26.97 4.18 55.22
N GLY D 63 -26.00 4.63 54.42
CA GLY D 63 -26.10 4.53 52.99
C GLY D 63 -25.62 3.18 52.47
N LEU D 64 -25.61 3.06 51.15
CA LEU D 64 -25.20 1.83 50.51
C LEU D 64 -23.70 1.58 50.70
N GLU D 65 -23.32 0.32 50.71
CA GLU D 65 -21.92 -0.09 50.86
C GLU D 65 -21.62 -1.19 49.85
N TRP D 66 -20.41 -1.14 49.28
CA TRP D 66 -20.01 -2.09 48.26
C TRP D 66 -19.21 -3.22 48.88
N LEU D 67 -19.57 -4.46 48.55
CA LEU D 67 -18.96 -5.65 49.14
C LEU D 67 -17.98 -6.35 48.20
N GLY D 68 -18.37 -6.57 46.96
CA GLY D 68 -17.49 -7.25 46.02
C GLY D 68 -18.17 -7.52 44.70
N VAL D 69 -17.41 -8.10 43.79
CA VAL D 69 -17.87 -8.40 42.45
C VAL D 69 -17.13 -9.64 41.93
N ILE D 70 -17.84 -10.46 41.17
CA ILE D 70 -17.26 -11.64 40.52
C ILE D 70 -17.42 -11.45 39.02
N TRP D 71 -16.31 -11.59 38.29
CA TRP D 71 -16.32 -11.33 36.86
C TRP D 71 -16.72 -12.57 36.08
N VAL D 72 -16.73 -12.43 34.75
CA VAL D 72 -17.15 -13.52 33.88
C VAL D 72 -16.20 -14.71 34.00
N GLY D 73 -14.90 -14.44 34.04
CA GLY D 73 -13.91 -15.49 34.11
C GLY D 73 -13.71 -16.12 35.46
N GLY D 74 -14.38 -15.64 36.49
CA GLY D 74 -14.25 -16.19 37.82
C GLY D 74 -13.36 -15.40 38.76
N VAL D 75 -12.76 -14.31 38.30
CA VAL D 75 -11.94 -13.49 39.18
C VAL D 75 -12.83 -12.63 40.07
N THR D 76 -12.46 -12.51 41.33
CA THR D 76 -13.26 -11.78 42.31
C THR D 76 -12.42 -10.68 42.95
N ASN D 77 -13.11 -9.57 43.27
CA ASN D 77 -12.54 -8.48 44.03
C ASN D 77 -13.43 -8.21 45.24
N TYR D 78 -12.80 -7.81 46.34
CA TYR D 78 -13.51 -7.63 47.60
C TYR D 78 -13.20 -6.27 48.19
N ASN D 79 -14.10 -5.81 49.06
CA ASN D 79 -13.86 -4.59 49.81
C ASN D 79 -12.73 -4.82 50.82
N SER D 80 -11.77 -3.89 50.85
CA SER D 80 -10.57 -4.10 51.67
C SER D 80 -10.89 -4.05 53.16
N ALA D 81 -11.93 -3.33 53.56
CA ALA D 81 -12.23 -3.15 54.97
C ALA D 81 -12.95 -4.34 55.60
N LEU D 82 -13.36 -5.32 54.81
CA LEU D 82 -14.14 -6.45 55.31
C LEU D 82 -13.27 -7.52 55.97
N LYS D 83 -11.97 -7.26 56.17
CA LYS D 83 -11.09 -8.12 56.96
C LYS D 83 -11.00 -9.54 56.36
N SER D 84 -11.11 -9.65 55.04
CA SER D 84 -10.98 -10.91 54.32
C SER D 84 -11.97 -11.97 54.80
N ARG D 85 -13.15 -11.54 55.26
CA ARG D 85 -14.16 -12.48 55.72
C ARG D 85 -15.14 -12.87 54.63
N LEU D 86 -14.91 -12.44 53.38
CA LEU D 86 -15.86 -12.61 52.29
C LEU D 86 -15.31 -13.58 51.26
N THR D 87 -16.20 -14.34 50.64
CA THR D 87 -15.88 -15.16 49.49
C THR D 87 -17.12 -15.32 48.63
N ILE D 88 -16.94 -15.24 47.31
CA ILE D 88 -18.04 -15.26 46.36
C ILE D 88 -17.75 -16.30 45.29
N SER D 89 -18.74 -17.13 44.99
CA SER D 89 -18.63 -18.16 43.96
C SER D 89 -19.92 -18.20 43.16
N LYS D 90 -19.84 -18.76 41.96
CA LYS D 90 -20.97 -18.83 41.05
C LYS D 90 -21.02 -20.20 40.38
N ASP D 91 -22.19 -20.51 39.82
CA ASP D 91 -22.42 -21.76 39.10
C ASP D 91 -23.13 -21.42 37.80
N ASN D 92 -22.39 -21.46 36.69
CA ASN D 92 -22.98 -21.13 35.39
C ASN D 92 -24.08 -22.11 35.00
N SER D 93 -23.88 -23.41 35.26
CA SER D 93 -24.85 -24.41 34.86
C SER D 93 -26.20 -24.21 35.54
N LYS D 94 -26.22 -23.92 36.84
CA LYS D 94 -27.45 -23.67 37.56
C LYS D 94 -27.88 -22.21 37.53
N SER D 95 -27.06 -21.33 36.96
CA SER D 95 -27.32 -19.89 36.91
C SER D 95 -27.54 -19.31 38.30
N GLN D 96 -26.64 -19.67 39.22
CA GLN D 96 -26.71 -19.23 40.60
C GLN D 96 -25.37 -18.65 41.03
N VAL D 97 -25.44 -17.65 41.90
CA VAL D 97 -24.26 -17.04 42.51
C VAL D 97 -24.46 -17.06 44.02
N PHE D 98 -23.41 -17.47 44.74
CA PHE D 98 -23.50 -17.68 46.19
C PHE D 98 -22.60 -16.69 46.91
N LEU D 99 -23.13 -16.09 47.97
CA LEU D 99 -22.36 -15.20 48.84
C LEU D 99 -22.15 -15.88 50.18
N LYS D 100 -20.89 -16.04 50.57
CA LYS D 100 -20.52 -16.74 51.79
C LYS D 100 -19.74 -15.81 52.70
N MET D 101 -20.18 -15.70 53.95
CA MET D 101 -19.57 -14.80 54.91
C MET D 101 -19.43 -15.52 56.25
N ASN D 102 -18.31 -15.29 56.94
CA ASN D 102 -18.03 -15.92 58.21
C ASN D 102 -17.71 -14.88 59.27
N SER D 103 -17.72 -15.33 60.53
CA SER D 103 -17.45 -14.48 61.69
C SER D 103 -18.40 -13.28 61.72
N LEU D 104 -19.68 -13.55 61.50
CA LEU D 104 -20.69 -12.49 61.52
C LEU D 104 -20.81 -11.90 62.91
N GLN D 105 -21.03 -10.59 62.98
CA GLN D 105 -21.16 -9.90 64.25
C GLN D 105 -22.33 -8.92 64.18
N SER D 106 -22.47 -8.12 65.24
CA SER D 106 -23.62 -7.22 65.35
C SER D 106 -23.57 -6.13 64.29
N GLU D 107 -22.37 -5.71 63.88
CA GLU D 107 -22.24 -4.63 62.92
C GLU D 107 -22.69 -5.03 61.53
N ASP D 108 -22.89 -6.33 61.29
CA ASP D 108 -23.16 -6.83 59.95
C ASP D 108 -24.65 -6.89 59.62
N THR D 109 -25.52 -6.43 60.50
CA THR D 109 -26.96 -6.41 60.21
C THR D 109 -27.26 -5.38 59.14
N ALA D 110 -27.74 -5.83 57.98
CA ALA D 110 -27.99 -4.94 56.86
C ALA D 110 -28.86 -5.66 55.84
N ARG D 111 -29.34 -4.89 54.86
CA ARG D 111 -30.13 -5.43 53.76
C ARG D 111 -29.21 -5.66 52.57
N TYR D 112 -29.15 -6.89 52.09
CA TYR D 112 -28.19 -7.30 51.08
C TYR D 112 -28.86 -7.43 49.71
N TYR D 113 -28.24 -6.84 48.69
CA TYR D 113 -28.74 -6.89 47.32
C TYR D 113 -27.73 -7.57 46.42
N CYS D 114 -28.22 -8.25 45.39
CA CYS D 114 -27.38 -8.74 44.30
C CYS D 114 -27.75 -8.01 43.02
N ALA D 115 -26.74 -7.41 42.40
CA ALA D 115 -26.96 -6.56 41.23
C ALA D 115 -26.06 -7.01 40.09
N SER D 116 -26.56 -6.89 38.87
CA SER D 116 -25.82 -7.28 37.68
C SER D 116 -25.12 -6.08 37.08
N ARG D 117 -23.83 -6.22 36.80
CA ARG D 117 -23.02 -5.15 36.25
C ARG D 117 -22.79 -5.41 34.76
N HIS D 118 -23.07 -4.42 33.93
CA HIS D 118 -22.91 -4.56 32.50
C HIS D 118 -21.43 -4.53 32.12
N LEU D 119 -21.05 -5.36 31.16
CA LEU D 119 -19.65 -5.43 30.73
C LEU D 119 -19.18 -4.10 30.14
N SER D 120 -20.04 -3.43 29.39
CA SER D 120 -19.75 -2.10 28.89
C SER D 120 -20.64 -1.10 29.63
N THR D 121 -20.09 0.10 29.84
CA THR D 121 -20.70 1.21 30.57
C THR D 121 -20.71 0.96 32.08
N GLY D 122 -20.33 -0.24 32.50
CA GLY D 122 -20.05 -0.55 33.89
C GLY D 122 -21.16 -0.23 34.88
N ALA D 123 -22.42 -0.26 34.46
CA ALA D 123 -23.50 0.17 35.34
C ALA D 123 -24.27 -1.03 35.88
N MET D 124 -24.70 -0.91 37.14
CA MET D 124 -25.56 -1.91 37.77
C MET D 124 -27.01 -1.56 37.42
N ASP D 125 -27.48 -2.13 36.32
CA ASP D 125 -28.78 -1.77 35.76
C ASP D 125 -29.93 -2.61 36.31
N TYR D 126 -29.66 -3.76 36.91
CA TYR D 126 -30.70 -4.62 37.47
C TYR D 126 -30.36 -4.97 38.90
N TRP D 127 -31.39 -4.99 39.75
CA TRP D 127 -31.23 -5.22 41.17
C TRP D 127 -32.23 -6.26 41.66
N GLY D 128 -31.86 -6.97 42.71
CA GLY D 128 -32.74 -7.92 43.35
C GLY D 128 -33.59 -7.27 44.42
N GLN D 129 -34.52 -8.06 44.96
CA GLN D 129 -35.43 -7.55 45.98
C GLN D 129 -34.79 -7.38 47.35
N GLY D 130 -33.67 -8.05 47.61
CA GLY D 130 -32.98 -7.89 48.88
C GLY D 130 -33.38 -8.89 49.93
N THR D 131 -32.46 -9.20 50.85
CA THR D 131 -32.71 -10.12 51.94
C THR D 131 -32.26 -9.46 53.25
N SER D 132 -33.15 -9.45 54.23
CA SER D 132 -32.84 -8.87 55.53
C SER D 132 -32.10 -9.89 56.39
N VAL D 133 -30.97 -9.47 56.95
CA VAL D 133 -30.14 -10.31 57.79
C VAL D 133 -29.97 -9.64 59.14
N THR D 134 -30.27 -10.37 60.22
CA THR D 134 -30.17 -9.86 61.57
C THR D 134 -29.26 -10.78 62.38
N VAL D 135 -28.27 -10.20 63.04
CA VAL D 135 -27.33 -10.95 63.87
C VAL D 135 -27.63 -10.61 65.32
N SER D 136 -28.18 -11.58 66.05
CA SER D 136 -28.52 -11.38 67.46
C SER D 136 -28.68 -12.75 68.11
N ALA D 137 -28.67 -12.74 69.44
CA ALA D 137 -28.81 -13.97 70.21
C ALA D 137 -30.28 -14.37 70.31
N ASP E 20 -7.59 4.94 49.02
CA ASP E 20 -8.72 4.69 48.12
C ASP E 20 -9.36 6.01 47.70
N VAL E 21 -10.26 5.94 46.72
CA VAL E 21 -10.95 7.14 46.24
C VAL E 21 -12.11 7.45 47.16
N LEU E 22 -12.02 8.58 47.87
CA LEU E 22 -13.09 9.03 48.75
C LEU E 22 -14.02 9.95 47.99
N MET E 23 -15.32 9.67 48.06
CA MET E 23 -16.33 10.43 47.34
C MET E 23 -17.08 11.32 48.33
N THR E 24 -17.12 12.61 48.01
CA THR E 24 -17.78 13.60 48.85
C THR E 24 -18.96 14.20 48.11
N GLN E 25 -20.13 14.13 48.73
CA GLN E 25 -21.36 14.64 48.13
C GLN E 25 -21.96 15.71 49.02
N SER E 26 -22.33 16.83 48.42
CA SER E 26 -22.93 17.94 49.14
C SER E 26 -23.97 18.59 48.23
N PRO E 27 -25.05 19.15 48.80
CA PRO E 27 -25.38 19.17 50.23
C PRO E 27 -25.95 17.86 50.74
N LEU E 28 -25.90 17.65 52.06
CA LEU E 28 -26.49 16.44 52.63
C LEU E 28 -28.01 16.42 52.45
N SER E 29 -28.66 17.57 52.65
CA SER E 29 -30.09 17.70 52.43
C SER E 29 -30.35 18.89 51.53
N LEU E 30 -31.34 18.75 50.66
CA LEU E 30 -31.65 19.76 49.65
C LEU E 30 -33.14 20.09 49.70
N PRO E 31 -33.55 20.97 50.62
CA PRO E 31 -34.97 21.35 50.71
C PRO E 31 -35.36 22.22 49.51
N VAL E 32 -36.21 21.68 48.64
CA VAL E 32 -36.57 22.34 47.39
C VAL E 32 -38.08 22.23 47.20
N SER E 33 -38.69 23.34 46.78
CA SER E 33 -40.11 23.37 46.45
C SER E 33 -40.34 22.83 45.05
N LEU E 34 -41.59 22.50 44.76
CA LEU E 34 -41.94 21.94 43.47
C LEU E 34 -41.69 22.94 42.35
N GLY E 35 -41.15 22.46 41.23
CA GLY E 35 -40.91 23.29 40.07
C GLY E 35 -39.59 24.03 40.06
N ASP E 36 -38.80 23.94 41.13
CA ASP E 36 -37.53 24.66 41.17
C ASP E 36 -36.42 23.82 40.53
N GLN E 37 -35.24 24.41 40.46
CA GLN E 37 -34.08 23.70 39.93
C GLN E 37 -33.25 23.12 41.06
N ALA E 38 -32.79 21.89 40.89
CA ALA E 38 -31.98 21.19 41.88
C ALA E 38 -30.63 20.84 41.28
N SER E 39 -29.57 21.01 42.09
CA SER E 39 -28.21 20.74 41.65
C SER E 39 -27.48 20.01 42.78
N ILE E 40 -27.06 18.79 42.50
CA ILE E 40 -26.33 17.96 43.46
C ILE E 40 -24.92 17.77 42.94
N SER E 41 -23.93 17.99 43.80
CA SER E 41 -22.53 17.93 43.41
C SER E 41 -21.82 16.83 44.19
N CYS E 42 -21.01 16.04 43.49
CA CYS E 42 -20.23 14.97 44.10
C CYS E 42 -18.79 15.14 43.66
N ARG E 43 -17.86 15.00 44.61
CA ARG E 43 -16.46 15.30 44.37
C ARG E 43 -15.59 14.14 44.84
N SER E 44 -14.58 13.81 44.04
CA SER E 44 -13.67 12.71 44.33
C SER E 44 -12.33 13.24 44.82
N SER E 45 -11.69 12.49 45.71
CA SER E 45 -10.40 12.89 46.26
C SER E 45 -9.28 12.83 45.23
N GLN E 46 -9.47 12.08 44.15
CA GLN E 46 -8.47 12.00 43.09
C GLN E 46 -9.16 11.64 41.78
N SER E 47 -8.43 11.79 40.68
CA SER E 47 -8.99 11.55 39.36
C SER E 47 -9.42 10.10 39.22
N ILE E 48 -10.59 9.90 38.61
CA ILE E 48 -11.18 8.57 38.45
C ILE E 48 -11.22 8.16 36.99
N VAL E 49 -10.31 8.67 36.17
CA VAL E 49 -10.24 8.26 34.78
C VAL E 49 -9.55 6.90 34.71
N HIS E 50 -10.22 5.93 34.09
CA HIS E 50 -9.68 4.58 34.01
C HIS E 50 -8.50 4.53 33.03
N SER E 51 -7.73 3.45 33.12
CA SER E 51 -6.55 3.29 32.28
C SER E 51 -6.90 3.18 30.80
N ASN E 52 -8.13 2.79 30.47
CA ASN E 52 -8.55 2.69 29.09
C ASN E 52 -9.18 3.97 28.55
N GLY E 53 -9.23 5.03 29.35
CA GLY E 53 -9.75 6.31 28.91
C GLY E 53 -11.17 6.61 29.33
N ASP E 54 -11.92 5.62 29.80
CA ASP E 54 -13.31 5.84 30.18
C ASP E 54 -13.41 6.27 31.64
N THR E 55 -14.53 6.91 31.98
CA THR E 55 -14.83 7.34 33.34
C THR E 55 -16.14 6.69 33.76
N TYR E 56 -16.06 5.73 34.67
CA TYR E 56 -17.22 4.98 35.12
C TYR E 56 -17.82 5.69 36.34
N PHE E 57 -18.86 6.47 36.09
CA PHE E 57 -19.53 7.25 37.11
C PHE E 57 -21.03 7.14 36.92
N GLU E 58 -21.77 6.87 37.98
CA GLU E 58 -23.20 6.62 37.88
C GLU E 58 -23.96 7.38 38.97
N TRP E 59 -25.23 7.63 38.70
CA TRP E 59 -26.16 8.21 39.66
C TRP E 59 -27.31 7.23 39.88
N TYR E 60 -27.64 7.00 41.15
CA TYR E 60 -28.70 6.07 41.53
C TYR E 60 -29.74 6.80 42.38
N LEU E 61 -31.01 6.44 42.18
CA LEU E 61 -32.12 6.96 42.96
C LEU E 61 -32.78 5.82 43.72
N GLN E 62 -32.99 6.00 45.02
CA GLN E 62 -33.60 5.00 45.88
C GLN E 62 -34.84 5.57 46.53
N LYS E 63 -36.01 5.12 46.09
CA LYS E 63 -37.26 5.46 46.77
C LYS E 63 -37.38 4.65 48.06
N PRO E 64 -38.07 5.19 49.06
CA PRO E 64 -38.22 4.44 50.32
C PRO E 64 -38.92 3.11 50.09
N GLY E 65 -38.41 2.07 50.75
CA GLY E 65 -38.97 0.75 50.61
C GLY E 65 -38.80 0.12 49.24
N GLN E 66 -37.81 0.56 48.48
CA GLN E 66 -37.57 0.06 47.14
C GLN E 66 -36.06 -0.04 46.89
N SER E 67 -35.70 -0.88 45.93
CA SER E 67 -34.30 -1.03 45.55
C SER E 67 -33.85 0.16 44.72
N PRO E 68 -32.56 0.50 44.78
CA PRO E 68 -32.04 1.60 43.96
C PRO E 68 -32.18 1.29 42.48
N LYS E 69 -32.34 2.35 41.69
CA LYS E 69 -32.49 2.24 40.25
C LYS E 69 -31.51 3.19 39.55
N LEU E 70 -31.20 2.87 38.30
CA LEU E 70 -30.18 3.60 37.56
C LEU E 70 -30.80 4.76 36.80
N LEU E 71 -30.20 5.95 36.94
CA LEU E 71 -30.63 7.14 36.22
C LEU E 71 -29.65 7.54 35.12
N ILE E 72 -28.39 7.76 35.48
CA ILE E 72 -27.37 8.26 34.58
C ILE E 72 -26.17 7.33 34.67
N TYR E 73 -25.99 6.48 33.66
CA TYR E 73 -25.03 5.38 33.76
C TYR E 73 -23.60 5.76 33.38
N LYS E 74 -23.37 6.96 32.86
CA LYS E 74 -22.02 7.49 32.75
C LYS E 74 -22.06 8.97 33.11
N VAL E 75 -20.99 9.68 32.80
CA VAL E 75 -20.88 11.09 33.20
C VAL E 75 -22.04 11.89 32.63
N SER E 76 -22.41 11.62 31.38
CA SER E 76 -23.46 12.39 30.70
C SER E 76 -24.41 11.50 29.90
N ASN E 77 -24.41 10.20 30.16
CA ASN E 77 -25.25 9.25 29.43
C ASN E 77 -26.45 8.88 30.27
N ARG E 78 -27.65 9.00 29.71
CA ARG E 78 -28.89 8.80 30.43
C ARG E 78 -29.44 7.41 30.13
N PHE E 79 -29.85 6.70 31.19
CA PHE E 79 -30.34 5.35 31.05
C PHE E 79 -31.71 5.34 30.38
N SER E 80 -32.07 4.17 29.83
CA SER E 80 -33.34 4.02 29.13
C SER E 80 -34.51 4.19 30.09
N GLY E 81 -35.54 4.89 29.64
CA GLY E 81 -36.73 5.12 30.43
C GLY E 81 -36.62 6.25 31.44
N VAL E 82 -35.51 6.98 31.45
CA VAL E 82 -35.31 8.09 32.38
C VAL E 82 -35.87 9.37 31.77
N PRO E 83 -36.62 10.17 32.52
CA PRO E 83 -37.16 11.40 31.95
C PRO E 83 -36.06 12.41 31.65
N ASN E 84 -36.36 13.30 30.71
CA ASN E 84 -35.38 14.29 30.23
C ASN E 84 -35.05 15.33 31.28
N ARG E 85 -35.81 15.35 32.38
CA ARG E 85 -35.55 16.31 33.44
C ARG E 85 -34.17 16.13 34.06
N PHE E 86 -33.61 14.91 33.97
CA PHE E 86 -32.32 14.61 34.56
C PHE E 86 -31.21 14.79 33.53
N SER E 87 -30.17 15.53 33.91
CA SER E 87 -29.02 15.78 33.05
C SER E 87 -27.75 15.71 33.89
N GLY E 88 -26.78 14.94 33.42
CA GLY E 88 -25.52 14.78 34.11
C GLY E 88 -24.39 15.48 33.39
N SER E 89 -23.44 16.00 34.17
CA SER E 89 -22.30 16.71 33.63
C SER E 89 -21.17 16.70 34.64
N GLY E 90 -19.97 16.99 34.15
CA GLY E 90 -18.80 17.05 35.02
C GLY E 90 -17.53 16.54 34.36
N SER E 91 -16.39 16.85 34.96
CA SER E 91 -15.09 16.40 34.47
C SER E 91 -14.08 16.50 35.59
N GLY E 92 -12.94 15.85 35.40
CA GLY E 92 -11.89 15.86 36.39
C GLY E 92 -12.29 15.21 37.70
N THR E 93 -12.47 16.02 38.74
CA THR E 93 -12.87 15.53 40.05
C THR E 93 -14.21 16.10 40.52
N ASP E 94 -14.90 16.88 39.69
CA ASP E 94 -16.18 17.47 40.05
C ASP E 94 -17.25 16.98 39.09
N PHE E 95 -18.34 16.45 39.64
CA PHE E 95 -19.48 15.99 38.85
C PHE E 95 -20.76 16.54 39.47
N THR E 96 -21.68 16.95 38.61
CA THR E 96 -22.93 17.57 39.07
C THR E 96 -24.11 16.91 38.40
N LEU E 97 -25.22 16.83 39.12
CA LEU E 97 -26.49 16.35 38.61
C LEU E 97 -27.51 17.46 38.72
N LYS E 98 -28.19 17.78 37.62
CA LYS E 98 -29.13 18.88 37.58
C LYS E 98 -30.54 18.38 37.30
N ILE E 99 -31.49 18.84 38.11
CA ILE E 99 -32.90 18.55 37.93
C ILE E 99 -33.60 19.85 37.55
N SER E 100 -34.18 19.89 36.35
CA SER E 100 -34.77 21.13 35.86
C SER E 100 -36.07 21.46 36.56
N ARG E 101 -36.96 20.48 36.76
CA ARG E 101 -38.28 20.72 37.33
C ARG E 101 -38.54 19.65 38.38
N VAL E 102 -38.37 20.03 39.66
CA VAL E 102 -38.56 19.08 40.75
C VAL E 102 -40.03 18.68 40.84
N GLU E 103 -40.28 17.38 40.93
CA GLU E 103 -41.62 16.83 41.02
C GLU E 103 -41.74 16.00 42.28
N ALA E 104 -42.95 15.47 42.50
CA ALA E 104 -43.20 14.65 43.69
C ALA E 104 -42.51 13.30 43.60
N GLU E 105 -42.45 12.71 42.41
CA GLU E 105 -41.85 11.39 42.26
C GLU E 105 -40.33 11.42 42.41
N ASP E 106 -39.71 12.60 42.34
CA ASP E 106 -38.27 12.72 42.44
C ASP E 106 -37.77 12.66 43.87
N LEU E 107 -38.66 12.66 44.87
CA LEU E 107 -38.24 12.60 46.26
C LEU E 107 -37.55 11.27 46.54
N GLY E 108 -36.45 11.33 47.28
CA GLY E 108 -35.69 10.13 47.60
C GLY E 108 -34.26 10.50 47.98
N VAL E 109 -33.37 9.53 47.82
CA VAL E 109 -31.96 9.69 48.13
C VAL E 109 -31.15 9.43 46.87
N TYR E 110 -30.21 10.32 46.58
CA TYR E 110 -29.36 10.22 45.39
C TYR E 110 -27.94 9.88 45.80
N TYR E 111 -27.37 8.87 45.14
CA TYR E 111 -26.02 8.40 45.42
C TYR E 111 -25.14 8.56 44.19
N CYS E 112 -23.93 9.06 44.39
CA CYS E 112 -22.92 9.04 43.34
C CYS E 112 -21.99 7.85 43.54
N PHE E 113 -21.84 7.05 42.49
CA PHE E 113 -21.07 5.81 42.56
C PHE E 113 -19.93 5.86 41.55
N GLN E 114 -18.73 5.52 42.00
CA GLN E 114 -17.56 5.46 41.13
C GLN E 114 -17.16 3.99 40.94
N GLY E 115 -16.81 3.65 39.70
CA GLY E 115 -16.47 2.28 39.37
C GLY E 115 -15.20 2.15 38.57
N SER E 116 -14.21 3.01 38.85
CA SER E 116 -12.97 2.99 38.09
C SER E 116 -11.86 2.23 38.80
N TYR E 117 -11.68 2.44 40.10
CA TYR E 117 -10.57 1.86 40.84
C TYR E 117 -11.09 1.06 42.02
N VAL E 118 -10.60 -0.16 42.16
CA VAL E 118 -10.99 -1.04 43.27
C VAL E 118 -10.35 -0.52 44.55
N PRO E 119 -11.08 -0.45 45.68
CA PRO E 119 -12.52 -0.79 45.80
C PRO E 119 -13.45 0.32 45.35
N TYR E 120 -14.58 -0.06 44.77
CA TYR E 120 -15.59 0.91 44.38
C TYR E 120 -16.31 1.45 45.61
N THR E 121 -16.65 2.74 45.56
CA THR E 121 -17.24 3.42 46.71
C THR E 121 -18.49 4.15 46.30
N PHE E 122 -19.43 4.28 47.24
CA PHE E 122 -20.65 5.04 47.04
C PHE E 122 -20.51 6.44 47.63
N GLY E 123 -21.40 7.33 47.21
CA GLY E 123 -21.46 8.66 47.79
C GLY E 123 -22.19 8.67 49.12
N GLY E 124 -22.13 9.82 49.78
CA GLY E 124 -22.78 9.97 51.07
C GLY E 124 -24.29 9.99 51.01
N GLY E 125 -24.87 10.35 49.87
CA GLY E 125 -26.32 10.38 49.73
C GLY E 125 -26.92 11.73 50.02
N THR E 126 -27.74 12.23 49.10
CA THR E 126 -28.42 13.51 49.25
C THR E 126 -29.92 13.26 49.39
N LYS E 127 -30.50 13.75 50.47
CA LYS E 127 -31.92 13.56 50.74
C LYS E 127 -32.71 14.73 50.19
N LEU E 128 -33.52 14.49 49.16
CA LEU E 128 -34.39 15.53 48.64
C LEU E 128 -35.57 15.75 49.58
N GLU E 129 -35.91 17.01 49.81
CA GLU E 129 -36.95 17.38 50.74
C GLU E 129 -37.81 18.48 50.15
N ILE E 130 -39.12 18.38 50.36
CA ILE E 130 -40.06 19.41 49.94
C ILE E 130 -39.98 20.57 50.94
N LYS E 131 -39.75 21.77 50.42
CA LYS E 131 -39.63 22.95 51.27
C LYS E 131 -41.00 23.39 51.80
#